data_1WFQ
#
_entry.id   1WFQ
#
_entity_poly.entity_id   1
_entity_poly.type   'polypeptide(L)'
_entity_poly.pdbx_seq_one_letter_code
;GSSGSSGGYPNGTSAALRETGVIEKLLTSYGFIQCSERQARLFFHCSQYNGNLQDLKVGDDVEFEVSSDRRTGKPIAVKL
VKISGPSSG
;
_entity_poly.pdbx_strand_id   A
#
# COMPACT_ATOMS: atom_id res chain seq x y z
N GLY A 1 -7.14 -32.09 11.83
CA GLY A 1 -8.01 -31.14 11.16
C GLY A 1 -7.92 -31.24 9.66
N SER A 2 -7.27 -30.25 9.04
CA SER A 2 -7.11 -30.23 7.59
C SER A 2 -5.94 -29.35 7.18
N SER A 3 -5.64 -29.33 5.88
CA SER A 3 -4.54 -28.53 5.36
C SER A 3 -5.05 -27.44 4.43
N GLY A 4 -4.16 -26.54 4.04
CA GLY A 4 -4.55 -25.44 3.17
C GLY A 4 -3.77 -24.17 3.45
N SER A 5 -3.72 -23.29 2.46
CA SER A 5 -3.00 -22.03 2.61
C SER A 5 -3.94 -20.83 2.44
N SER A 6 -4.64 -20.49 3.52
CA SER A 6 -5.58 -19.38 3.49
C SER A 6 -6.44 -19.42 2.23
N GLY A 7 -6.93 -20.62 1.91
CA GLY A 7 -7.76 -20.78 0.72
C GLY A 7 -7.23 -20.04 -0.47
N GLY A 8 -7.97 -19.03 -0.93
CA GLY A 8 -7.55 -18.26 -2.08
C GLY A 8 -8.09 -16.84 -2.06
N TYR A 9 -7.41 -15.96 -1.34
CA TYR A 9 -7.84 -14.56 -1.23
C TYR A 9 -8.38 -14.07 -2.56
N PRO A 10 -9.23 -13.02 -2.50
CA PRO A 10 -9.61 -12.39 -1.24
C PRO A 10 -10.50 -13.29 -0.38
N ASN A 11 -10.41 -13.13 0.93
CA ASN A 11 -11.21 -13.93 1.85
C ASN A 11 -12.33 -13.09 2.47
N GLY A 12 -13.34 -13.76 3.01
CA GLY A 12 -14.45 -13.06 3.62
C GLY A 12 -15.22 -12.20 2.64
N THR A 13 -16.46 -11.87 2.97
CA THR A 13 -17.30 -11.05 2.11
C THR A 13 -16.53 -9.84 1.59
N SER A 14 -16.01 -9.04 2.51
CA SER A 14 -15.26 -7.85 2.15
C SER A 14 -13.88 -8.22 1.60
N ALA A 15 -13.67 -7.95 0.31
CA ALA A 15 -12.40 -8.26 -0.34
C ALA A 15 -11.36 -7.18 -0.03
N ALA A 16 -10.15 -7.38 -0.54
CA ALA A 16 -9.07 -6.43 -0.34
C ALA A 16 -8.78 -5.63 -1.60
N LEU A 17 -8.90 -4.31 -1.51
CA LEU A 17 -8.66 -3.43 -2.66
C LEU A 17 -7.30 -2.74 -2.52
N ARG A 18 -6.46 -2.92 -3.53
CA ARG A 18 -5.13 -2.30 -3.53
C ARG A 18 -5.15 -0.95 -4.24
N GLU A 19 -4.55 0.06 -3.61
CA GLU A 19 -4.51 1.40 -4.18
C GLU A 19 -3.12 1.72 -4.71
N THR A 20 -3.06 2.62 -5.69
CA THR A 20 -1.79 3.01 -6.29
C THR A 20 -1.65 4.52 -6.33
N GLY A 21 -0.44 5.00 -6.02
CA GLY A 21 -0.19 6.43 -6.02
C GLY A 21 1.24 6.77 -6.39
N VAL A 22 1.92 7.52 -5.53
CA VAL A 22 3.30 7.91 -5.77
C VAL A 22 4.00 8.28 -4.46
N ILE A 23 5.32 8.07 -4.44
CA ILE A 23 6.11 8.38 -3.25
C ILE A 23 6.38 9.88 -3.15
N GLU A 24 5.53 10.58 -2.41
CA GLU A 24 5.69 12.03 -2.24
C GLU A 24 6.90 12.33 -1.38
N LYS A 25 7.01 11.64 -0.25
CA LYS A 25 8.13 11.84 0.66
C LYS A 25 8.68 10.50 1.14
N LEU A 26 9.97 10.49 1.49
CA LEU A 26 10.63 9.27 1.96
C LEU A 26 11.68 9.60 3.00
N LEU A 27 11.74 8.78 4.05
CA LEU A 27 12.71 8.99 5.13
C LEU A 27 13.43 7.69 5.46
N THR A 28 14.31 7.73 6.46
CA THR A 28 15.07 6.56 6.88
C THR A 28 14.20 5.61 7.69
N SER A 29 13.17 6.15 8.33
CA SER A 29 12.26 5.35 9.14
C SER A 29 11.04 4.92 8.33
N TYR A 30 10.52 5.83 7.51
CA TYR A 30 9.35 5.56 6.70
C TYR A 30 9.18 6.61 5.61
N GLY A 31 8.08 6.51 4.86
CA GLY A 31 7.82 7.48 3.81
C GLY A 31 6.34 7.67 3.57
N PHE A 32 5.99 8.73 2.82
CA PHE A 32 4.61 9.03 2.52
C PHE A 32 4.31 8.81 1.04
N ILE A 33 3.11 8.33 0.75
CA ILE A 33 2.70 8.07 -0.63
C ILE A 33 1.47 8.88 -1.00
N GLN A 34 1.62 9.77 -1.97
CA GLN A 34 0.51 10.62 -2.41
C GLN A 34 -0.44 9.83 -3.30
N CYS A 35 -1.58 9.44 -2.74
CA CYS A 35 -2.58 8.67 -3.47
C CYS A 35 -3.08 9.46 -4.68
N SER A 36 -2.85 8.93 -5.88
CA SER A 36 -3.27 9.59 -7.10
C SER A 36 -4.72 9.22 -7.44
N GLU A 37 -5.40 8.58 -6.50
CA GLU A 37 -6.78 8.18 -6.71
C GLU A 37 -7.72 8.96 -5.80
N ARG A 38 -7.30 9.15 -4.55
CA ARG A 38 -8.11 9.89 -3.58
C ARG A 38 -7.57 11.30 -3.38
N GLN A 39 -6.41 11.56 -3.98
CA GLN A 39 -5.77 12.87 -3.86
C GLN A 39 -5.40 13.17 -2.41
N ALA A 40 -4.93 12.15 -1.70
CA ALA A 40 -4.55 12.30 -0.31
C ALA A 40 -3.15 11.73 -0.06
N ARG A 41 -2.39 12.37 0.82
CA ARG A 41 -1.05 11.92 1.15
C ARG A 41 -1.07 10.86 2.25
N LEU A 42 -0.76 9.63 1.88
CA LEU A 42 -0.75 8.52 2.84
C LEU A 42 0.61 8.40 3.52
N PHE A 43 0.67 7.62 4.59
CA PHE A 43 1.91 7.41 5.33
C PHE A 43 2.26 5.93 5.40
N PHE A 44 3.21 5.51 4.59
CA PHE A 44 3.64 4.11 4.57
C PHE A 44 4.91 3.91 5.41
N HIS A 45 4.94 2.81 6.15
CA HIS A 45 6.10 2.50 7.00
C HIS A 45 7.10 1.62 6.25
N CYS A 46 8.38 1.88 6.47
CA CYS A 46 9.43 1.12 5.82
C CYS A 46 9.19 -0.39 5.96
N SER A 47 8.39 -0.76 6.96
CA SER A 47 8.08 -2.16 7.20
C SER A 47 7.07 -2.67 6.19
N GLN A 48 6.17 -1.79 5.76
CA GLN A 48 5.15 -2.16 4.79
C GLN A 48 5.78 -2.67 3.50
N TYR A 49 6.68 -1.87 2.93
CA TYR A 49 7.36 -2.23 1.69
C TYR A 49 7.99 -3.61 1.81
N ASN A 50 7.64 -4.51 0.90
CA ASN A 50 8.18 -5.87 0.89
C ASN A 50 9.61 -5.87 0.35
N GLY A 51 9.83 -5.11 -0.71
CA GLY A 51 11.16 -5.05 -1.32
C GLY A 51 12.18 -4.41 -0.40
N ASN A 52 13.06 -3.60 -0.98
CA ASN A 52 14.10 -2.92 -0.21
C ASN A 52 14.02 -1.41 -0.43
N LEU A 53 13.65 -0.68 0.62
CA LEU A 53 13.54 0.78 0.55
C LEU A 53 14.65 1.35 -0.33
N GLN A 54 15.83 0.75 -0.25
CA GLN A 54 16.97 1.21 -1.03
C GLN A 54 16.57 1.46 -2.49
N ASP A 55 15.87 0.49 -3.07
CA ASP A 55 15.42 0.61 -4.46
C ASP A 55 14.36 1.69 -4.60
N LEU A 56 13.48 1.78 -3.60
CA LEU A 56 12.42 2.78 -3.62
C LEU A 56 12.99 4.19 -3.60
N LYS A 57 12.19 5.15 -4.04
CA LYS A 57 12.61 6.55 -4.08
C LYS A 57 11.41 7.48 -4.18
N VAL A 58 11.63 8.77 -3.91
CA VAL A 58 10.57 9.76 -3.98
C VAL A 58 10.27 10.15 -5.41
N GLY A 59 9.07 9.82 -5.87
CA GLY A 59 8.67 10.15 -7.22
C GLY A 59 8.45 8.91 -8.08
N ASP A 60 8.20 7.78 -7.43
CA ASP A 60 7.98 6.53 -8.14
C ASP A 60 6.65 5.90 -7.72
N ASP A 61 5.93 5.35 -8.70
CA ASP A 61 4.64 4.72 -8.43
C ASP A 61 4.82 3.46 -7.59
N VAL A 62 3.85 3.19 -6.73
CA VAL A 62 3.90 2.02 -5.87
C VAL A 62 2.49 1.59 -5.45
N GLU A 63 2.28 0.27 -5.37
CA GLU A 63 0.99 -0.27 -4.98
C GLU A 63 0.96 -0.63 -3.50
N PHE A 64 -0.13 -0.27 -2.82
CA PHE A 64 -0.26 -0.57 -1.40
C PHE A 64 -1.72 -0.82 -1.04
N GLU A 65 -1.96 -1.16 0.22
CA GLU A 65 -3.31 -1.44 0.69
C GLU A 65 -3.69 -0.50 1.84
N VAL A 66 -4.77 0.25 1.66
CA VAL A 66 -5.24 1.17 2.68
C VAL A 66 -5.88 0.43 3.85
N SER A 67 -5.32 0.60 5.04
CA SER A 67 -5.84 -0.05 6.23
C SER A 67 -6.09 0.97 7.35
N SER A 68 -6.62 0.49 8.46
CA SER A 68 -6.92 1.36 9.61
C SER A 68 -6.10 0.94 10.83
N ASP A 69 -5.28 1.86 11.31
CA ASP A 69 -4.44 1.59 12.48
C ASP A 69 -5.29 1.21 13.68
N ARG A 70 -4.63 0.83 14.77
CA ARG A 70 -5.32 0.43 15.99
C ARG A 70 -5.10 1.44 17.10
N ARG A 71 -4.15 2.35 16.89
CA ARG A 71 -3.83 3.37 17.87
C ARG A 71 -4.49 4.70 17.52
N THR A 72 -4.52 5.00 16.22
CA THR A 72 -5.13 6.24 15.74
C THR A 72 -6.30 5.96 14.82
N GLY A 73 -6.38 4.73 14.33
CA GLY A 73 -7.46 4.35 13.43
C GLY A 73 -7.44 5.13 12.13
N LYS A 74 -6.31 5.75 11.84
CA LYS A 74 -6.15 6.54 10.62
C LYS A 74 -5.80 5.64 9.43
N PRO A 75 -6.19 6.06 8.23
CA PRO A 75 -5.93 5.31 6.99
C PRO A 75 -4.45 5.32 6.63
N ILE A 76 -3.78 4.20 6.90
CA ILE A 76 -2.36 4.06 6.59
C ILE A 76 -2.12 2.97 5.55
N ALA A 77 -0.98 3.05 4.87
CA ALA A 77 -0.64 2.07 3.85
C ALA A 77 0.07 0.87 4.48
N VAL A 78 -0.05 -0.29 3.82
CA VAL A 78 0.58 -1.51 4.29
C VAL A 78 0.92 -2.45 3.15
N LYS A 79 1.84 -3.37 3.39
CA LYS A 79 2.26 -4.33 2.37
C LYS A 79 2.55 -3.63 1.05
N LEU A 80 3.31 -2.55 1.11
CA LEU A 80 3.65 -1.79 -0.09
C LEU A 80 4.40 -2.66 -1.09
N VAL A 81 4.24 -2.34 -2.37
CA VAL A 81 4.89 -3.10 -3.43
C VAL A 81 5.05 -2.26 -4.70
N LYS A 82 6.28 -2.09 -5.14
CA LYS A 82 6.56 -1.31 -6.34
C LYS A 82 5.83 -1.88 -7.55
N ILE A 83 5.14 -1.01 -8.29
CA ILE A 83 4.40 -1.44 -9.47
C ILE A 83 5.35 -1.85 -10.60
N SER A 84 6.31 -0.98 -10.90
CA SER A 84 7.28 -1.25 -11.95
C SER A 84 8.38 -2.20 -11.46
N GLY A 85 8.48 -3.35 -12.10
CA GLY A 85 9.49 -4.34 -11.72
C GLY A 85 9.06 -5.76 -12.00
N PRO A 86 8.90 -6.08 -13.29
CA PRO A 86 8.49 -7.43 -13.73
C PRO A 86 9.58 -8.47 -13.49
N SER A 87 10.67 -8.05 -12.88
CA SER A 87 11.78 -8.95 -12.59
C SER A 87 11.31 -10.15 -11.77
N SER A 88 11.88 -11.32 -12.07
CA SER A 88 11.52 -12.54 -11.38
C SER A 88 11.72 -12.39 -9.87
N GLY A 89 11.33 -13.41 -9.12
CA GLY A 89 11.48 -13.38 -7.68
C GLY A 89 11.67 -14.76 -7.08
N GLY A 1 -9.10 -19.05 -10.81
CA GLY A 1 -9.21 -18.10 -9.71
C GLY A 1 -10.10 -16.92 -10.06
N SER A 2 -11.31 -16.91 -9.52
CA SER A 2 -12.26 -15.83 -9.79
C SER A 2 -12.76 -15.22 -8.48
N SER A 3 -12.67 -13.90 -8.38
CA SER A 3 -13.11 -13.19 -7.18
C SER A 3 -14.59 -13.45 -6.91
N GLY A 4 -14.87 -14.35 -5.97
CA GLY A 4 -16.24 -14.67 -5.64
C GLY A 4 -16.88 -13.63 -4.75
N SER A 5 -18.12 -13.28 -5.05
CA SER A 5 -18.85 -12.28 -4.28
C SER A 5 -20.09 -12.88 -3.63
N SER A 6 -19.90 -13.54 -2.49
CA SER A 6 -20.99 -14.17 -1.77
C SER A 6 -21.40 -13.34 -0.55
N GLY A 7 -22.59 -12.76 -0.61
CA GLY A 7 -23.08 -11.95 0.49
C GLY A 7 -22.04 -10.96 0.99
N GLY A 8 -21.44 -11.26 2.13
CA GLY A 8 -20.43 -10.37 2.70
C GLY A 8 -20.98 -9.50 3.80
N TYR A 9 -21.45 -10.13 4.87
CA TYR A 9 -22.02 -9.39 6.00
C TYR A 9 -20.97 -9.20 7.10
N PRO A 10 -21.19 -8.19 7.96
CA PRO A 10 -22.36 -7.30 7.85
C PRO A 10 -22.29 -6.39 6.63
N ASN A 11 -23.44 -6.15 6.02
CA ASN A 11 -23.52 -5.30 4.84
C ASN A 11 -22.76 -4.00 5.07
N GLY A 12 -21.74 -3.77 4.26
CA GLY A 12 -20.94 -2.55 4.39
C GLY A 12 -20.35 -2.10 3.07
N THR A 13 -19.11 -1.63 3.10
CA THR A 13 -18.43 -1.16 1.90
C THR A 13 -17.87 -2.33 1.10
N SER A 14 -17.61 -2.09 -0.19
CA SER A 14 -17.07 -3.12 -1.06
C SER A 14 -15.87 -3.80 -0.43
N ALA A 15 -15.39 -4.86 -1.08
CA ALA A 15 -14.24 -5.60 -0.57
C ALA A 15 -12.98 -4.75 -0.63
N ALA A 16 -11.85 -5.34 -0.21
CA ALA A 16 -10.57 -4.63 -0.22
C ALA A 16 -9.98 -4.58 -1.62
N LEU A 17 -8.92 -3.79 -1.77
CA LEU A 17 -8.26 -3.65 -3.06
C LEU A 17 -6.96 -2.86 -2.93
N ARG A 18 -5.97 -3.23 -3.72
CA ARG A 18 -4.67 -2.56 -3.69
C ARG A 18 -4.73 -1.23 -4.44
N GLU A 19 -4.44 -0.14 -3.73
CA GLU A 19 -4.45 1.19 -4.33
C GLU A 19 -3.07 1.61 -4.78
N THR A 20 -3.01 2.50 -5.76
CA THR A 20 -1.74 2.98 -6.30
C THR A 20 -1.64 4.50 -6.19
N GLY A 21 -0.43 4.99 -5.94
CA GLY A 21 -0.22 6.42 -5.82
C GLY A 21 1.18 6.84 -6.22
N VAL A 22 1.81 7.67 -5.40
CA VAL A 22 3.16 8.15 -5.69
C VAL A 22 3.89 8.53 -4.40
N ILE A 23 5.15 8.14 -4.30
CA ILE A 23 5.96 8.45 -3.13
C ILE A 23 6.26 9.94 -3.03
N GLU A 24 5.40 10.66 -2.31
CA GLU A 24 5.58 12.10 -2.15
C GLU A 24 6.79 12.40 -1.28
N LYS A 25 6.98 11.60 -0.24
CA LYS A 25 8.11 11.78 0.67
C LYS A 25 8.66 10.44 1.13
N LEU A 26 9.94 10.43 1.50
CA LEU A 26 10.59 9.20 1.96
C LEU A 26 11.65 9.51 3.02
N LEU A 27 11.67 8.71 4.07
CA LEU A 27 12.64 8.89 5.15
C LEU A 27 13.38 7.60 5.44
N THR A 28 14.22 7.61 6.47
CA THR A 28 14.99 6.45 6.85
C THR A 28 14.15 5.45 7.63
N SER A 29 13.13 5.96 8.33
CA SER A 29 12.24 5.12 9.11
C SER A 29 11.01 4.71 8.29
N TYR A 30 10.48 5.66 7.53
CA TYR A 30 9.31 5.40 6.71
C TYR A 30 9.16 6.46 5.63
N GLY A 31 8.07 6.37 4.86
CA GLY A 31 7.83 7.33 3.80
C GLY A 31 6.36 7.58 3.57
N PHE A 32 6.05 8.65 2.82
CA PHE A 32 4.66 8.99 2.53
C PHE A 32 4.33 8.69 1.07
N ILE A 33 3.04 8.48 0.81
CA ILE A 33 2.58 8.19 -0.54
C ILE A 33 1.33 8.98 -0.89
N GLN A 34 1.48 9.91 -1.84
CA GLN A 34 0.36 10.74 -2.26
C GLN A 34 -0.54 9.98 -3.24
N CYS A 35 -1.60 9.38 -2.70
CA CYS A 35 -2.55 8.62 -3.51
C CYS A 35 -2.87 9.36 -4.80
N SER A 36 -2.87 8.64 -5.92
CA SER A 36 -3.15 9.23 -7.22
C SER A 36 -4.62 9.02 -7.60
N GLU A 37 -5.37 8.40 -6.70
CA GLU A 37 -6.79 8.14 -6.94
C GLU A 37 -7.66 9.00 -6.03
N ARG A 38 -7.25 9.13 -4.77
CA ARG A 38 -8.00 9.92 -3.80
C ARG A 38 -7.31 11.25 -3.55
N GLN A 39 -6.18 11.46 -4.21
CA GLN A 39 -5.42 12.71 -4.07
C GLN A 39 -5.19 13.02 -2.59
N ALA A 40 -4.73 12.02 -1.84
CA ALA A 40 -4.46 12.20 -0.42
C ALA A 40 -3.05 11.74 -0.07
N ARG A 41 -2.43 12.44 0.87
CA ARG A 41 -1.07 12.09 1.30
C ARG A 41 -1.09 10.99 2.36
N LEU A 42 -0.83 9.76 1.93
CA LEU A 42 -0.83 8.62 2.84
C LEU A 42 0.54 8.48 3.52
N PHE A 43 0.59 7.63 4.55
CA PHE A 43 1.83 7.40 5.28
C PHE A 43 2.16 5.92 5.34
N PHE A 44 3.17 5.50 4.57
CA PHE A 44 3.58 4.11 4.53
C PHE A 44 4.84 3.90 5.38
N HIS A 45 4.88 2.78 6.08
CA HIS A 45 6.02 2.45 6.94
C HIS A 45 7.02 1.58 6.18
N CYS A 46 8.31 1.85 6.40
CA CYS A 46 9.37 1.10 5.73
C CYS A 46 9.18 -0.40 5.95
N SER A 47 8.34 -0.76 6.92
CA SER A 47 8.09 -2.16 7.23
C SER A 47 7.08 -2.76 6.26
N GLN A 48 6.16 -1.91 5.78
CA GLN A 48 5.13 -2.36 4.85
C GLN A 48 5.75 -2.83 3.54
N TYR A 49 6.64 -2.01 2.98
CA TYR A 49 7.30 -2.35 1.73
C TYR A 49 7.95 -3.73 1.81
N ASN A 50 7.64 -4.58 0.83
CA ASN A 50 8.20 -5.92 0.79
C ASN A 50 9.59 -5.92 0.16
N GLY A 51 9.81 -5.00 -0.78
CA GLY A 51 11.09 -4.91 -1.44
C GLY A 51 12.16 -4.34 -0.53
N ASN A 52 12.95 -3.40 -1.06
CA ASN A 52 14.02 -2.78 -0.29
C ASN A 52 13.96 -1.25 -0.41
N LEU A 53 13.61 -0.59 0.68
CA LEU A 53 13.52 0.86 0.69
C LEU A 53 14.66 1.48 -0.11
N GLN A 54 15.88 1.01 0.13
CA GLN A 54 17.04 1.52 -0.57
C GLN A 54 16.76 1.69 -2.06
N ASP A 55 16.08 0.71 -2.65
CA ASP A 55 15.73 0.75 -4.05
C ASP A 55 14.63 1.77 -4.32
N LEU A 56 13.70 1.89 -3.37
CA LEU A 56 12.59 2.84 -3.50
C LEU A 56 13.09 4.27 -3.50
N LYS A 57 12.24 5.19 -3.96
CA LYS A 57 12.60 6.60 -4.02
C LYS A 57 11.35 7.47 -4.17
N VAL A 58 11.48 8.74 -3.82
CA VAL A 58 10.36 9.67 -3.92
C VAL A 58 10.10 10.07 -5.36
N GLY A 59 8.89 9.78 -5.84
CA GLY A 59 8.53 10.11 -7.21
C GLY A 59 8.32 8.88 -8.06
N ASP A 60 8.15 7.73 -7.42
CA ASP A 60 7.95 6.47 -8.12
C ASP A 60 6.61 5.85 -7.74
N ASP A 61 5.93 5.26 -8.72
CA ASP A 61 4.64 4.63 -8.49
C ASP A 61 4.81 3.36 -7.64
N VAL A 62 3.83 3.09 -6.78
CA VAL A 62 3.87 1.92 -5.93
C VAL A 62 2.46 1.51 -5.49
N GLU A 63 2.23 0.21 -5.41
CA GLU A 63 0.93 -0.31 -5.01
C GLU A 63 0.93 -0.69 -3.53
N PHE A 64 -0.15 -0.32 -2.84
CA PHE A 64 -0.28 -0.61 -1.41
C PHE A 64 -1.74 -0.84 -1.04
N GLU A 65 -1.97 -1.17 0.23
CA GLU A 65 -3.32 -1.42 0.72
C GLU A 65 -3.66 -0.49 1.88
N VAL A 66 -4.72 0.30 1.70
CA VAL A 66 -5.15 1.24 2.73
C VAL A 66 -5.79 0.51 3.91
N SER A 67 -5.25 0.72 5.10
CA SER A 67 -5.78 0.08 6.30
C SER A 67 -5.92 1.09 7.44
N SER A 68 -6.41 0.62 8.58
CA SER A 68 -6.60 1.48 9.74
C SER A 68 -5.69 1.06 10.89
N ASP A 69 -5.04 2.04 11.51
CA ASP A 69 -4.14 1.77 12.62
C ASP A 69 -4.92 1.32 13.86
N ARG A 70 -4.18 0.98 14.92
CA ARG A 70 -4.81 0.53 16.16
C ARG A 70 -4.66 1.59 17.25
N ARG A 71 -3.87 2.62 16.96
CA ARG A 71 -3.64 3.70 17.92
C ARG A 71 -4.26 5.00 17.43
N THR A 72 -4.36 5.14 16.11
CA THR A 72 -4.93 6.33 15.51
C THR A 72 -6.07 5.99 14.55
N GLY A 73 -6.17 4.71 14.20
CA GLY A 73 -7.21 4.27 13.29
C GLY A 73 -7.21 5.05 11.99
N LYS A 74 -6.14 5.79 11.74
CA LYS A 74 -6.01 6.58 10.53
C LYS A 74 -5.71 5.70 9.32
N PRO A 75 -6.12 6.15 8.13
CA PRO A 75 -5.89 5.42 6.88
C PRO A 75 -4.41 5.40 6.48
N ILE A 76 -3.72 4.33 6.85
CA ILE A 76 -2.31 4.18 6.53
C ILE A 76 -2.10 3.13 5.45
N ALA A 77 -0.92 3.15 4.83
CA ALA A 77 -0.60 2.20 3.78
C ALA A 77 0.15 0.99 4.35
N VAL A 78 -0.14 -0.18 3.79
CA VAL A 78 0.50 -1.42 4.25
C VAL A 78 0.80 -2.35 3.08
N LYS A 79 1.60 -3.37 3.32
CA LYS A 79 1.97 -4.33 2.30
C LYS A 79 2.29 -3.62 0.99
N LEU A 80 3.17 -2.63 1.05
CA LEU A 80 3.57 -1.87 -0.14
C LEU A 80 4.30 -2.77 -1.12
N VAL A 81 4.23 -2.42 -2.41
CA VAL A 81 4.89 -3.18 -3.45
C VAL A 81 5.12 -2.33 -4.69
N LYS A 82 6.38 -2.26 -5.14
CA LYS A 82 6.73 -1.49 -6.32
C LYS A 82 6.05 -2.05 -7.57
N ILE A 83 5.30 -1.21 -8.25
CA ILE A 83 4.60 -1.62 -9.47
C ILE A 83 5.59 -2.03 -10.56
N SER A 84 6.54 -1.15 -10.84
CA SER A 84 7.55 -1.43 -11.87
C SER A 84 8.93 -1.60 -11.23
N GLY A 85 9.63 -2.66 -11.62
CA GLY A 85 10.95 -2.92 -11.09
C GLY A 85 11.47 -4.28 -11.47
N PRO A 86 11.87 -4.45 -12.74
CA PRO A 86 12.39 -5.72 -13.24
C PRO A 86 13.77 -6.05 -12.66
N SER A 87 13.94 -7.30 -12.22
CA SER A 87 15.20 -7.74 -11.65
C SER A 87 15.99 -8.58 -12.64
N SER A 88 17.29 -8.33 -12.72
CA SER A 88 18.16 -9.06 -13.64
C SER A 88 18.61 -10.38 -13.03
N GLY A 89 17.94 -11.47 -13.40
CA GLY A 89 18.29 -12.77 -12.87
C GLY A 89 18.73 -12.72 -11.43
N GLY A 1 -20.48 -33.79 -10.82
CA GLY A 1 -21.59 -32.91 -11.12
C GLY A 1 -21.14 -31.51 -11.51
N SER A 2 -21.44 -31.12 -12.74
CA SER A 2 -21.05 -29.80 -13.24
C SER A 2 -22.11 -28.76 -12.89
N SER A 3 -21.78 -27.88 -11.95
CA SER A 3 -22.69 -26.83 -11.52
C SER A 3 -21.93 -25.67 -10.88
N GLY A 4 -22.61 -24.54 -10.71
CA GLY A 4 -22.00 -23.38 -10.11
C GLY A 4 -22.67 -22.96 -8.82
N SER A 5 -22.65 -21.66 -8.54
CA SER A 5 -23.27 -21.14 -7.32
C SER A 5 -23.56 -19.64 -7.47
N SER A 6 -24.85 -19.31 -7.55
CA SER A 6 -25.26 -17.91 -7.69
C SER A 6 -24.61 -17.04 -6.63
N GLY A 7 -24.22 -15.83 -7.03
CA GLY A 7 -23.59 -14.92 -6.09
C GLY A 7 -22.11 -15.22 -5.90
N GLY A 8 -21.38 -15.33 -7.01
CA GLY A 8 -19.96 -15.61 -6.94
C GLY A 8 -19.21 -14.55 -6.15
N TYR A 9 -18.33 -13.82 -6.83
CA TYR A 9 -17.54 -12.78 -6.19
C TYR A 9 -18.05 -11.39 -6.56
N PRO A 10 -17.81 -10.42 -5.66
CA PRO A 10 -17.10 -10.65 -4.41
C PRO A 10 -17.91 -11.49 -3.42
N ASN A 11 -17.22 -12.29 -2.63
CA ASN A 11 -17.88 -13.14 -1.64
C ASN A 11 -17.67 -12.60 -0.23
N GLY A 12 -18.71 -12.03 0.34
CA GLY A 12 -18.62 -11.48 1.68
C GLY A 12 -18.88 -9.98 1.72
N THR A 13 -18.94 -9.42 2.92
CA THR A 13 -19.18 -7.99 3.09
C THR A 13 -17.88 -7.21 3.02
N SER A 14 -16.93 -7.57 3.86
CA SER A 14 -15.63 -6.89 3.90
C SER A 14 -14.76 -7.32 2.72
N ALA A 15 -14.28 -6.35 1.96
CA ALA A 15 -13.43 -6.63 0.80
C ALA A 15 -12.20 -5.73 0.79
N ALA A 16 -11.16 -6.17 0.10
CA ALA A 16 -9.93 -5.40 0.01
C ALA A 16 -9.74 -4.82 -1.38
N LEU A 17 -8.72 -3.98 -1.54
CA LEU A 17 -8.44 -3.35 -2.82
C LEU A 17 -7.12 -2.58 -2.77
N ARG A 18 -6.11 -3.08 -3.48
CA ARG A 18 -4.81 -2.44 -3.52
C ARG A 18 -4.87 -1.12 -4.28
N GLU A 19 -4.49 -0.03 -3.61
CA GLU A 19 -4.51 1.29 -4.23
C GLU A 19 -3.12 1.67 -4.73
N THR A 20 -3.07 2.53 -5.74
CA THR A 20 -1.81 2.98 -6.31
C THR A 20 -1.69 4.49 -6.25
N GLY A 21 -0.48 4.97 -5.95
CA GLY A 21 -0.24 6.40 -5.87
C GLY A 21 1.18 6.78 -6.25
N VAL A 22 1.80 7.61 -5.41
CA VAL A 22 3.16 8.06 -5.67
C VAL A 22 3.86 8.44 -4.37
N ILE A 23 5.15 8.09 -4.28
CA ILE A 23 5.94 8.40 -3.09
C ILE A 23 6.22 9.89 -2.99
N GLU A 24 5.36 10.61 -2.26
CA GLU A 24 5.52 12.04 -2.08
C GLU A 24 6.76 12.36 -1.26
N LYS A 25 6.96 11.59 -0.19
CA LYS A 25 8.11 11.80 0.69
C LYS A 25 8.67 10.45 1.15
N LEU A 26 9.96 10.45 1.49
CA LEU A 26 10.62 9.23 1.95
C LEU A 26 11.70 9.55 2.99
N LEU A 27 11.76 8.74 4.03
CA LEU A 27 12.74 8.93 5.10
C LEU A 27 13.44 7.62 5.45
N THR A 28 14.31 7.67 6.44
CA THR A 28 15.05 6.48 6.86
C THR A 28 14.16 5.56 7.70
N SER A 29 13.19 6.14 8.38
CA SER A 29 12.28 5.37 9.22
C SER A 29 11.06 4.92 8.43
N TYR A 30 10.52 5.84 7.62
CA TYR A 30 9.35 5.54 6.81
C TYR A 30 9.20 6.56 5.68
N GLY A 31 8.11 6.44 4.93
CA GLY A 31 7.85 7.36 3.83
C GLY A 31 6.39 7.58 3.58
N PHE A 32 6.06 8.64 2.85
CA PHE A 32 4.67 8.97 2.55
C PHE A 32 4.34 8.65 1.09
N ILE A 33 3.06 8.51 0.80
CA ILE A 33 2.61 8.20 -0.55
C ILE A 33 1.37 8.99 -0.92
N GLN A 34 1.50 9.91 -1.88
CA GLN A 34 0.39 10.74 -2.31
C GLN A 34 -0.52 9.97 -3.28
N CYS A 35 -1.62 9.46 -2.75
CA CYS A 35 -2.57 8.69 -3.56
C CYS A 35 -2.86 9.42 -4.87
N SER A 36 -2.89 8.65 -5.96
CA SER A 36 -3.15 9.23 -7.28
C SER A 36 -4.61 9.01 -7.68
N GLU A 37 -5.40 8.48 -6.75
CA GLU A 37 -6.80 8.23 -7.01
C GLU A 37 -7.69 9.10 -6.11
N ARG A 38 -7.25 9.29 -4.87
CA ARG A 38 -8.01 10.10 -3.91
C ARG A 38 -7.33 11.45 -3.70
N GLN A 39 -6.09 11.57 -4.18
CA GLN A 39 -5.34 12.82 -4.05
C GLN A 39 -5.08 13.14 -2.57
N ALA A 40 -4.69 12.12 -1.82
CA ALA A 40 -4.40 12.29 -0.40
C ALA A 40 -3.02 11.79 -0.05
N ARG A 41 -2.33 12.52 0.83
CA ARG A 41 -0.98 12.15 1.25
C ARG A 41 -1.02 11.07 2.33
N LEU A 42 -0.75 9.82 1.94
CA LEU A 42 -0.77 8.71 2.87
C LEU A 42 0.59 8.57 3.56
N PHE A 43 0.64 7.70 4.57
CA PHE A 43 1.88 7.47 5.31
C PHE A 43 2.20 5.97 5.37
N PHE A 44 3.20 5.56 4.60
CA PHE A 44 3.61 4.17 4.57
C PHE A 44 4.87 3.95 5.41
N HIS A 45 4.91 2.82 6.11
CA HIS A 45 6.05 2.49 6.95
C HIS A 45 7.06 1.62 6.20
N CYS A 46 8.33 1.91 6.38
CA CYS A 46 9.40 1.15 5.71
C CYS A 46 9.21 -0.35 5.93
N SER A 47 8.41 -0.70 6.94
CA SER A 47 8.16 -2.09 7.26
C SER A 47 7.15 -2.70 6.29
N GLN A 48 6.21 -1.88 5.83
CA GLN A 48 5.19 -2.33 4.89
C GLN A 48 5.81 -2.80 3.58
N TYR A 49 6.67 -1.95 3.01
CA TYR A 49 7.34 -2.28 1.75
C TYR A 49 7.98 -3.67 1.81
N ASN A 50 7.70 -4.48 0.80
CA ASN A 50 8.24 -5.83 0.74
C ASN A 50 9.69 -5.80 0.27
N GLY A 51 9.98 -4.99 -0.74
CA GLY A 51 11.33 -4.89 -1.26
C GLY A 51 12.26 -4.16 -0.32
N ASN A 52 13.28 -3.53 -0.87
CA ASN A 52 14.26 -2.80 -0.07
C ASN A 52 14.17 -1.30 -0.32
N LEU A 53 13.75 -0.56 0.69
CA LEU A 53 13.62 0.89 0.58
C LEU A 53 14.71 1.47 -0.31
N GLN A 54 15.90 0.88 -0.26
CA GLN A 54 17.02 1.33 -1.08
C GLN A 54 16.58 1.58 -2.52
N ASP A 55 15.89 0.61 -3.09
CA ASP A 55 15.41 0.72 -4.47
C ASP A 55 14.30 1.76 -4.58
N LEU A 56 13.44 1.80 -3.57
CA LEU A 56 12.33 2.75 -3.55
C LEU A 56 12.85 4.18 -3.43
N LYS A 57 12.10 5.13 -3.99
CA LYS A 57 12.48 6.54 -3.95
C LYS A 57 11.25 7.43 -4.06
N VAL A 58 11.46 8.73 -3.91
CA VAL A 58 10.37 9.70 -4.00
C VAL A 58 10.08 10.07 -5.45
N GLY A 59 8.98 9.56 -5.98
CA GLY A 59 8.62 9.84 -7.36
C GLY A 59 8.45 8.59 -8.19
N ASP A 60 8.28 7.46 -7.53
CA ASP A 60 8.11 6.18 -8.21
C ASP A 60 6.76 5.54 -7.85
N ASP A 61 6.04 5.09 -8.87
CA ASP A 61 4.75 4.46 -8.66
C ASP A 61 4.88 3.21 -7.79
N VAL A 62 3.92 3.03 -6.88
CA VAL A 62 3.93 1.88 -5.98
C VAL A 62 2.52 1.46 -5.61
N GLU A 63 2.34 0.18 -5.31
CA GLU A 63 1.03 -0.35 -4.93
C GLU A 63 0.99 -0.68 -3.44
N PHE A 64 -0.11 -0.30 -2.80
CA PHE A 64 -0.28 -0.56 -1.37
C PHE A 64 -1.76 -0.78 -1.02
N GLU A 65 -2.02 -1.10 0.24
CA GLU A 65 -3.38 -1.33 0.70
C GLU A 65 -3.73 -0.42 1.86
N VAL A 66 -4.81 0.36 1.70
CA VAL A 66 -5.25 1.28 2.73
C VAL A 66 -5.89 0.53 3.89
N SER A 67 -5.29 0.64 5.08
CA SER A 67 -5.80 -0.03 6.26
C SER A 67 -5.98 0.97 7.41
N SER A 68 -6.63 0.52 8.48
CA SER A 68 -6.87 1.36 9.65
C SER A 68 -5.91 1.01 10.77
N ASP A 69 -5.23 2.03 11.31
CA ASP A 69 -4.29 1.84 12.40
C ASP A 69 -5.00 1.35 13.66
N ARG A 70 -4.22 1.02 14.68
CA ARG A 70 -4.77 0.54 15.94
C ARG A 70 -4.58 1.57 17.04
N ARG A 71 -3.99 2.70 16.69
CA ARG A 71 -3.73 3.77 17.66
C ARG A 71 -4.43 5.06 17.23
N THR A 72 -4.27 5.42 15.97
CA THR A 72 -4.90 6.63 15.44
C THR A 72 -6.10 6.30 14.56
N GLY A 73 -6.21 5.04 14.17
CA GLY A 73 -7.32 4.61 13.34
C GLY A 73 -7.34 5.32 12.01
N LYS A 74 -6.22 5.92 11.64
CA LYS A 74 -6.11 6.65 10.37
C LYS A 74 -5.76 5.71 9.23
N PRO A 75 -6.18 6.06 8.01
CA PRO A 75 -5.91 5.26 6.81
C PRO A 75 -4.44 5.27 6.42
N ILE A 76 -3.72 4.23 6.82
CA ILE A 76 -2.30 4.11 6.51
C ILE A 76 -2.06 3.08 5.43
N ALA A 77 -0.86 3.07 4.87
CA ALA A 77 -0.49 2.12 3.83
C ALA A 77 0.21 0.91 4.41
N VAL A 78 -0.03 -0.26 3.81
CA VAL A 78 0.58 -1.49 4.27
C VAL A 78 0.88 -2.42 3.10
N LYS A 79 1.75 -3.41 3.34
CA LYS A 79 2.13 -4.36 2.31
C LYS A 79 2.43 -3.65 1.00
N LEU A 80 3.28 -2.63 1.05
CA LEU A 80 3.65 -1.87 -0.14
C LEU A 80 4.40 -2.75 -1.13
N VAL A 81 4.27 -2.41 -2.41
CA VAL A 81 4.94 -3.16 -3.46
C VAL A 81 5.04 -2.35 -4.75
N LYS A 82 6.27 -2.07 -5.18
CA LYS A 82 6.50 -1.30 -6.39
C LYS A 82 5.81 -1.95 -7.59
N ILE A 83 5.03 -1.15 -8.32
CA ILE A 83 4.32 -1.65 -9.49
C ILE A 83 5.28 -2.10 -10.57
N SER A 84 6.09 -1.17 -11.07
CA SER A 84 7.06 -1.47 -12.12
C SER A 84 8.01 -2.57 -11.67
N GLY A 85 8.83 -3.05 -12.60
CA GLY A 85 9.78 -4.11 -12.28
C GLY A 85 10.04 -5.02 -13.46
N PRO A 86 10.74 -4.51 -14.47
CA PRO A 86 11.07 -5.28 -15.68
C PRO A 86 12.09 -6.38 -15.41
N SER A 87 11.61 -7.63 -15.37
CA SER A 87 12.48 -8.77 -15.11
C SER A 87 13.16 -9.23 -16.40
N SER A 88 14.12 -10.13 -16.26
CA SER A 88 14.85 -10.66 -17.41
C SER A 88 14.52 -12.13 -17.64
N GLY A 89 14.81 -12.62 -18.84
CA GLY A 89 14.54 -14.01 -19.16
C GLY A 89 14.75 -14.94 -17.98
N GLY A 1 2.22 -18.05 6.34
CA GLY A 1 1.74 -16.70 6.13
C GLY A 1 1.52 -15.95 7.42
N SER A 2 0.39 -15.25 7.52
CA SER A 2 0.07 -14.48 8.72
C SER A 2 -0.88 -15.27 9.62
N SER A 3 -0.75 -15.05 10.93
CA SER A 3 -1.58 -15.74 11.91
C SER A 3 -2.73 -14.84 12.37
N GLY A 4 -3.96 -15.26 12.12
CA GLY A 4 -5.12 -14.50 12.52
C GLY A 4 -5.72 -14.97 13.81
N SER A 5 -5.66 -14.13 14.85
CA SER A 5 -6.20 -14.49 16.16
C SER A 5 -7.70 -14.21 16.22
N SER A 6 -8.39 -14.56 15.14
CA SER A 6 -9.84 -14.35 15.06
C SER A 6 -10.53 -15.59 14.49
N GLY A 7 -11.85 -15.61 14.58
CA GLY A 7 -12.62 -16.73 14.07
C GLY A 7 -13.67 -16.31 13.06
N GLY A 8 -14.08 -17.24 12.21
CA GLY A 8 -15.08 -16.94 11.21
C GLY A 8 -15.17 -18.00 10.13
N TYR A 9 -16.39 -18.42 9.81
CA TYR A 9 -16.60 -19.44 8.79
C TYR A 9 -17.91 -19.20 8.05
N PRO A 10 -18.02 -19.79 6.85
CA PRO A 10 -16.96 -20.62 6.27
C PRO A 10 -15.75 -19.79 5.86
N ASN A 11 -14.63 -20.46 5.59
CA ASN A 11 -13.41 -19.79 5.19
C ASN A 11 -13.70 -18.66 4.20
N GLY A 12 -13.02 -17.54 4.38
CA GLY A 12 -13.22 -16.41 3.49
C GLY A 12 -12.00 -15.51 3.40
N THR A 13 -11.64 -15.10 2.20
CA THR A 13 -10.48 -14.24 1.99
C THR A 13 -10.67 -12.90 2.70
N SER A 14 -9.62 -12.44 3.35
CA SER A 14 -9.67 -11.17 4.07
C SER A 14 -8.74 -10.15 3.42
N ALA A 15 -8.79 -10.07 2.10
CA ALA A 15 -7.96 -9.13 1.35
C ALA A 15 -8.73 -7.86 1.02
N ALA A 16 -8.00 -6.78 0.76
CA ALA A 16 -8.62 -5.50 0.43
C ALA A 16 -8.19 -5.02 -0.95
N LEU A 17 -8.82 -3.95 -1.43
CA LEU A 17 -8.50 -3.40 -2.74
C LEU A 17 -7.18 -2.63 -2.69
N ARG A 18 -6.21 -3.10 -3.48
CA ARG A 18 -4.91 -2.45 -3.53
C ARG A 18 -4.98 -1.12 -4.28
N GLU A 19 -4.48 -0.06 -3.64
CA GLU A 19 -4.50 1.26 -4.25
C GLU A 19 -3.09 1.69 -4.67
N THR A 20 -3.01 2.57 -5.66
CA THR A 20 -1.73 3.06 -6.16
C THR A 20 -1.66 4.58 -6.10
N GLY A 21 -0.45 5.10 -5.96
CA GLY A 21 -0.27 6.54 -5.90
C GLY A 21 1.12 6.96 -6.33
N VAL A 22 1.80 7.72 -5.47
CA VAL A 22 3.14 8.20 -5.77
C VAL A 22 3.89 8.58 -4.50
N ILE A 23 5.14 8.11 -4.39
CA ILE A 23 5.96 8.40 -3.21
C ILE A 23 6.25 9.89 -3.10
N GLU A 24 5.38 10.60 -2.37
CA GLU A 24 5.55 12.04 -2.18
C GLU A 24 6.79 12.34 -1.35
N LYS A 25 7.05 11.51 -0.35
CA LYS A 25 8.20 11.69 0.52
C LYS A 25 8.74 10.33 0.98
N LEU A 26 10.04 10.30 1.29
CA LEU A 26 10.68 9.07 1.75
C LEU A 26 11.80 9.38 2.74
N LEU A 27 11.87 8.60 3.81
CA LEU A 27 12.90 8.79 4.83
C LEU A 27 13.61 7.46 5.12
N THR A 28 14.54 7.51 6.09
CA THR A 28 15.29 6.32 6.47
C THR A 28 14.47 5.42 7.38
N SER A 29 13.44 5.99 7.99
CA SER A 29 12.59 5.23 8.90
C SER A 29 11.26 4.86 8.22
N TYR A 30 10.71 5.82 7.48
CA TYR A 30 9.45 5.60 6.78
C TYR A 30 9.29 6.57 5.62
N GLY A 31 8.14 6.52 4.96
CA GLY A 31 7.88 7.41 3.84
C GLY A 31 6.40 7.67 3.63
N PHE A 32 6.09 8.66 2.80
CA PHE A 32 4.70 9.01 2.52
C PHE A 32 4.35 8.71 1.06
N ILE A 33 3.07 8.51 0.80
CA ILE A 33 2.59 8.22 -0.54
C ILE A 33 1.34 9.02 -0.88
N GLN A 34 1.45 9.90 -1.87
CA GLN A 34 0.31 10.72 -2.29
C GLN A 34 -0.62 9.94 -3.20
N CYS A 35 -1.66 9.36 -2.62
CA CYS A 35 -2.64 8.59 -3.37
C CYS A 35 -2.99 9.29 -4.68
N SER A 36 -2.93 8.55 -5.78
CA SER A 36 -3.23 9.10 -7.10
C SER A 36 -4.68 8.82 -7.48
N GLU A 37 -5.46 8.35 -6.51
CA GLU A 37 -6.86 8.06 -6.74
C GLU A 37 -7.76 8.93 -5.88
N ARG A 38 -7.31 9.23 -4.66
CA ARG A 38 -8.07 10.05 -3.74
C ARG A 38 -7.38 11.40 -3.52
N GLN A 39 -6.18 11.53 -4.08
CA GLN A 39 -5.41 12.78 -3.95
C GLN A 39 -5.13 13.09 -2.49
N ALA A 40 -4.80 12.06 -1.71
CA ALA A 40 -4.51 12.23 -0.30
C ALA A 40 -3.11 11.73 0.03
N ARG A 41 -2.42 12.45 0.92
CA ARG A 41 -1.06 12.09 1.32
C ARG A 41 -1.09 11.02 2.41
N LEU A 42 -0.84 9.78 2.01
CA LEU A 42 -0.82 8.66 2.95
C LEU A 42 0.54 8.54 3.63
N PHE A 43 0.62 7.67 4.63
CA PHE A 43 1.86 7.45 5.36
C PHE A 43 2.20 5.97 5.43
N PHE A 44 3.22 5.57 4.68
CA PHE A 44 3.64 4.17 4.64
C PHE A 44 4.92 3.97 5.47
N HIS A 45 4.98 2.86 6.18
CA HIS A 45 6.14 2.54 7.01
C HIS A 45 7.11 1.63 6.27
N CYS A 46 8.40 1.87 6.46
CA CYS A 46 9.43 1.06 5.81
C CYS A 46 9.18 -0.43 6.03
N SER A 47 8.39 -0.74 7.05
CA SER A 47 8.08 -2.13 7.37
C SER A 47 7.07 -2.71 6.38
N GLN A 48 6.16 -1.86 5.92
CA GLN A 48 5.14 -2.28 4.96
C GLN A 48 5.78 -2.76 3.66
N TYR A 49 6.68 -1.94 3.12
CA TYR A 49 7.35 -2.29 1.88
C TYR A 49 7.98 -3.67 1.95
N ASN A 50 7.78 -4.46 0.90
CA ASN A 50 8.33 -5.81 0.84
C ASN A 50 9.77 -5.80 0.33
N GLY A 51 10.04 -4.94 -0.63
CA GLY A 51 11.38 -4.84 -1.19
C GLY A 51 12.34 -4.15 -0.26
N ASN A 52 13.32 -3.44 -0.84
CA ASN A 52 14.31 -2.72 -0.04
C ASN A 52 14.16 -1.22 -0.23
N LEU A 53 13.88 -0.52 0.86
CA LEU A 53 13.72 0.94 0.82
C LEU A 53 14.86 1.59 0.04
N GLN A 54 16.07 1.03 0.18
CA GLN A 54 17.24 1.55 -0.52
C GLN A 54 16.93 1.79 -1.99
N ASP A 55 16.20 0.86 -2.60
CA ASP A 55 15.84 0.96 -4.00
C ASP A 55 14.71 1.97 -4.21
N LEU A 56 13.79 2.01 -3.25
CA LEU A 56 12.66 2.92 -3.32
C LEU A 56 13.12 4.37 -3.32
N LYS A 57 12.41 5.21 -4.07
CA LYS A 57 12.75 6.63 -4.16
C LYS A 57 11.50 7.48 -4.38
N VAL A 58 11.54 8.72 -3.93
CA VAL A 58 10.41 9.63 -4.09
C VAL A 58 10.14 9.92 -5.56
N GLY A 59 8.89 9.76 -5.96
CA GLY A 59 8.52 9.99 -7.35
C GLY A 59 8.39 8.72 -8.15
N ASP A 60 8.28 7.59 -7.44
CA ASP A 60 8.15 6.30 -8.10
C ASP A 60 6.78 5.68 -7.82
N ASP A 61 6.22 5.03 -8.83
CA ASP A 61 4.90 4.40 -8.70
C ASP A 61 4.99 3.15 -7.84
N VAL A 62 4.03 2.98 -6.94
CA VAL A 62 4.00 1.83 -6.05
C VAL A 62 2.56 1.43 -5.73
N GLU A 63 2.40 0.21 -5.20
CA GLU A 63 1.08 -0.28 -4.84
C GLU A 63 1.01 -0.62 -3.36
N PHE A 64 -0.08 -0.21 -2.72
CA PHE A 64 -0.28 -0.46 -1.29
C PHE A 64 -1.75 -0.73 -0.98
N GLU A 65 -2.03 -1.03 0.27
CA GLU A 65 -3.40 -1.31 0.71
C GLU A 65 -3.79 -0.41 1.87
N VAL A 66 -4.82 0.41 1.66
CA VAL A 66 -5.30 1.33 2.68
C VAL A 66 -5.97 0.56 3.83
N SER A 67 -5.37 0.66 5.02
CA SER A 67 -5.92 -0.02 6.18
C SER A 67 -6.11 0.95 7.34
N SER A 68 -6.68 0.45 8.44
CA SER A 68 -6.93 1.28 9.61
C SER A 68 -5.97 0.92 10.75
N ASP A 69 -5.31 1.93 11.30
CA ASP A 69 -4.37 1.72 12.39
C ASP A 69 -5.09 1.25 13.65
N ARG A 70 -4.33 0.74 14.61
CA ARG A 70 -4.90 0.25 15.86
C ARG A 70 -4.68 1.25 16.98
N ARG A 71 -4.04 2.37 16.66
CA ARG A 71 -3.78 3.42 17.64
C ARG A 71 -4.44 4.73 17.24
N THR A 72 -4.43 5.02 15.94
CA THR A 72 -5.03 6.25 15.43
C THR A 72 -6.21 5.94 14.52
N GLY A 73 -6.34 4.68 14.13
CA GLY A 73 -7.43 4.28 13.26
C GLY A 73 -7.42 5.02 11.94
N LYS A 74 -6.35 5.75 11.69
CA LYS A 74 -6.22 6.53 10.45
C LYS A 74 -5.86 5.62 9.29
N PRO A 75 -6.26 6.03 8.07
CA PRO A 75 -5.98 5.26 6.86
C PRO A 75 -4.50 5.26 6.49
N ILE A 76 -3.81 4.18 6.82
CA ILE A 76 -2.38 4.07 6.52
C ILE A 76 -2.14 3.01 5.44
N ALA A 77 -0.95 3.05 4.86
CA ALA A 77 -0.58 2.10 3.82
C ALA A 77 0.11 0.88 4.41
N VAL A 78 -0.11 -0.28 3.79
CA VAL A 78 0.50 -1.52 4.25
C VAL A 78 0.82 -2.44 3.09
N LYS A 79 1.69 -3.42 3.33
CA LYS A 79 2.08 -4.38 2.31
C LYS A 79 2.40 -3.67 1.00
N LEU A 80 3.25 -2.65 1.07
CA LEU A 80 3.63 -1.89 -0.12
C LEU A 80 4.38 -2.77 -1.12
N VAL A 81 4.35 -2.37 -2.38
CA VAL A 81 5.03 -3.12 -3.43
C VAL A 81 5.19 -2.28 -4.70
N LYS A 82 6.45 -2.07 -5.09
CA LYS A 82 6.74 -1.28 -6.28
C LYS A 82 6.08 -1.89 -7.52
N ILE A 83 5.30 -1.08 -8.24
CA ILE A 83 4.62 -1.55 -9.44
C ILE A 83 5.63 -1.99 -10.50
N SER A 84 6.43 -1.04 -10.99
CA SER A 84 7.43 -1.33 -12.00
C SER A 84 8.82 -1.40 -11.39
N GLY A 85 9.77 -1.96 -12.14
CA GLY A 85 11.13 -2.08 -11.65
C GLY A 85 11.92 -3.14 -12.39
N PRO A 86 13.17 -2.81 -12.76
CA PRO A 86 14.05 -3.74 -13.49
C PRO A 86 14.51 -4.89 -12.61
N SER A 87 14.85 -6.01 -13.25
CA SER A 87 15.30 -7.19 -12.53
C SER A 87 16.54 -7.78 -13.19
N SER A 88 17.45 -6.92 -13.63
CA SER A 88 18.68 -7.35 -14.29
C SER A 88 19.90 -6.67 -13.67
N GLY A 89 21.08 -7.20 -13.97
CA GLY A 89 22.31 -6.63 -13.44
C GLY A 89 22.16 -6.20 -12.00
N GLY A 1 -28.43 -26.65 -14.46
CA GLY A 1 -29.34 -25.62 -14.91
C GLY A 1 -29.29 -24.38 -14.05
N SER A 2 -30.11 -23.38 -14.40
CA SER A 2 -30.15 -22.12 -13.66
C SER A 2 -31.04 -22.24 -12.42
N SER A 3 -30.60 -21.66 -11.32
CA SER A 3 -31.36 -21.70 -10.07
C SER A 3 -31.44 -20.32 -9.44
N GLY A 4 -32.66 -19.77 -9.36
CA GLY A 4 -32.85 -18.47 -8.77
C GLY A 4 -31.95 -18.22 -7.58
N SER A 5 -32.45 -18.56 -6.39
CA SER A 5 -31.69 -18.37 -5.16
C SER A 5 -32.38 -19.06 -4.00
N SER A 6 -31.63 -19.92 -3.30
CA SER A 6 -32.17 -20.65 -2.15
C SER A 6 -31.22 -20.56 -0.96
N GLY A 7 -31.48 -19.61 -0.07
CA GLY A 7 -30.64 -19.44 1.10
C GLY A 7 -29.29 -18.84 0.76
N GLY A 8 -28.30 -19.13 1.60
CA GLY A 8 -26.96 -18.60 1.37
C GLY A 8 -26.26 -18.22 2.65
N TYR A 9 -25.11 -18.84 2.92
CA TYR A 9 -24.35 -18.56 4.12
C TYR A 9 -22.98 -19.22 4.06
N PRO A 10 -21.99 -18.58 4.71
CA PRO A 10 -22.20 -17.32 5.43
C PRO A 10 -22.47 -16.14 4.50
N ASN A 11 -23.29 -15.20 4.95
CA ASN A 11 -23.64 -14.03 4.15
C ASN A 11 -22.71 -12.86 4.49
N GLY A 12 -21.95 -12.42 3.49
CA GLY A 12 -21.05 -11.31 3.70
C GLY A 12 -19.61 -11.66 3.35
N THR A 13 -19.13 -11.12 2.23
CA THR A 13 -17.77 -11.39 1.79
C THR A 13 -17.13 -10.14 1.18
N SER A 14 -15.85 -9.95 1.43
CA SER A 14 -15.12 -8.79 0.92
C SER A 14 -13.69 -9.17 0.56
N ALA A 15 -13.08 -8.36 -0.31
CA ALA A 15 -11.71 -8.61 -0.74
C ALA A 15 -10.85 -7.37 -0.56
N ALA A 16 -9.54 -7.55 -0.57
CA ALA A 16 -8.60 -6.45 -0.40
C ALA A 16 -8.39 -5.70 -1.72
N LEU A 17 -8.63 -4.40 -1.70
CA LEU A 17 -8.47 -3.57 -2.89
C LEU A 17 -7.16 -2.79 -2.83
N ARG A 18 -6.18 -3.22 -3.60
CA ARG A 18 -4.88 -2.56 -3.63
C ARG A 18 -4.97 -1.22 -4.37
N GLU A 19 -4.51 -0.16 -3.73
CA GLU A 19 -4.54 1.16 -4.33
C GLU A 19 -3.15 1.59 -4.80
N THR A 20 -3.11 2.47 -5.80
CA THR A 20 -1.85 2.95 -6.35
C THR A 20 -1.72 4.46 -6.21
N GLY A 21 -0.50 4.93 -5.98
CA GLY A 21 -0.27 6.35 -5.83
C GLY A 21 1.13 6.76 -6.23
N VAL A 22 1.75 7.64 -5.44
CA VAL A 22 3.10 8.10 -5.74
C VAL A 22 3.84 8.46 -4.46
N ILE A 23 5.13 8.14 -4.41
CA ILE A 23 5.95 8.42 -3.24
C ILE A 23 6.22 9.92 -3.12
N GLU A 24 5.41 10.59 -2.33
CA GLU A 24 5.57 12.04 -2.12
C GLU A 24 6.82 12.34 -1.30
N LYS A 25 6.99 11.60 -0.21
CA LYS A 25 8.13 11.79 0.67
C LYS A 25 8.69 10.44 1.13
N LEU A 26 9.97 10.42 1.46
CA LEU A 26 10.62 9.20 1.92
C LEU A 26 11.71 9.51 2.95
N LEU A 27 11.77 8.70 4.00
CA LEU A 27 12.77 8.89 5.05
C LEU A 27 13.48 7.57 5.36
N THR A 28 14.34 7.60 6.39
CA THR A 28 15.08 6.42 6.79
C THR A 28 14.21 5.48 7.62
N SER A 29 13.24 6.06 8.32
CA SER A 29 12.34 5.27 9.16
C SER A 29 11.09 4.86 8.38
N TYR A 30 10.58 5.79 7.58
CA TYR A 30 9.38 5.52 6.78
C TYR A 30 9.23 6.57 5.67
N GLY A 31 8.12 6.49 4.94
CA GLY A 31 7.87 7.43 3.87
C GLY A 31 6.39 7.65 3.62
N PHE A 32 6.07 8.71 2.88
CA PHE A 32 4.68 9.03 2.58
C PHE A 32 4.36 8.74 1.12
N ILE A 33 3.07 8.53 0.83
CA ILE A 33 2.64 8.24 -0.52
C ILE A 33 1.40 9.06 -0.89
N GLN A 34 1.56 9.96 -1.87
CA GLN A 34 0.45 10.80 -2.30
C GLN A 34 -0.45 10.05 -3.27
N CYS A 35 -1.50 9.44 -2.73
CA CYS A 35 -2.45 8.68 -3.53
C CYS A 35 -2.81 9.44 -4.81
N SER A 36 -2.95 8.70 -5.91
CA SER A 36 -3.29 9.30 -7.19
C SER A 36 -4.78 9.15 -7.49
N GLU A 37 -5.50 8.51 -6.58
CA GLU A 37 -6.94 8.31 -6.75
C GLU A 37 -7.73 9.20 -5.79
N ARG A 38 -7.27 9.28 -4.55
CA ARG A 38 -7.94 10.09 -3.55
C ARG A 38 -7.21 11.41 -3.33
N GLN A 39 -6.11 11.60 -4.07
CA GLN A 39 -5.32 12.82 -3.96
C GLN A 39 -5.04 13.16 -2.51
N ALA A 40 -4.69 12.15 -1.72
CA ALA A 40 -4.39 12.34 -0.31
C ALA A 40 -3.00 11.83 0.03
N ARG A 41 -2.30 12.57 0.89
CA ARG A 41 -0.95 12.19 1.28
C ARG A 41 -0.98 11.10 2.35
N LEU A 42 -0.76 9.86 1.92
CA LEU A 42 -0.76 8.73 2.84
C LEU A 42 0.58 8.58 3.54
N PHE A 43 0.64 7.72 4.54
CA PHE A 43 1.87 7.49 5.29
C PHE A 43 2.19 6.00 5.34
N PHE A 44 3.23 5.59 4.62
CA PHE A 44 3.64 4.19 4.59
C PHE A 44 4.89 3.97 5.42
N HIS A 45 4.94 2.85 6.13
CA HIS A 45 6.09 2.53 6.97
C HIS A 45 7.09 1.65 6.21
N CYS A 46 8.37 1.93 6.41
CA CYS A 46 9.42 1.17 5.74
C CYS A 46 9.23 -0.32 5.96
N SER A 47 8.41 -0.67 6.94
CA SER A 47 8.16 -2.08 7.25
C SER A 47 7.13 -2.67 6.29
N GLN A 48 6.21 -1.83 5.82
CA GLN A 48 5.18 -2.27 4.89
C GLN A 48 5.80 -2.77 3.58
N TYR A 49 6.69 -1.96 3.01
CA TYR A 49 7.34 -2.32 1.76
C TYR A 49 7.97 -3.71 1.85
N ASN A 50 7.63 -4.56 0.89
CA ASN A 50 8.16 -5.92 0.86
C ASN A 50 9.58 -5.95 0.32
N GLY A 51 9.86 -5.06 -0.62
CA GLY A 51 11.19 -4.98 -1.21
C GLY A 51 12.19 -4.32 -0.29
N ASN A 52 13.07 -3.50 -0.87
CA ASN A 52 14.08 -2.79 -0.11
C ASN A 52 13.99 -1.29 -0.32
N LEU A 53 13.59 -0.56 0.72
CA LEU A 53 13.46 0.88 0.63
C LEU A 53 14.51 1.48 -0.28
N GLN A 54 15.76 1.03 -0.11
CA GLN A 54 16.87 1.52 -0.92
C GLN A 54 16.45 1.64 -2.39
N ASP A 55 15.86 0.57 -2.91
CA ASP A 55 15.42 0.56 -4.30
C ASP A 55 14.33 1.60 -4.53
N LEU A 56 13.48 1.80 -3.54
CA LEU A 56 12.40 2.77 -3.63
C LEU A 56 12.94 4.20 -3.59
N LYS A 57 12.13 5.14 -4.08
CA LYS A 57 12.53 6.54 -4.10
C LYS A 57 11.31 7.45 -4.22
N VAL A 58 11.50 8.74 -3.92
CA VAL A 58 10.41 9.70 -4.00
C VAL A 58 10.09 10.07 -5.45
N GLY A 59 8.82 9.95 -5.80
CA GLY A 59 8.40 10.27 -7.16
C GLY A 59 8.22 9.03 -8.02
N ASP A 60 8.05 7.88 -7.37
CA ASP A 60 7.87 6.62 -8.08
C ASP A 60 6.51 6.00 -7.75
N ASP A 61 5.98 5.23 -8.70
CA ASP A 61 4.69 4.58 -8.50
C ASP A 61 4.83 3.32 -7.65
N VAL A 62 3.84 3.07 -6.80
CA VAL A 62 3.86 1.91 -5.94
C VAL A 62 2.45 1.50 -5.53
N GLU A 63 2.21 0.19 -5.45
CA GLU A 63 0.90 -0.33 -5.08
C GLU A 63 0.87 -0.71 -3.60
N PHE A 64 -0.14 -0.20 -2.88
CA PHE A 64 -0.27 -0.50 -1.45
C PHE A 64 -1.73 -0.77 -1.10
N GLU A 65 -1.97 -1.11 0.16
CA GLU A 65 -3.33 -1.39 0.64
C GLU A 65 -3.69 -0.49 1.82
N VAL A 66 -4.72 0.33 1.64
CA VAL A 66 -5.17 1.23 2.69
C VAL A 66 -5.83 0.47 3.83
N SER A 67 -5.30 0.63 5.04
CA SER A 67 -5.84 -0.05 6.21
C SER A 67 -6.03 0.93 7.37
N SER A 68 -6.66 0.45 8.43
CA SER A 68 -6.90 1.29 9.60
C SER A 68 -5.96 0.91 10.75
N ASP A 69 -5.33 1.92 11.33
CA ASP A 69 -4.41 1.70 12.44
C ASP A 69 -5.15 1.20 13.68
N ARG A 70 -4.40 0.68 14.64
CA ARG A 70 -4.98 0.17 15.87
C ARG A 70 -4.75 1.13 17.04
N ARG A 71 -4.11 2.26 16.74
CA ARG A 71 -3.82 3.26 17.76
C ARG A 71 -4.52 4.58 17.43
N THR A 72 -4.49 4.95 16.15
CA THR A 72 -5.13 6.19 15.71
C THR A 72 -6.29 5.91 14.77
N GLY A 73 -6.38 4.67 14.31
CA GLY A 73 -7.45 4.29 13.40
C GLY A 73 -7.42 5.08 12.11
N LYS A 74 -6.29 5.74 11.84
CA LYS A 74 -6.14 6.53 10.62
C LYS A 74 -5.78 5.64 9.44
N PRO A 75 -6.15 6.10 8.24
CA PRO A 75 -5.87 5.36 6.99
C PRO A 75 -4.40 5.35 6.64
N ILE A 76 -3.75 4.22 6.90
CA ILE A 76 -2.33 4.08 6.61
C ILE A 76 -2.09 3.01 5.54
N ALA A 77 -0.93 3.08 4.90
CA ALA A 77 -0.58 2.11 3.85
C ALA A 77 0.15 0.91 4.43
N VAL A 78 -0.09 -0.26 3.86
CA VAL A 78 0.53 -1.49 4.32
C VAL A 78 0.83 -2.43 3.16
N LYS A 79 1.73 -3.39 3.39
CA LYS A 79 2.10 -4.35 2.37
C LYS A 79 2.40 -3.64 1.04
N LEU A 80 3.25 -2.62 1.10
CA LEU A 80 3.62 -1.86 -0.08
C LEU A 80 4.35 -2.76 -1.09
N VAL A 81 4.29 -2.37 -2.36
CA VAL A 81 4.95 -3.13 -3.42
C VAL A 81 5.12 -2.29 -4.67
N LYS A 82 6.35 -2.25 -5.18
CA LYS A 82 6.65 -1.49 -6.39
C LYS A 82 5.95 -2.07 -7.61
N ILE A 83 5.26 -1.22 -8.35
CA ILE A 83 4.55 -1.66 -9.54
C ILE A 83 5.52 -2.09 -10.65
N SER A 84 6.37 -1.16 -11.07
CA SER A 84 7.34 -1.44 -12.12
C SER A 84 8.73 -1.69 -11.51
N GLY A 85 9.40 -2.71 -12.02
CA GLY A 85 10.73 -3.03 -11.52
C GLY A 85 11.48 -3.97 -12.44
N PRO A 86 12.56 -3.46 -13.06
CA PRO A 86 13.38 -4.25 -14.00
C PRO A 86 14.19 -5.32 -13.28
N SER A 87 14.63 -6.33 -14.03
CA SER A 87 15.41 -7.42 -13.47
C SER A 87 16.71 -7.61 -14.23
N SER A 88 17.55 -8.52 -13.74
CA SER A 88 18.83 -8.80 -14.37
C SER A 88 19.17 -10.28 -14.30
N GLY A 89 19.27 -10.91 -15.47
CA GLY A 89 19.58 -12.33 -15.52
C GLY A 89 19.11 -12.98 -16.80
N GLY A 1 -9.03 -32.46 3.44
CA GLY A 1 -9.48 -31.33 4.23
C GLY A 1 -9.91 -30.15 3.37
N SER A 2 -11.12 -30.22 2.84
CA SER A 2 -11.64 -29.16 1.99
C SER A 2 -12.46 -28.16 2.80
N SER A 3 -12.24 -26.87 2.53
CA SER A 3 -12.94 -25.81 3.25
C SER A 3 -13.37 -24.70 2.29
N GLY A 4 -14.67 -24.52 2.15
CA GLY A 4 -15.20 -23.49 1.26
C GLY A 4 -15.70 -22.28 2.02
N SER A 5 -14.95 -21.85 3.03
CA SER A 5 -15.33 -20.70 3.84
C SER A 5 -14.43 -19.51 3.53
N SER A 6 -14.85 -18.69 2.56
CA SER A 6 -14.09 -17.51 2.17
C SER A 6 -14.93 -16.25 2.28
N GLY A 7 -14.53 -15.36 3.19
CA GLY A 7 -15.26 -14.12 3.38
C GLY A 7 -15.32 -13.70 4.84
N GLY A 8 -16.41 -14.04 5.52
CA GLY A 8 -16.55 -13.68 6.92
C GLY A 8 -17.65 -12.67 7.14
N TYR A 9 -18.54 -12.96 8.07
CA TYR A 9 -19.65 -12.06 8.38
C TYR A 9 -19.14 -10.72 8.91
N PRO A 10 -19.92 -9.66 8.67
CA PRO A 10 -21.19 -9.74 7.95
C PRO A 10 -20.99 -10.06 6.47
N ASN A 11 -21.89 -10.85 5.91
CA ASN A 11 -21.82 -11.22 4.50
C ASN A 11 -21.87 -9.99 3.61
N GLY A 12 -21.11 -10.01 2.52
CA GLY A 12 -21.09 -8.89 1.59
C GLY A 12 -19.68 -8.48 1.23
N THR A 13 -19.05 -7.70 2.11
CA THR A 13 -17.70 -7.22 1.88
C THR A 13 -16.86 -8.28 1.16
N SER A 14 -16.04 -7.83 0.21
CA SER A 14 -15.19 -8.73 -0.55
C SER A 14 -13.72 -8.53 -0.20
N ALA A 15 -12.84 -9.28 -0.87
CA ALA A 15 -11.42 -9.17 -0.63
C ALA A 15 -10.98 -7.71 -0.53
N ALA A 16 -9.75 -7.50 -0.06
CA ALA A 16 -9.22 -6.15 0.08
C ALA A 16 -8.94 -5.52 -1.28
N LEU A 17 -8.83 -4.20 -1.31
CA LEU A 17 -8.57 -3.48 -2.54
C LEU A 17 -7.22 -2.77 -2.49
N ARG A 18 -6.39 -3.01 -3.50
CA ARG A 18 -5.08 -2.40 -3.57
C ARG A 18 -5.14 -1.03 -4.25
N GLU A 19 -4.52 -0.04 -3.62
CA GLU A 19 -4.50 1.32 -4.16
C GLU A 19 -3.10 1.70 -4.63
N THR A 20 -3.05 2.63 -5.59
CA THR A 20 -1.78 3.09 -6.13
C THR A 20 -1.64 4.60 -6.01
N GLY A 21 -0.42 5.06 -5.76
CA GLY A 21 -0.17 6.49 -5.62
C GLY A 21 1.20 6.89 -6.09
N VAL A 22 1.85 7.78 -5.34
CA VAL A 22 3.19 8.24 -5.68
C VAL A 22 3.95 8.67 -4.42
N ILE A 23 5.13 8.08 -4.23
CA ILE A 23 5.95 8.41 -3.08
C ILE A 23 6.26 9.90 -3.01
N GLU A 24 5.42 10.64 -2.29
CA GLU A 24 5.60 12.08 -2.15
C GLU A 24 6.83 12.40 -1.31
N LYS A 25 7.05 11.62 -0.27
CA LYS A 25 8.20 11.81 0.61
C LYS A 25 8.75 10.47 1.10
N LEU A 26 10.03 10.46 1.43
CA LEU A 26 10.68 9.24 1.91
C LEU A 26 11.75 9.57 2.96
N LEU A 27 11.78 8.78 4.03
CA LEU A 27 12.74 8.97 5.10
C LEU A 27 13.49 7.68 5.41
N THR A 28 14.35 7.73 6.42
CA THR A 28 15.13 6.56 6.82
C THR A 28 14.31 5.63 7.70
N SER A 29 13.18 6.12 8.19
CA SER A 29 12.30 5.32 9.05
C SER A 29 11.03 4.94 8.32
N TYR A 30 10.51 5.86 7.51
CA TYR A 30 9.29 5.62 6.76
C TYR A 30 9.16 6.59 5.59
N GLY A 31 8.07 6.47 4.84
CA GLY A 31 7.85 7.34 3.71
C GLY A 31 6.37 7.63 3.48
N PHE A 32 6.09 8.72 2.78
CA PHE A 32 4.71 9.11 2.49
C PHE A 32 4.36 8.82 1.03
N ILE A 33 3.10 8.45 0.79
CA ILE A 33 2.64 8.16 -0.55
C ILE A 33 1.41 8.98 -0.92
N GLN A 34 1.59 9.91 -1.85
CA GLN A 34 0.49 10.77 -2.30
C GLN A 34 -0.43 10.03 -3.26
N CYS A 35 -1.56 9.58 -2.75
CA CYS A 35 -2.54 8.84 -3.56
C CYS A 35 -2.82 9.59 -4.86
N SER A 36 -2.89 8.86 -5.96
CA SER A 36 -3.15 9.45 -7.26
C SER A 36 -4.60 9.21 -7.70
N GLU A 37 -5.38 8.63 -6.79
CA GLU A 37 -6.78 8.35 -7.08
C GLU A 37 -7.71 9.14 -6.15
N ARG A 38 -7.33 9.21 -4.88
CA ARG A 38 -8.11 9.93 -3.88
C ARG A 38 -7.52 11.31 -3.62
N GLN A 39 -6.29 11.51 -4.08
CA GLN A 39 -5.60 12.79 -3.88
C GLN A 39 -5.37 13.06 -2.40
N ALA A 40 -4.87 12.06 -1.70
CA ALA A 40 -4.60 12.19 -0.27
C ALA A 40 -3.20 11.68 0.08
N ARG A 41 -2.47 12.46 0.87
CA ARG A 41 -1.11 12.08 1.27
C ARG A 41 -1.13 10.98 2.31
N LEU A 42 -0.81 9.76 1.89
CA LEU A 42 -0.81 8.61 2.78
C LEU A 42 0.55 8.48 3.48
N PHE A 43 0.60 7.65 4.52
CA PHE A 43 1.83 7.44 5.27
C PHE A 43 2.18 5.96 5.33
N PHE A 44 3.20 5.56 4.58
CA PHE A 44 3.63 4.17 4.54
C PHE A 44 4.91 3.98 5.36
N HIS A 45 4.98 2.85 6.06
CA HIS A 45 6.14 2.54 6.90
C HIS A 45 7.12 1.66 6.14
N CYS A 46 8.42 1.90 6.36
CA CYS A 46 9.46 1.14 5.69
C CYS A 46 9.28 -0.36 5.92
N SER A 47 8.43 -0.69 6.90
CA SER A 47 8.16 -2.09 7.23
C SER A 47 7.13 -2.69 6.27
N GLN A 48 6.23 -1.85 5.78
CA GLN A 48 5.19 -2.29 4.86
C GLN A 48 5.80 -2.77 3.55
N TYR A 49 6.69 -1.97 2.98
CA TYR A 49 7.34 -2.31 1.72
C TYR A 49 7.97 -3.70 1.80
N ASN A 50 7.68 -4.53 0.81
CA ASN A 50 8.22 -5.89 0.76
C ASN A 50 9.63 -5.90 0.22
N GLY A 51 9.88 -5.08 -0.82
CA GLY A 51 11.20 -5.01 -1.41
C GLY A 51 12.21 -4.37 -0.49
N ASN A 52 13.10 -3.57 -1.06
CA ASN A 52 14.14 -2.90 -0.29
C ASN A 52 14.05 -1.39 -0.46
N LEU A 53 13.64 -0.70 0.60
CA LEU A 53 13.50 0.75 0.56
C LEU A 53 14.58 1.38 -0.31
N GLN A 54 15.81 0.88 -0.17
CA GLN A 54 16.94 1.39 -0.95
C GLN A 54 16.54 1.60 -2.40
N ASP A 55 15.92 0.59 -3.00
CA ASP A 55 15.49 0.66 -4.38
C ASP A 55 14.37 1.70 -4.55
N LEU A 56 13.50 1.77 -3.56
CA LEU A 56 12.38 2.71 -3.60
C LEU A 56 12.89 4.14 -3.47
N LYS A 57 12.22 5.06 -4.17
CA LYS A 57 12.58 6.46 -4.15
C LYS A 57 11.36 7.36 -4.22
N VAL A 58 11.55 8.65 -3.98
CA VAL A 58 10.45 9.61 -4.03
C VAL A 58 10.12 10.01 -5.47
N GLY A 59 8.92 9.67 -5.92
CA GLY A 59 8.51 10.01 -7.26
C GLY A 59 8.28 8.77 -8.12
N ASP A 60 8.18 7.61 -7.48
CA ASP A 60 7.95 6.37 -8.20
C ASP A 60 6.61 5.75 -7.83
N ASP A 61 5.97 5.11 -8.80
CA ASP A 61 4.67 4.48 -8.57
C ASP A 61 4.81 3.22 -7.73
N VAL A 62 3.86 3.00 -6.83
CA VAL A 62 3.89 1.83 -5.95
C VAL A 62 2.47 1.43 -5.55
N GLU A 63 2.26 0.13 -5.38
CA GLU A 63 0.96 -0.39 -4.99
C GLU A 63 0.94 -0.76 -3.51
N PHE A 64 -0.13 -0.39 -2.83
CA PHE A 64 -0.27 -0.69 -1.41
C PHE A 64 -1.73 -0.95 -1.04
N GLU A 65 -1.96 -1.30 0.22
CA GLU A 65 -3.32 -1.58 0.70
C GLU A 65 -3.68 -0.65 1.85
N VAL A 66 -4.67 0.20 1.63
CA VAL A 66 -5.13 1.14 2.65
C VAL A 66 -5.84 0.41 3.79
N SER A 67 -5.30 0.55 5.00
CA SER A 67 -5.89 -0.09 6.17
C SER A 67 -6.10 0.92 7.29
N SER A 68 -6.66 0.45 8.40
CA SER A 68 -6.93 1.31 9.55
C SER A 68 -5.99 0.98 10.71
N ASP A 69 -5.30 2.00 11.22
CA ASP A 69 -4.38 1.81 12.33
C ASP A 69 -5.10 1.28 13.56
N ARG A 70 -4.33 0.76 14.51
CA ARG A 70 -4.91 0.22 15.74
C ARG A 70 -4.81 1.22 16.88
N ARG A 71 -4.24 2.39 16.58
CA ARG A 71 -4.09 3.45 17.58
C ARG A 71 -4.91 4.68 17.22
N THR A 72 -4.64 5.23 16.03
CA THR A 72 -5.35 6.42 15.57
C THR A 72 -6.45 6.03 14.59
N GLY A 73 -6.48 4.77 14.19
CA GLY A 73 -7.49 4.31 13.26
C GLY A 73 -7.46 5.06 11.95
N LYS A 74 -6.37 5.77 11.69
CA LYS A 74 -6.22 6.54 10.46
C LYS A 74 -5.84 5.63 9.29
N PRO A 75 -6.22 6.05 8.08
CA PRO A 75 -5.93 5.29 6.85
C PRO A 75 -4.45 5.30 6.51
N ILE A 76 -3.77 4.20 6.81
CA ILE A 76 -2.34 4.08 6.52
C ILE A 76 -2.08 3.03 5.45
N ALA A 77 -0.91 3.09 4.84
CA ALA A 77 -0.53 2.13 3.81
C ALA A 77 0.20 0.93 4.40
N VAL A 78 -0.06 -0.24 3.84
CA VAL A 78 0.57 -1.47 4.31
C VAL A 78 0.89 -2.41 3.16
N LYS A 79 1.75 -3.39 3.41
CA LYS A 79 2.13 -4.36 2.38
C LYS A 79 2.43 -3.66 1.06
N LEU A 80 3.26 -2.62 1.12
CA LEU A 80 3.63 -1.86 -0.08
C LEU A 80 4.39 -2.75 -1.06
N VAL A 81 4.27 -2.43 -2.35
CA VAL A 81 4.95 -3.19 -3.38
C VAL A 81 5.09 -2.38 -4.66
N LYS A 82 6.32 -2.23 -5.13
CA LYS A 82 6.59 -1.47 -6.36
C LYS A 82 5.86 -2.09 -7.55
N ILE A 83 5.13 -1.25 -8.28
CA ILE A 83 4.39 -1.71 -9.45
C ILE A 83 5.33 -2.17 -10.55
N SER A 84 6.15 -1.25 -11.06
CA SER A 84 7.09 -1.57 -12.12
C SER A 84 8.45 -1.96 -11.54
N GLY A 85 8.87 -3.19 -11.80
CA GLY A 85 10.15 -3.67 -11.30
C GLY A 85 10.16 -5.17 -11.11
N PRO A 86 10.62 -5.90 -12.13
CA PRO A 86 10.70 -7.36 -12.09
C PRO A 86 11.78 -7.86 -11.12
N SER A 87 11.53 -9.01 -10.51
CA SER A 87 12.48 -9.59 -9.57
C SER A 87 13.31 -10.69 -10.24
N SER A 88 14.51 -10.32 -10.70
CA SER A 88 15.39 -11.28 -11.36
C SER A 88 15.71 -12.45 -10.43
N GLY A 89 14.86 -13.47 -10.45
CA GLY A 89 15.07 -14.63 -9.61
C GLY A 89 15.06 -15.92 -10.39
N GLY A 1 -22.06 -41.81 3.82
CA GLY A 1 -21.43 -40.52 3.58
C GLY A 1 -20.32 -40.61 2.55
N SER A 2 -19.08 -40.58 3.03
CA SER A 2 -17.93 -40.65 2.14
C SER A 2 -18.07 -39.67 0.98
N SER A 3 -18.79 -38.59 1.22
CA SER A 3 -19.01 -37.57 0.19
C SER A 3 -17.81 -36.62 0.09
N GLY A 4 -17.36 -36.13 1.24
CA GLY A 4 -16.23 -35.22 1.26
C GLY A 4 -16.48 -34.00 2.12
N SER A 5 -15.42 -33.49 2.74
CA SER A 5 -15.54 -32.32 3.62
C SER A 5 -14.48 -31.28 3.26
N SER A 6 -14.81 -30.39 2.34
CA SER A 6 -13.89 -29.34 1.92
C SER A 6 -14.56 -27.97 1.94
N GLY A 7 -13.89 -27.00 2.55
CA GLY A 7 -14.45 -25.66 2.64
C GLY A 7 -13.39 -24.62 2.95
N GLY A 8 -13.78 -23.35 2.86
CA GLY A 8 -12.84 -22.27 3.14
C GLY A 8 -13.24 -21.46 4.36
N TYR A 9 -12.33 -21.34 5.32
CA TYR A 9 -12.59 -20.59 6.54
C TYR A 9 -11.44 -19.66 6.86
N PRO A 10 -11.74 -18.57 7.59
CA PRO A 10 -13.10 -18.27 8.05
C PRO A 10 -14.03 -17.89 6.90
N ASN A 11 -15.26 -17.53 7.23
CA ASN A 11 -16.25 -17.14 6.23
C ASN A 11 -16.95 -15.86 6.63
N GLY A 12 -16.98 -14.89 5.72
CA GLY A 12 -17.62 -13.62 5.99
C GLY A 12 -17.17 -12.52 5.06
N THR A 13 -16.56 -11.48 5.62
CA THR A 13 -16.08 -10.36 4.83
C THR A 13 -14.62 -10.55 4.43
N SER A 14 -14.41 -10.98 3.19
CA SER A 14 -13.06 -11.22 2.67
C SER A 14 -12.85 -10.50 1.35
N ALA A 15 -12.19 -9.34 1.40
CA ALA A 15 -11.92 -8.56 0.20
C ALA A 15 -10.88 -7.49 0.47
N ALA A 16 -9.99 -7.27 -0.49
CA ALA A 16 -8.95 -6.27 -0.35
C ALA A 16 -8.72 -5.52 -1.67
N LEU A 17 -8.79 -4.19 -1.61
CA LEU A 17 -8.59 -3.37 -2.79
C LEU A 17 -7.28 -2.59 -2.71
N ARG A 18 -6.28 -3.06 -3.44
CA ARG A 18 -4.97 -2.41 -3.45
C ARG A 18 -5.04 -1.06 -4.17
N GLU A 19 -4.51 -0.02 -3.52
CA GLU A 19 -4.52 1.31 -4.10
C GLU A 19 -3.12 1.70 -4.58
N THR A 20 -3.07 2.60 -5.55
CA THR A 20 -1.80 3.06 -6.11
C THR A 20 -1.67 4.57 -6.03
N GLY A 21 -0.44 5.06 -5.87
CA GLY A 21 -0.22 6.49 -5.78
C GLY A 21 1.19 6.88 -6.21
N VAL A 22 1.81 7.76 -5.43
CA VAL A 22 3.16 8.21 -5.75
C VAL A 22 3.91 8.61 -4.48
N ILE A 23 5.14 8.11 -4.34
CA ILE A 23 5.96 8.41 -3.18
C ILE A 23 6.24 9.90 -3.06
N GLU A 24 5.40 10.59 -2.29
CA GLU A 24 5.56 12.03 -2.10
C GLU A 24 6.81 12.35 -1.30
N LYS A 25 7.08 11.54 -0.28
CA LYS A 25 8.25 11.73 0.57
C LYS A 25 8.77 10.39 1.08
N LEU A 26 10.07 10.34 1.37
CA LEU A 26 10.69 9.11 1.87
C LEU A 26 11.75 9.43 2.91
N LEU A 27 11.79 8.64 3.99
CA LEU A 27 12.76 8.85 5.06
C LEU A 27 13.47 7.54 5.40
N THR A 28 14.31 7.57 6.41
CA THR A 28 15.05 6.39 6.84
C THR A 28 14.18 5.47 7.68
N SER A 29 13.16 6.05 8.32
CA SER A 29 12.25 5.28 9.16
C SER A 29 11.02 4.86 8.36
N TYR A 30 10.48 5.76 7.56
CA TYR A 30 9.31 5.49 6.76
C TYR A 30 9.17 6.50 5.62
N GLY A 31 8.08 6.40 4.87
CA GLY A 31 7.86 7.31 3.76
C GLY A 31 6.39 7.57 3.52
N PHE A 32 6.08 8.68 2.84
CA PHE A 32 4.71 9.05 2.54
C PHE A 32 4.37 8.78 1.08
N ILE A 33 3.11 8.45 0.82
CA ILE A 33 2.67 8.18 -0.54
C ILE A 33 1.42 8.99 -0.88
N GLN A 34 1.54 9.90 -1.85
CA GLN A 34 0.43 10.73 -2.27
C GLN A 34 -0.49 9.97 -3.21
N CYS A 35 -1.62 9.50 -2.69
CA CYS A 35 -2.58 8.75 -3.49
C CYS A 35 -2.94 9.51 -4.76
N SER A 36 -2.81 8.85 -5.90
CA SER A 36 -3.12 9.47 -7.18
C SER A 36 -4.56 9.18 -7.59
N GLU A 37 -5.32 8.60 -6.67
CA GLU A 37 -6.72 8.26 -6.94
C GLU A 37 -7.65 9.06 -6.05
N ARG A 38 -7.28 9.19 -4.78
CA ARG A 38 -8.09 9.93 -3.81
C ARG A 38 -7.49 11.30 -3.53
N GLN A 39 -6.29 11.53 -4.08
CA GLN A 39 -5.60 12.80 -3.89
C GLN A 39 -5.34 13.06 -2.41
N ALA A 40 -5.07 11.99 -1.66
CA ALA A 40 -4.80 12.10 -0.24
C ALA A 40 -3.40 11.58 0.10
N ARG A 41 -2.66 12.36 0.88
CA ARG A 41 -1.31 11.98 1.27
C ARG A 41 -1.34 10.89 2.32
N LEU A 42 -0.91 9.69 1.94
CA LEU A 42 -0.88 8.54 2.86
C LEU A 42 0.48 8.41 3.52
N PHE A 43 0.54 7.60 4.57
CA PHE A 43 1.79 7.38 5.29
C PHE A 43 2.13 5.89 5.35
N PHE A 44 3.15 5.50 4.59
CA PHE A 44 3.57 4.10 4.55
C PHE A 44 4.84 3.90 5.38
N HIS A 45 4.91 2.76 6.08
CA HIS A 45 6.07 2.45 6.91
C HIS A 45 7.06 1.58 6.14
N CYS A 46 8.35 1.86 6.33
CA CYS A 46 9.40 1.10 5.65
C CYS A 46 9.22 -0.39 5.86
N SER A 47 8.42 -0.74 6.87
CA SER A 47 8.18 -2.14 7.19
C SER A 47 7.13 -2.74 6.24
N GLN A 48 6.22 -1.89 5.78
CA GLN A 48 5.17 -2.33 4.86
C GLN A 48 5.76 -2.79 3.53
N TYR A 49 6.71 -2.03 3.01
CA TYR A 49 7.35 -2.36 1.75
C TYR A 49 7.92 -3.78 1.77
N ASN A 50 7.63 -4.54 0.73
CA ASN A 50 8.11 -5.92 0.63
C ASN A 50 9.55 -5.95 0.14
N GLY A 51 9.88 -5.06 -0.79
CA GLY A 51 11.23 -5.01 -1.32
C GLY A 51 12.20 -4.32 -0.38
N ASN A 52 13.16 -3.60 -0.95
CA ASN A 52 14.15 -2.89 -0.15
C ASN A 52 14.06 -1.38 -0.39
N LEU A 53 13.66 -0.66 0.65
CA LEU A 53 13.52 0.80 0.56
C LEU A 53 14.61 1.38 -0.34
N GLN A 54 15.82 0.86 -0.22
CA GLN A 54 16.95 1.34 -1.01
C GLN A 54 16.54 1.55 -2.47
N ASP A 55 15.89 0.54 -3.04
CA ASP A 55 15.43 0.62 -4.42
C ASP A 55 14.34 1.66 -4.58
N LEU A 56 13.48 1.77 -3.58
CA LEU A 56 12.38 2.72 -3.60
C LEU A 56 12.90 4.15 -3.60
N LYS A 57 12.11 5.07 -4.12
CA LYS A 57 12.49 6.48 -4.18
C LYS A 57 11.26 7.38 -4.34
N VAL A 58 11.42 8.65 -4.01
CA VAL A 58 10.33 9.61 -4.11
C VAL A 58 10.05 9.97 -5.57
N GLY A 59 8.80 9.76 -6.00
CA GLY A 59 8.43 10.07 -7.37
C GLY A 59 8.26 8.82 -8.22
N ASP A 60 8.04 7.68 -7.56
CA ASP A 60 7.86 6.42 -8.26
C ASP A 60 6.53 5.77 -7.88
N ASP A 61 5.89 5.14 -8.86
CA ASP A 61 4.62 4.47 -8.63
C ASP A 61 4.79 3.24 -7.75
N VAL A 62 3.82 3.00 -6.86
CA VAL A 62 3.87 1.86 -5.97
C VAL A 62 2.47 1.43 -5.53
N GLU A 63 2.27 0.12 -5.42
CA GLU A 63 0.97 -0.41 -5.03
C GLU A 63 0.96 -0.76 -3.54
N PHE A 64 -0.07 -0.31 -2.83
CA PHE A 64 -0.20 -0.57 -1.41
C PHE A 64 -1.66 -0.79 -1.02
N GLU A 65 -1.89 -1.11 0.24
CA GLU A 65 -3.24 -1.37 0.74
C GLU A 65 -3.60 -0.41 1.86
N VAL A 66 -4.71 0.31 1.69
CA VAL A 66 -5.16 1.27 2.70
C VAL A 66 -5.88 0.56 3.85
N SER A 67 -5.28 0.63 5.04
CA SER A 67 -5.87 -0.01 6.21
C SER A 67 -6.06 1.01 7.33
N SER A 68 -6.74 0.58 8.40
CA SER A 68 -7.00 1.45 9.54
C SER A 68 -6.05 1.13 10.70
N ASP A 69 -5.32 2.14 11.15
CA ASP A 69 -4.38 1.97 12.25
C ASP A 69 -5.10 1.46 13.50
N ARG A 70 -4.32 1.11 14.52
CA ARG A 70 -4.88 0.60 15.76
C ARG A 70 -4.67 1.61 16.90
N ARG A 71 -4.05 2.73 16.57
CA ARG A 71 -3.79 3.77 17.56
C ARG A 71 -4.53 5.06 17.21
N THR A 72 -4.65 5.33 15.91
CA THR A 72 -5.32 6.53 15.45
C THR A 72 -6.46 6.17 14.49
N GLY A 73 -6.54 4.90 14.11
CA GLY A 73 -7.58 4.45 13.20
C GLY A 73 -7.54 5.18 11.87
N LYS A 74 -6.43 5.88 11.62
CA LYS A 74 -6.27 6.62 10.37
C LYS A 74 -5.87 5.69 9.23
N PRO A 75 -6.24 6.08 8.00
CA PRO A 75 -5.93 5.30 6.81
C PRO A 75 -4.44 5.30 6.47
N ILE A 76 -3.77 4.20 6.79
CA ILE A 76 -2.33 4.08 6.52
C ILE A 76 -2.06 3.03 5.46
N ALA A 77 -0.90 3.13 4.82
CA ALA A 77 -0.51 2.18 3.79
C ALA A 77 0.21 0.97 4.38
N VAL A 78 -0.04 -0.20 3.81
CA VAL A 78 0.58 -1.43 4.28
C VAL A 78 0.89 -2.37 3.13
N LYS A 79 1.78 -3.33 3.37
CA LYS A 79 2.16 -4.30 2.36
C LYS A 79 2.46 -3.60 1.03
N LEU A 80 3.30 -2.57 1.09
CA LEU A 80 3.68 -1.82 -0.10
C LEU A 80 4.43 -2.71 -1.09
N VAL A 81 4.44 -2.31 -2.36
CA VAL A 81 5.11 -3.06 -3.40
C VAL A 81 5.28 -2.22 -4.67
N LYS A 82 6.49 -2.22 -5.20
CA LYS A 82 6.78 -1.46 -6.42
C LYS A 82 6.06 -2.05 -7.61
N ILE A 83 5.30 -1.23 -8.33
CA ILE A 83 4.56 -1.67 -9.50
C ILE A 83 5.50 -2.09 -10.62
N SER A 84 6.36 -1.18 -11.04
CA SER A 84 7.32 -1.45 -12.11
C SER A 84 8.56 -2.16 -11.57
N GLY A 85 8.93 -3.27 -12.20
CA GLY A 85 10.09 -4.02 -11.76
C GLY A 85 10.81 -4.70 -12.90
N PRO A 86 11.67 -3.95 -13.60
CA PRO A 86 12.44 -4.48 -14.74
C PRO A 86 13.50 -5.48 -14.31
N SER A 87 13.21 -6.76 -14.50
CA SER A 87 14.13 -7.83 -14.13
C SER A 87 15.34 -7.85 -15.07
N SER A 88 16.49 -8.20 -14.54
CA SER A 88 17.72 -8.27 -15.32
C SER A 88 18.29 -9.68 -15.32
N GLY A 89 18.29 -10.31 -14.15
CA GLY A 89 18.82 -11.66 -14.04
C GLY A 89 19.91 -11.77 -12.99
N GLY A 1 -15.83 -23.00 9.69
CA GLY A 1 -15.76 -24.30 10.32
C GLY A 1 -15.19 -25.36 9.38
N SER A 2 -16.02 -26.32 9.00
CA SER A 2 -15.59 -27.39 8.10
C SER A 2 -15.35 -26.86 6.70
N SER A 3 -14.11 -26.42 6.45
CA SER A 3 -13.74 -25.89 5.14
C SER A 3 -14.59 -24.67 4.81
N GLY A 4 -14.86 -23.85 5.80
CA GLY A 4 -15.67 -22.66 5.59
C GLY A 4 -15.06 -21.42 6.22
N SER A 5 -14.76 -20.42 5.41
CA SER A 5 -14.16 -19.18 5.90
C SER A 5 -15.17 -18.04 5.85
N SER A 6 -15.87 -17.84 6.96
CA SER A 6 -16.88 -16.78 7.05
C SER A 6 -16.35 -15.60 7.87
N GLY A 7 -16.98 -14.45 7.71
CA GLY A 7 -16.57 -13.27 8.44
C GLY A 7 -16.53 -12.03 7.57
N GLY A 8 -17.56 -11.19 7.69
CA GLY A 8 -17.62 -9.97 6.91
C GLY A 8 -19.05 -9.54 6.62
N TYR A 9 -19.88 -9.51 7.65
CA TYR A 9 -21.28 -9.12 7.50
C TYR A 9 -21.61 -7.94 8.42
N PRO A 10 -22.61 -7.14 8.02
CA PRO A 10 -23.35 -7.37 6.77
C PRO A 10 -22.49 -7.09 5.54
N ASN A 11 -22.57 -7.99 4.56
CA ASN A 11 -21.81 -7.83 3.32
C ASN A 11 -21.94 -6.42 2.78
N GLY A 12 -20.80 -5.82 2.40
CA GLY A 12 -20.81 -4.48 1.86
C GLY A 12 -19.52 -4.14 1.15
N THR A 13 -19.18 -4.92 0.12
CA THR A 13 -17.97 -4.69 -0.65
C THR A 13 -16.80 -4.37 0.27
N SER A 14 -16.67 -5.13 1.35
CA SER A 14 -15.59 -4.91 2.32
C SER A 14 -14.37 -5.75 1.95
N ALA A 15 -14.05 -5.78 0.65
CA ALA A 15 -12.91 -6.53 0.16
C ALA A 15 -11.66 -5.65 0.09
N ALA A 16 -10.50 -6.29 0.04
CA ALA A 16 -9.23 -5.56 -0.04
C ALA A 16 -9.06 -4.91 -1.40
N LEU A 17 -8.81 -3.60 -1.41
CA LEU A 17 -8.62 -2.86 -2.64
C LEU A 17 -7.26 -2.17 -2.66
N ARG A 18 -6.31 -2.78 -3.36
CA ARG A 18 -4.96 -2.24 -3.45
C ARG A 18 -4.96 -0.91 -4.21
N GLU A 19 -4.54 0.16 -3.54
CA GLU A 19 -4.49 1.48 -4.15
C GLU A 19 -3.11 1.79 -4.69
N THR A 20 -3.05 2.66 -5.69
CA THR A 20 -1.78 3.04 -6.31
C THR A 20 -1.62 4.55 -6.34
N GLY A 21 -0.41 5.02 -6.06
CA GLY A 21 -0.15 6.46 -6.07
C GLY A 21 1.29 6.78 -6.42
N VAL A 22 1.95 7.54 -5.55
CA VAL A 22 3.34 7.92 -5.78
C VAL A 22 4.03 8.26 -4.46
N ILE A 23 5.34 8.06 -4.41
CA ILE A 23 6.12 8.36 -3.22
C ILE A 23 6.40 9.85 -3.10
N GLU A 24 5.51 10.57 -2.42
CA GLU A 24 5.67 12.00 -2.23
C GLU A 24 6.89 12.32 -1.39
N LYS A 25 7.04 11.60 -0.29
CA LYS A 25 8.18 11.79 0.60
C LYS A 25 8.71 10.46 1.11
N LEU A 26 9.99 10.43 1.45
CA LEU A 26 10.63 9.21 1.95
C LEU A 26 11.70 9.54 2.98
N LEU A 27 11.76 8.74 4.04
CA LEU A 27 12.74 8.94 5.10
C LEU A 27 13.46 7.63 5.44
N THR A 28 14.32 7.68 6.45
CA THR A 28 15.06 6.50 6.88
C THR A 28 14.19 5.59 7.76
N SER A 29 13.13 6.16 8.31
CA SER A 29 12.23 5.40 9.17
C SER A 29 10.97 5.01 8.41
N TYR A 30 10.47 5.91 7.58
CA TYR A 30 9.26 5.67 6.80
C TYR A 30 9.11 6.68 5.68
N GLY A 31 8.01 6.60 4.94
CA GLY A 31 7.76 7.52 3.85
C GLY A 31 6.29 7.76 3.61
N PHE A 32 5.97 8.78 2.81
CA PHE A 32 4.59 9.10 2.51
C PHE A 32 4.29 8.88 1.03
N ILE A 33 3.10 8.38 0.74
CA ILE A 33 2.69 8.11 -0.63
C ILE A 33 1.46 8.93 -1.01
N GLN A 34 1.61 9.79 -2.01
CA GLN A 34 0.50 10.62 -2.47
C GLN A 34 -0.46 9.83 -3.34
N CYS A 35 -1.64 9.52 -2.80
CA CYS A 35 -2.65 8.77 -3.53
C CYS A 35 -3.16 9.56 -4.73
N SER A 36 -2.82 9.10 -5.93
CA SER A 36 -3.23 9.76 -7.15
C SER A 36 -4.66 9.39 -7.51
N GLU A 37 -5.33 8.69 -6.60
CA GLU A 37 -6.70 8.26 -6.83
C GLU A 37 -7.67 9.03 -5.92
N ARG A 38 -7.27 9.25 -4.69
CA ARG A 38 -8.09 9.97 -3.72
C ARG A 38 -7.55 11.38 -3.49
N GLN A 39 -6.39 11.67 -4.07
CA GLN A 39 -5.77 12.98 -3.93
C GLN A 39 -5.43 13.26 -2.48
N ALA A 40 -4.95 12.24 -1.78
CA ALA A 40 -4.57 12.38 -0.37
C ALA A 40 -3.22 11.77 -0.10
N ARG A 41 -2.42 12.45 0.72
CA ARG A 41 -1.08 11.96 1.06
C ARG A 41 -1.14 10.94 2.19
N LEU A 42 -0.82 9.70 1.88
CA LEU A 42 -0.83 8.62 2.86
C LEU A 42 0.52 8.48 3.54
N PHE A 43 0.57 7.68 4.60
CA PHE A 43 1.81 7.47 5.34
C PHE A 43 2.15 5.98 5.41
N PHE A 44 3.13 5.56 4.62
CA PHE A 44 3.55 4.17 4.59
C PHE A 44 4.83 3.97 5.41
N HIS A 45 4.88 2.86 6.15
CA HIS A 45 6.03 2.55 6.97
C HIS A 45 7.04 1.68 6.22
N CYS A 46 8.32 1.96 6.41
CA CYS A 46 9.38 1.21 5.74
C CYS A 46 9.22 -0.29 5.98
N SER A 47 8.41 -0.63 6.97
CA SER A 47 8.17 -2.03 7.31
C SER A 47 7.15 -2.66 6.38
N GLN A 48 6.21 -1.84 5.91
CA GLN A 48 5.17 -2.32 5.00
C GLN A 48 5.77 -2.81 3.69
N TYR A 49 6.59 -1.97 3.07
CA TYR A 49 7.22 -2.32 1.81
C TYR A 49 7.93 -3.67 1.91
N ASN A 50 7.59 -4.56 0.98
CA ASN A 50 8.19 -5.90 0.96
C ASN A 50 9.59 -5.85 0.35
N GLY A 51 9.73 -5.08 -0.72
CA GLY A 51 11.02 -4.97 -1.39
C GLY A 51 12.09 -4.37 -0.48
N ASN A 52 12.98 -3.57 -1.06
CA ASN A 52 14.05 -2.94 -0.31
C ASN A 52 14.01 -1.43 -0.46
N LEU A 53 13.70 -0.73 0.62
CA LEU A 53 13.62 0.72 0.61
C LEU A 53 14.67 1.31 -0.33
N GLN A 54 15.88 0.77 -0.27
CA GLN A 54 16.97 1.25 -1.12
C GLN A 54 16.48 1.45 -2.56
N ASP A 55 15.80 0.45 -3.10
CA ASP A 55 15.28 0.52 -4.46
C ASP A 55 14.20 1.59 -4.57
N LEU A 56 13.40 1.72 -3.53
CA LEU A 56 12.31 2.71 -3.51
C LEU A 56 12.88 4.13 -3.45
N LYS A 57 12.15 5.07 -4.04
CA LYS A 57 12.57 6.47 -4.06
C LYS A 57 11.38 7.39 -4.22
N VAL A 58 11.58 8.67 -3.92
CA VAL A 58 10.51 9.67 -4.04
C VAL A 58 10.26 10.02 -5.49
N GLY A 59 9.11 9.60 -6.02
CA GLY A 59 8.76 9.88 -7.39
C GLY A 59 8.56 8.63 -8.22
N ASP A 60 8.37 7.50 -7.53
CA ASP A 60 8.16 6.23 -8.20
C ASP A 60 6.80 5.64 -7.85
N ASP A 61 6.13 5.06 -8.85
CA ASP A 61 4.82 4.46 -8.63
C ASP A 61 4.93 3.21 -7.75
N VAL A 62 3.98 3.07 -6.83
CA VAL A 62 3.97 1.92 -5.92
C VAL A 62 2.55 1.58 -5.48
N GLU A 63 2.27 0.28 -5.37
CA GLU A 63 0.94 -0.17 -4.97
C GLU A 63 0.93 -0.55 -3.49
N PHE A 64 -0.14 -0.17 -2.80
CA PHE A 64 -0.27 -0.48 -1.38
C PHE A 64 -1.74 -0.71 -1.01
N GLU A 65 -1.97 -1.06 0.26
CA GLU A 65 -3.33 -1.32 0.73
C GLU A 65 -3.67 -0.42 1.91
N VAL A 66 -4.80 0.29 1.81
CA VAL A 66 -5.24 1.18 2.86
C VAL A 66 -5.90 0.41 4.00
N SER A 67 -5.34 0.53 5.19
CA SER A 67 -5.87 -0.15 6.36
C SER A 67 -6.14 0.84 7.49
N SER A 68 -6.65 0.32 8.62
CA SER A 68 -6.96 1.16 9.77
C SER A 68 -6.14 0.74 10.98
N ASP A 69 -5.15 1.57 11.31
CA ASP A 69 -4.29 1.29 12.45
C ASP A 69 -5.10 0.94 13.68
N ARG A 70 -4.43 0.47 14.73
CA ARG A 70 -5.09 0.09 15.97
C ARG A 70 -4.75 1.06 17.09
N ARG A 71 -3.73 1.89 16.87
CA ARG A 71 -3.31 2.87 17.87
C ARG A 71 -3.89 4.24 17.56
N THR A 72 -3.90 4.60 16.29
CA THR A 72 -4.43 5.90 15.85
C THR A 72 -5.69 5.72 15.02
N GLY A 73 -5.91 4.50 14.54
CA GLY A 73 -7.09 4.23 13.73
C GLY A 73 -7.13 5.05 12.45
N LYS A 74 -5.97 5.59 12.07
CA LYS A 74 -5.88 6.41 10.87
C LYS A 74 -5.57 5.54 9.64
N PRO A 75 -6.01 6.00 8.46
CA PRO A 75 -5.79 5.28 7.21
C PRO A 75 -4.33 5.30 6.78
N ILE A 76 -3.64 4.18 6.99
CA ILE A 76 -2.23 4.07 6.63
C ILE A 76 -2.03 3.02 5.54
N ALA A 77 -0.85 3.03 4.93
CA ALA A 77 -0.53 2.07 3.88
C ALA A 77 0.11 0.81 4.46
N VAL A 78 -0.07 -0.31 3.76
CA VAL A 78 0.48 -1.58 4.22
C VAL A 78 0.78 -2.50 3.03
N LYS A 79 1.66 -3.46 3.25
CA LYS A 79 2.04 -4.40 2.20
C LYS A 79 2.37 -3.67 0.90
N LEU A 80 3.22 -2.67 0.99
CA LEU A 80 3.62 -1.88 -0.17
C LEU A 80 4.36 -2.75 -1.19
N VAL A 81 4.25 -2.39 -2.46
CA VAL A 81 4.90 -3.14 -3.53
C VAL A 81 5.15 -2.26 -4.75
N LYS A 82 6.38 -2.26 -5.23
CA LYS A 82 6.76 -1.47 -6.40
C LYS A 82 6.05 -1.97 -7.64
N ILE A 83 5.25 -1.10 -8.25
CA ILE A 83 4.51 -1.47 -9.47
C ILE A 83 5.46 -1.92 -10.57
N SER A 84 6.35 -1.02 -10.99
CA SER A 84 7.31 -1.33 -12.04
C SER A 84 8.62 -1.85 -11.44
N GLY A 85 8.74 -3.17 -11.36
CA GLY A 85 9.94 -3.76 -10.81
C GLY A 85 9.67 -5.11 -10.14
N PRO A 86 9.60 -6.17 -10.95
CA PRO A 86 9.34 -7.53 -10.45
C PRO A 86 10.52 -8.08 -9.66
N SER A 87 10.29 -8.35 -8.37
CA SER A 87 11.33 -8.89 -7.51
C SER A 87 11.72 -10.30 -7.94
N SER A 88 13.03 -10.56 -7.95
CA SER A 88 13.53 -11.87 -8.34
C SER A 88 14.55 -12.39 -7.33
N GLY A 89 14.55 -13.71 -7.11
CA GLY A 89 15.47 -14.30 -6.15
C GLY A 89 14.76 -14.93 -4.97
N GLY A 1 -5.41 -28.54 -16.16
CA GLY A 1 -6.55 -27.80 -15.68
C GLY A 1 -7.86 -28.55 -15.85
N SER A 2 -8.97 -27.84 -15.75
CA SER A 2 -10.28 -28.45 -15.89
C SER A 2 -11.36 -27.40 -16.16
N SER A 3 -12.16 -27.63 -17.20
CA SER A 3 -13.22 -26.70 -17.56
C SER A 3 -13.98 -26.22 -16.32
N GLY A 4 -13.78 -24.96 -15.96
CA GLY A 4 -14.46 -24.41 -14.81
C GLY A 4 -15.45 -23.32 -15.17
N SER A 5 -16.46 -23.69 -15.94
CA SER A 5 -17.47 -22.73 -16.38
C SER A 5 -18.37 -22.34 -15.20
N SER A 6 -17.90 -21.38 -14.41
CA SER A 6 -18.66 -20.91 -13.25
C SER A 6 -19.07 -19.46 -13.43
N GLY A 7 -18.16 -18.66 -13.99
CA GLY A 7 -18.46 -17.25 -14.21
C GLY A 7 -18.01 -16.38 -13.05
N GLY A 8 -18.98 -15.82 -12.31
CA GLY A 8 -18.66 -14.98 -11.19
C GLY A 8 -19.90 -14.50 -10.46
N TYR A 9 -20.75 -15.43 -10.06
CA TYR A 9 -21.98 -15.09 -9.36
C TYR A 9 -22.42 -16.24 -8.45
N PRO A 10 -23.12 -15.89 -7.36
CA PRO A 10 -23.46 -14.50 -7.05
C PRO A 10 -22.24 -13.69 -6.64
N ASN A 11 -22.15 -12.46 -7.15
CA ASN A 11 -21.02 -11.57 -6.85
C ASN A 11 -20.55 -11.79 -5.41
N GLY A 12 -19.24 -11.94 -5.24
CA GLY A 12 -18.68 -12.15 -3.93
C GLY A 12 -18.51 -10.85 -3.16
N THR A 13 -17.39 -10.71 -2.46
CA THR A 13 -17.11 -9.51 -1.68
C THR A 13 -15.61 -9.36 -1.44
N SER A 14 -15.03 -8.32 -2.02
CA SER A 14 -13.60 -8.05 -1.86
C SER A 14 -13.36 -6.91 -0.88
N ALA A 15 -13.06 -7.24 0.36
CA ALA A 15 -12.81 -6.25 1.39
C ALA A 15 -11.40 -5.67 1.26
N ALA A 16 -10.60 -6.27 0.39
CA ALA A 16 -9.23 -5.81 0.17
C ALA A 16 -9.07 -5.21 -1.22
N LEU A 17 -8.63 -3.96 -1.27
CA LEU A 17 -8.43 -3.27 -2.54
C LEU A 17 -7.10 -2.53 -2.56
N ARG A 18 -6.16 -3.02 -3.37
CA ARG A 18 -4.85 -2.41 -3.48
C ARG A 18 -4.92 -1.10 -4.25
N GLU A 19 -4.46 -0.02 -3.62
CA GLU A 19 -4.48 1.30 -4.24
C GLU A 19 -3.07 1.69 -4.71
N THR A 20 -3.02 2.56 -5.73
CA THR A 20 -1.75 3.02 -6.26
C THR A 20 -1.64 4.53 -6.18
N GLY A 21 -0.42 5.02 -6.01
CA GLY A 21 -0.19 6.46 -5.92
C GLY A 21 1.22 6.85 -6.31
N VAL A 22 1.81 7.75 -5.53
CA VAL A 22 3.18 8.22 -5.80
C VAL A 22 3.87 8.61 -4.51
N ILE A 23 5.10 8.12 -4.33
CA ILE A 23 5.89 8.43 -3.14
C ILE A 23 6.17 9.92 -3.04
N GLU A 24 5.34 10.63 -2.30
CA GLU A 24 5.52 12.07 -2.12
C GLU A 24 6.76 12.37 -1.28
N LYS A 25 6.93 11.63 -0.20
CA LYS A 25 8.07 11.81 0.69
C LYS A 25 8.65 10.47 1.11
N LEU A 26 9.93 10.46 1.46
CA LEU A 26 10.60 9.24 1.89
C LEU A 26 11.68 9.55 2.92
N LEU A 27 11.77 8.71 3.95
CA LEU A 27 12.76 8.89 5.00
C LEU A 27 13.49 7.59 5.30
N THR A 28 14.34 7.60 6.33
CA THR A 28 15.09 6.42 6.72
C THR A 28 14.24 5.49 7.58
N SER A 29 13.21 6.06 8.22
CA SER A 29 12.32 5.28 9.07
C SER A 29 11.06 4.87 8.32
N TYR A 30 10.53 5.80 7.52
CA TYR A 30 9.32 5.54 6.75
C TYR A 30 9.16 6.56 5.63
N GLY A 31 8.10 6.39 4.85
CA GLY A 31 7.84 7.31 3.75
C GLY A 31 6.37 7.56 3.51
N PHE A 32 6.05 8.62 2.79
CA PHE A 32 4.66 8.97 2.51
C PHE A 32 4.33 8.72 1.05
N ILE A 33 3.06 8.45 0.77
CA ILE A 33 2.62 8.20 -0.60
C ILE A 33 1.38 9.03 -0.95
N GLN A 34 1.53 9.95 -1.88
CA GLN A 34 0.43 10.81 -2.29
C GLN A 34 -0.51 10.06 -3.23
N CYS A 35 -1.51 9.39 -2.66
CA CYS A 35 -2.48 8.63 -3.45
C CYS A 35 -2.82 9.37 -4.74
N SER A 36 -2.80 8.65 -5.85
CA SER A 36 -3.11 9.23 -7.15
C SER A 36 -4.56 8.94 -7.55
N GLU A 37 -5.29 8.29 -6.65
CA GLU A 37 -6.69 7.96 -6.91
C GLU A 37 -7.62 8.80 -6.05
N ARG A 38 -7.24 9.01 -4.79
CA ARG A 38 -8.04 9.81 -3.87
C ARG A 38 -7.43 11.18 -3.68
N GLN A 39 -6.20 11.36 -4.15
CA GLN A 39 -5.51 12.64 -4.02
C GLN A 39 -5.27 12.98 -2.56
N ALA A 40 -4.71 12.04 -1.82
CA ALA A 40 -4.41 12.25 -0.41
C ALA A 40 -3.01 11.77 -0.05
N ARG A 41 -2.36 12.47 0.88
CA ARG A 41 -1.01 12.12 1.30
C ARG A 41 -1.05 11.01 2.34
N LEU A 42 -0.77 9.79 1.91
CA LEU A 42 -0.77 8.64 2.81
C LEU A 42 0.57 8.49 3.50
N PHE A 43 0.61 7.69 4.56
CA PHE A 43 1.85 7.47 5.31
C PHE A 43 2.19 5.98 5.36
N PHE A 44 3.17 5.58 4.58
CA PHE A 44 3.60 4.19 4.53
C PHE A 44 4.86 3.97 5.36
N HIS A 45 4.91 2.86 6.10
CA HIS A 45 6.06 2.54 6.93
C HIS A 45 7.06 1.69 6.17
N CYS A 46 8.35 1.99 6.35
CA CYS A 46 9.41 1.25 5.67
C CYS A 46 9.25 -0.25 5.91
N SER A 47 8.46 -0.61 6.91
CA SER A 47 8.24 -2.01 7.25
C SER A 47 7.21 -2.64 6.31
N GLN A 48 6.27 -1.83 5.85
CA GLN A 48 5.23 -2.30 4.94
C GLN A 48 5.83 -2.79 3.63
N TYR A 49 6.74 -2.00 3.07
CA TYR A 49 7.39 -2.35 1.81
C TYR A 49 8.07 -3.70 1.91
N ASN A 50 7.78 -4.58 0.95
CA ASN A 50 8.36 -5.91 0.93
C ASN A 50 9.78 -5.88 0.36
N GLY A 51 9.99 -5.02 -0.64
CA GLY A 51 11.30 -4.91 -1.25
C GLY A 51 12.31 -4.22 -0.35
N ASN A 52 13.14 -3.35 -0.93
CA ASN A 52 14.14 -2.63 -0.17
C ASN A 52 14.05 -1.13 -0.43
N LEU A 53 13.61 -0.39 0.58
CA LEU A 53 13.47 1.06 0.47
C LEU A 53 14.57 1.64 -0.43
N GLN A 54 15.78 1.12 -0.28
CA GLN A 54 16.91 1.59 -1.08
C GLN A 54 16.50 1.79 -2.53
N ASP A 55 15.87 0.78 -3.12
CA ASP A 55 15.42 0.86 -4.51
C ASP A 55 14.31 1.90 -4.67
N LEU A 56 13.44 1.99 -3.66
CA LEU A 56 12.34 2.94 -3.70
C LEU A 56 12.85 4.37 -3.61
N LYS A 57 12.14 5.29 -4.26
CA LYS A 57 12.53 6.70 -4.25
C LYS A 57 11.30 7.59 -4.36
N VAL A 58 11.44 8.83 -3.90
CA VAL A 58 10.34 9.79 -3.95
C VAL A 58 10.00 10.16 -5.39
N GLY A 59 8.79 9.79 -5.83
CA GLY A 59 8.37 10.09 -7.17
C GLY A 59 8.21 8.85 -8.03
N ASP A 60 8.15 7.69 -7.37
CA ASP A 60 7.99 6.42 -8.07
C ASP A 60 6.66 5.77 -7.72
N ASP A 61 5.99 5.22 -8.72
CA ASP A 61 4.71 4.56 -8.52
C ASP A 61 4.88 3.30 -7.67
N VAL A 62 3.88 3.03 -6.82
CA VAL A 62 3.92 1.86 -5.94
C VAL A 62 2.51 1.47 -5.51
N GLU A 63 2.28 0.16 -5.43
CA GLU A 63 0.98 -0.35 -5.01
C GLU A 63 0.96 -0.69 -3.52
N PHE A 64 -0.09 -0.26 -2.84
CA PHE A 64 -0.22 -0.51 -1.41
C PHE A 64 -1.68 -0.77 -1.03
N GLU A 65 -1.92 -1.08 0.23
CA GLU A 65 -3.27 -1.35 0.72
C GLU A 65 -3.63 -0.42 1.87
N VAL A 66 -4.75 0.28 1.72
CA VAL A 66 -5.21 1.21 2.76
C VAL A 66 -5.89 0.47 3.91
N SER A 67 -5.34 0.64 5.11
CA SER A 67 -5.90 -0.02 6.29
C SER A 67 -6.10 0.98 7.42
N SER A 68 -6.85 0.57 8.43
CA SER A 68 -7.13 1.43 9.58
C SER A 68 -6.32 0.98 10.80
N ASP A 69 -5.32 1.78 11.17
CA ASP A 69 -4.48 1.47 12.31
C ASP A 69 -5.32 1.09 13.52
N ARG A 70 -4.65 0.69 14.61
CA ARG A 70 -5.34 0.31 15.83
C ARG A 70 -5.03 1.28 16.96
N ARG A 71 -3.97 2.06 16.79
CA ARG A 71 -3.56 3.04 17.79
C ARG A 71 -4.14 4.42 17.47
N THR A 72 -4.09 4.79 16.19
CA THR A 72 -4.60 6.08 15.76
C THR A 72 -5.87 5.92 14.93
N GLY A 73 -6.07 4.73 14.38
CA GLY A 73 -7.25 4.48 13.58
C GLY A 73 -7.24 5.27 12.28
N LYS A 74 -6.09 5.80 11.92
CA LYS A 74 -5.95 6.58 10.69
C LYS A 74 -5.62 5.68 9.51
N PRO A 75 -6.01 6.11 8.30
CA PRO A 75 -5.77 5.36 7.07
C PRO A 75 -4.29 5.34 6.69
N ILE A 76 -3.64 4.20 6.91
CA ILE A 76 -2.22 4.05 6.58
C ILE A 76 -2.01 2.97 5.52
N ALA A 77 -0.87 3.04 4.85
CA ALA A 77 -0.54 2.07 3.81
C ALA A 77 0.15 0.84 4.41
N VAL A 78 -0.05 -0.31 3.77
CA VAL A 78 0.56 -1.55 4.24
C VAL A 78 0.86 -2.48 3.09
N LYS A 79 1.76 -3.44 3.32
CA LYS A 79 2.15 -4.40 2.30
C LYS A 79 2.45 -3.70 0.98
N LEU A 80 3.29 -2.66 1.05
CA LEU A 80 3.67 -1.90 -0.13
C LEU A 80 4.40 -2.79 -1.14
N VAL A 81 4.24 -2.47 -2.42
CA VAL A 81 4.90 -3.24 -3.47
C VAL A 81 5.10 -2.38 -4.73
N LYS A 82 6.34 -2.34 -5.20
CA LYS A 82 6.67 -1.57 -6.39
C LYS A 82 5.96 -2.12 -7.62
N ILE A 83 5.19 -1.27 -8.29
CA ILE A 83 4.46 -1.67 -9.48
C ILE A 83 5.42 -2.06 -10.61
N SER A 84 6.42 -1.22 -10.85
CA SER A 84 7.40 -1.48 -11.90
C SER A 84 8.63 -2.18 -11.32
N GLY A 85 8.89 -3.39 -11.81
CA GLY A 85 10.04 -4.15 -11.34
C GLY A 85 10.54 -5.15 -12.37
N PRO A 86 11.42 -4.69 -13.26
CA PRO A 86 11.99 -5.54 -14.32
C PRO A 86 12.94 -6.60 -13.76
N SER A 87 12.61 -7.86 -13.97
CA SER A 87 13.44 -8.97 -13.49
C SER A 87 14.38 -9.46 -14.58
N SER A 88 15.13 -10.51 -14.28
CA SER A 88 16.08 -11.07 -15.23
C SER A 88 15.37 -11.98 -16.23
N GLY A 89 16.13 -12.53 -17.16
CA GLY A 89 15.56 -13.42 -18.17
C GLY A 89 14.78 -14.56 -17.55
N GLY A 1 -29.30 -20.83 18.61
CA GLY A 1 -28.49 -21.18 17.47
C GLY A 1 -28.54 -20.15 16.36
N SER A 2 -27.72 -20.33 15.33
CA SER A 2 -27.68 -19.39 14.21
C SER A 2 -28.49 -19.94 13.03
N SER A 3 -29.78 -19.58 13.00
CA SER A 3 -30.66 -20.04 11.93
C SER A 3 -29.98 -19.90 10.57
N GLY A 4 -29.45 -18.71 10.29
CA GLY A 4 -28.78 -18.48 9.03
C GLY A 4 -29.55 -17.53 8.12
N SER A 5 -29.24 -16.24 8.21
CA SER A 5 -29.92 -15.24 7.40
C SER A 5 -29.04 -14.82 6.22
N SER A 6 -29.20 -15.51 5.11
CA SER A 6 -28.41 -15.21 3.91
C SER A 6 -29.33 -14.77 2.77
N GLY A 7 -28.77 -13.98 1.85
CA GLY A 7 -29.54 -13.50 0.72
C GLY A 7 -30.18 -12.14 0.99
N GLY A 8 -29.34 -11.16 1.34
CA GLY A 8 -29.85 -9.83 1.62
C GLY A 8 -28.82 -8.95 2.30
N TYR A 9 -29.27 -7.86 2.90
CA TYR A 9 -28.38 -6.93 3.57
C TYR A 9 -27.65 -7.62 4.72
N PRO A 10 -26.47 -7.10 5.07
CA PRO A 10 -25.89 -5.93 4.40
C PRO A 10 -25.44 -6.23 2.98
N ASN A 11 -25.85 -5.40 2.03
CA ASN A 11 -25.49 -5.58 0.64
C ASN A 11 -23.98 -5.61 0.46
N GLY A 12 -23.42 -6.82 0.37
CA GLY A 12 -21.99 -6.97 0.20
C GLY A 12 -21.20 -6.35 1.36
N THR A 13 -20.11 -7.01 1.75
CA THR A 13 -19.28 -6.53 2.84
C THR A 13 -18.10 -5.71 2.31
N SER A 14 -18.08 -4.43 2.67
CA SER A 14 -17.00 -3.54 2.24
C SER A 14 -15.67 -4.27 2.19
N ALA A 15 -15.22 -4.60 0.99
CA ALA A 15 -13.95 -5.29 0.81
C ALA A 15 -12.85 -4.33 0.38
N ALA A 16 -11.70 -4.44 1.04
CA ALA A 16 -10.56 -3.57 0.74
C ALA A 16 -9.88 -4.01 -0.55
N LEU A 17 -9.07 -3.11 -1.12
CA LEU A 17 -8.36 -3.39 -2.35
C LEU A 17 -7.03 -2.65 -2.40
N ARG A 18 -6.13 -3.11 -3.28
CA ARG A 18 -4.82 -2.48 -3.41
C ARG A 18 -4.91 -1.19 -4.22
N GLU A 19 -4.50 -0.09 -3.61
CA GLU A 19 -4.55 1.21 -4.27
C GLU A 19 -3.16 1.62 -4.77
N THR A 20 -3.11 2.44 -5.80
CA THR A 20 -1.86 2.91 -6.36
C THR A 20 -1.72 4.42 -6.23
N GLY A 21 -0.51 4.87 -5.94
CA GLY A 21 -0.26 6.30 -5.79
C GLY A 21 1.15 6.69 -6.18
N VAL A 22 1.76 7.56 -5.38
CA VAL A 22 3.12 8.02 -5.65
C VAL A 22 3.84 8.39 -4.36
N ILE A 23 5.14 8.13 -4.31
CA ILE A 23 5.94 8.43 -3.14
C ILE A 23 6.26 9.93 -3.06
N GLU A 24 5.42 10.67 -2.34
CA GLU A 24 5.62 12.10 -2.19
C GLU A 24 6.87 12.41 -1.35
N LYS A 25 7.07 11.61 -0.31
CA LYS A 25 8.22 11.79 0.57
C LYS A 25 8.75 10.45 1.05
N LEU A 26 10.03 10.41 1.40
CA LEU A 26 10.66 9.19 1.89
C LEU A 26 11.73 9.49 2.92
N LEU A 27 11.75 8.70 3.99
CA LEU A 27 12.73 8.90 5.06
C LEU A 27 13.45 7.59 5.37
N THR A 28 14.30 7.61 6.40
CA THR A 28 15.05 6.43 6.80
C THR A 28 14.20 5.48 7.64
N SER A 29 13.16 6.03 8.25
CA SER A 29 12.26 5.25 9.10
C SER A 29 11.00 4.86 8.33
N TYR A 30 10.48 5.80 7.54
CA TYR A 30 9.27 5.56 6.77
C TYR A 30 9.16 6.56 5.62
N GLY A 31 8.05 6.49 4.89
CA GLY A 31 7.84 7.39 3.77
C GLY A 31 6.38 7.69 3.53
N PHE A 32 6.09 8.76 2.79
CA PHE A 32 4.72 9.15 2.50
C PHE A 32 4.38 8.85 1.04
N ILE A 33 3.14 8.45 0.80
CA ILE A 33 2.68 8.14 -0.55
C ILE A 33 1.44 8.93 -0.91
N GLN A 34 1.59 9.88 -1.84
CA GLN A 34 0.48 10.71 -2.27
C GLN A 34 -0.42 9.95 -3.25
N CYS A 35 -1.49 9.36 -2.73
CA CYS A 35 -2.42 8.60 -3.56
C CYS A 35 -2.80 9.39 -4.81
N SER A 36 -2.86 8.69 -5.94
CA SER A 36 -3.19 9.32 -7.21
C SER A 36 -4.67 9.10 -7.55
N GLU A 37 -5.32 8.22 -6.80
CA GLU A 37 -6.73 7.93 -7.02
C GLU A 37 -7.61 8.74 -6.07
N ARG A 38 -7.21 8.81 -4.80
CA ARG A 38 -7.95 9.56 -3.80
C ARG A 38 -7.35 10.94 -3.59
N GLN A 39 -6.14 11.14 -4.11
CA GLN A 39 -5.45 12.41 -3.97
C GLN A 39 -5.25 12.76 -2.50
N ALA A 40 -4.64 11.85 -1.76
CA ALA A 40 -4.39 12.06 -0.33
C ALA A 40 -2.99 11.58 0.05
N ARG A 41 -2.30 12.37 0.86
CA ARG A 41 -0.95 12.04 1.30
C ARG A 41 -0.99 10.96 2.38
N LEU A 42 -0.73 9.72 1.98
CA LEU A 42 -0.73 8.59 2.92
C LEU A 42 0.63 8.45 3.59
N PHE A 43 0.67 7.67 4.67
CA PHE A 43 1.90 7.44 5.40
C PHE A 43 2.23 5.95 5.45
N PHE A 44 3.26 5.55 4.70
CA PHE A 44 3.67 4.15 4.66
C PHE A 44 4.94 3.95 5.47
N HIS A 45 5.02 2.81 6.18
CA HIS A 45 6.17 2.49 7.00
C HIS A 45 7.15 1.62 6.23
N CYS A 46 8.45 1.86 6.43
CA CYS A 46 9.48 1.09 5.75
C CYS A 46 9.26 -0.41 5.95
N SER A 47 8.43 -0.76 6.92
CA SER A 47 8.13 -2.16 7.21
C SER A 47 7.09 -2.69 6.24
N GLN A 48 6.20 -1.82 5.79
CA GLN A 48 5.14 -2.21 4.86
C GLN A 48 5.73 -2.72 3.56
N TYR A 49 6.64 -1.95 2.98
CA TYR A 49 7.28 -2.31 1.72
C TYR A 49 7.95 -3.69 1.83
N ASN A 50 7.46 -4.65 1.05
CA ASN A 50 8.01 -5.99 1.05
C ASN A 50 9.26 -6.08 0.20
N GLY A 51 9.67 -4.94 -0.36
CA GLY A 51 10.85 -4.91 -1.19
C GLY A 51 12.06 -4.34 -0.47
N ASN A 52 12.92 -3.66 -1.21
CA ASN A 52 14.13 -3.07 -0.63
C ASN A 52 14.07 -1.55 -0.69
N LEU A 53 13.86 -0.92 0.46
CA LEU A 53 13.78 0.54 0.53
C LEU A 53 14.82 1.19 -0.38
N GLN A 54 16.00 0.59 -0.44
CA GLN A 54 17.08 1.11 -1.28
C GLN A 54 16.59 1.35 -2.70
N ASP A 55 15.90 0.37 -3.26
CA ASP A 55 15.36 0.46 -4.61
C ASP A 55 14.25 1.51 -4.68
N LEU A 56 13.52 1.67 -3.59
CA LEU A 56 12.42 2.62 -3.53
C LEU A 56 12.95 4.06 -3.50
N LYS A 57 12.12 4.99 -3.93
CA LYS A 57 12.49 6.40 -3.95
C LYS A 57 11.27 7.30 -4.08
N VAL A 58 11.46 8.60 -3.90
CA VAL A 58 10.38 9.56 -4.01
C VAL A 58 10.10 9.92 -5.46
N GLY A 59 8.90 9.61 -5.93
CA GLY A 59 8.52 9.91 -7.30
C GLY A 59 8.35 8.67 -8.15
N ASP A 60 8.15 7.53 -7.48
CA ASP A 60 7.97 6.27 -8.18
C ASP A 60 6.64 5.62 -7.81
N ASP A 61 5.86 5.24 -8.80
CA ASP A 61 4.56 4.62 -8.58
C ASP A 61 4.72 3.35 -7.73
N VAL A 62 3.78 3.14 -6.82
CA VAL A 62 3.81 1.97 -5.94
C VAL A 62 2.40 1.57 -5.51
N GLU A 63 2.16 0.27 -5.42
CA GLU A 63 0.86 -0.24 -5.02
C GLU A 63 0.87 -0.64 -3.54
N PHE A 64 -0.15 -0.21 -2.81
CA PHE A 64 -0.26 -0.52 -1.39
C PHE A 64 -1.71 -0.80 -1.01
N GLU A 65 -1.93 -1.16 0.25
CA GLU A 65 -3.27 -1.45 0.75
C GLU A 65 -3.67 -0.48 1.86
N VAL A 66 -4.74 0.27 1.63
CA VAL A 66 -5.22 1.23 2.62
C VAL A 66 -5.96 0.52 3.76
N SER A 67 -5.43 0.68 4.97
CA SER A 67 -6.03 0.06 6.15
C SER A 67 -6.19 1.08 7.28
N SER A 68 -6.77 0.63 8.39
CA SER A 68 -6.99 1.50 9.54
C SER A 68 -6.20 1.00 10.75
N ASP A 69 -5.33 1.86 11.27
CA ASP A 69 -4.51 1.51 12.42
C ASP A 69 -5.39 1.07 13.59
N ARG A 70 -4.74 0.69 14.69
CA ARG A 70 -5.47 0.24 15.88
C ARG A 70 -5.48 1.33 16.96
N ARG A 71 -4.47 2.18 16.94
CA ARG A 71 -4.35 3.26 17.91
C ARG A 71 -5.07 4.51 17.42
N THR A 72 -4.63 5.03 16.27
CA THR A 72 -5.23 6.23 15.70
C THR A 72 -6.35 5.86 14.73
N GLY A 73 -6.34 4.61 14.26
CA GLY A 73 -7.36 4.16 13.33
C GLY A 73 -7.34 4.95 12.02
N LYS A 74 -6.28 5.72 11.82
CA LYS A 74 -6.14 6.52 10.61
C LYS A 74 -5.81 5.63 9.41
N PRO A 75 -6.18 6.10 8.21
CA PRO A 75 -5.94 5.36 6.96
C PRO A 75 -4.46 5.33 6.59
N ILE A 76 -3.82 4.20 6.89
CA ILE A 76 -2.40 4.04 6.59
C ILE A 76 -2.18 2.97 5.52
N ALA A 77 -1.00 2.98 4.91
CA ALA A 77 -0.66 2.01 3.88
C ALA A 77 0.09 0.82 4.46
N VAL A 78 -0.05 -0.33 3.81
CA VAL A 78 0.63 -1.55 4.27
C VAL A 78 0.96 -2.46 3.11
N LYS A 79 1.86 -3.42 3.35
CA LYS A 79 2.27 -4.37 2.31
C LYS A 79 2.54 -3.64 0.99
N LEU A 80 3.33 -2.57 1.07
CA LEU A 80 3.67 -1.79 -0.12
C LEU A 80 4.41 -2.65 -1.14
N VAL A 81 4.28 -2.30 -2.41
CA VAL A 81 4.92 -3.04 -3.48
C VAL A 81 5.14 -2.16 -4.71
N LYS A 82 6.36 -2.18 -5.25
CA LYS A 82 6.68 -1.38 -6.42
C LYS A 82 5.99 -1.92 -7.67
N ILE A 83 5.20 -1.08 -8.32
CA ILE A 83 4.48 -1.48 -9.52
C ILE A 83 5.44 -1.91 -10.62
N SER A 84 6.42 -1.06 -10.91
CA SER A 84 7.40 -1.36 -11.95
C SER A 84 8.80 -1.53 -11.33
N GLY A 85 9.21 -2.79 -11.17
CA GLY A 85 10.51 -3.07 -10.60
C GLY A 85 10.64 -4.50 -10.12
N PRO A 86 11.81 -5.11 -10.36
CA PRO A 86 12.08 -6.49 -9.97
C PRO A 86 12.20 -6.64 -8.46
N SER A 87 11.35 -7.48 -7.88
CA SER A 87 11.37 -7.71 -6.44
C SER A 87 12.12 -8.99 -6.10
N SER A 88 13.27 -8.85 -5.44
CA SER A 88 14.09 -9.99 -5.07
C SER A 88 14.20 -10.11 -3.55
N GLY A 89 13.40 -11.02 -2.98
CA GLY A 89 13.41 -11.21 -1.54
C GLY A 89 12.62 -10.15 -0.80
N GLY A 1 -33.89 -25.54 -9.07
CA GLY A 1 -35.00 -24.62 -9.25
C GLY A 1 -34.90 -23.41 -8.34
N SER A 2 -34.20 -22.38 -8.81
CA SER A 2 -34.02 -21.16 -8.03
C SER A 2 -35.18 -20.20 -8.26
N SER A 3 -36.28 -20.41 -7.53
CA SER A 3 -37.46 -19.56 -7.66
C SER A 3 -37.07 -18.09 -7.69
N GLY A 4 -37.61 -17.36 -8.65
CA GLY A 4 -37.31 -15.94 -8.76
C GLY A 4 -35.82 -15.67 -8.89
N SER A 5 -35.39 -15.27 -10.08
CA SER A 5 -33.99 -14.98 -10.34
C SER A 5 -33.72 -13.49 -10.26
N SER A 6 -34.32 -12.83 -9.27
CA SER A 6 -34.15 -11.39 -9.08
C SER A 6 -32.79 -11.10 -8.45
N GLY A 7 -32.45 -11.84 -7.42
CA GLY A 7 -31.18 -11.64 -6.73
C GLY A 7 -31.36 -11.25 -5.28
N GLY A 8 -30.81 -10.09 -4.91
CA GLY A 8 -30.91 -9.63 -3.54
C GLY A 8 -29.66 -8.94 -3.06
N TYR A 9 -29.49 -8.86 -1.74
CA TYR A 9 -28.32 -8.22 -1.15
C TYR A 9 -27.96 -8.86 0.18
N PRO A 10 -26.68 -8.74 0.56
CA PRO A 10 -25.68 -8.02 -0.24
C PRO A 10 -25.32 -8.77 -1.51
N ASN A 11 -25.35 -10.09 -1.45
CA ASN A 11 -25.03 -10.92 -2.61
C ASN A 11 -23.65 -10.57 -3.15
N GLY A 12 -22.69 -10.39 -2.25
CA GLY A 12 -21.34 -10.05 -2.66
C GLY A 12 -20.48 -9.62 -1.50
N THR A 13 -19.33 -10.28 -1.33
CA THR A 13 -18.41 -9.96 -0.24
C THR A 13 -17.72 -8.62 -0.49
N SER A 14 -17.65 -7.80 0.55
CA SER A 14 -17.03 -6.49 0.44
C SER A 14 -15.61 -6.52 1.03
N ALA A 15 -14.64 -6.87 0.20
CA ALA A 15 -13.25 -6.94 0.63
C ALA A 15 -12.46 -5.73 0.13
N ALA A 16 -11.34 -5.44 0.80
CA ALA A 16 -10.50 -4.32 0.43
C ALA A 16 -9.74 -4.60 -0.86
N LEU A 17 -9.06 -3.59 -1.37
CA LEU A 17 -8.28 -3.73 -2.61
C LEU A 17 -6.97 -2.95 -2.51
N ARG A 18 -6.06 -3.23 -3.45
CA ARG A 18 -4.77 -2.55 -3.47
C ARG A 18 -4.86 -1.22 -4.20
N GLU A 19 -4.46 -0.15 -3.54
CA GLU A 19 -4.50 1.18 -4.12
C GLU A 19 -3.12 1.58 -4.66
N THR A 20 -3.11 2.47 -5.64
CA THR A 20 -1.87 2.93 -6.23
C THR A 20 -1.75 4.46 -6.15
N GLY A 21 -0.54 4.94 -5.85
CA GLY A 21 -0.32 6.37 -5.74
C GLY A 21 1.09 6.76 -6.15
N VAL A 22 1.72 7.62 -5.34
CA VAL A 22 3.08 8.07 -5.62
C VAL A 22 3.80 8.43 -4.34
N ILE A 23 5.08 8.10 -4.28
CA ILE A 23 5.90 8.39 -3.10
C ILE A 23 6.22 9.88 -3.01
N GLU A 24 5.39 10.62 -2.28
CA GLU A 24 5.59 12.05 -2.10
C GLU A 24 6.85 12.33 -1.30
N LYS A 25 7.05 11.58 -0.23
CA LYS A 25 8.22 11.74 0.62
C LYS A 25 8.75 10.40 1.10
N LEU A 26 10.02 10.37 1.47
CA LEU A 26 10.64 9.14 1.95
C LEU A 26 11.70 9.44 3.01
N LEU A 27 11.72 8.62 4.06
CA LEU A 27 12.69 8.80 5.14
C LEU A 27 13.41 7.50 5.44
N THR A 28 14.26 7.52 6.47
CA THR A 28 15.01 6.34 6.86
C THR A 28 14.16 5.40 7.73
N SER A 29 13.07 5.92 8.27
CA SER A 29 12.17 5.14 9.11
C SER A 29 10.90 4.76 8.35
N TYR A 30 10.38 5.72 7.58
CA TYR A 30 9.16 5.49 6.81
C TYR A 30 9.08 6.46 5.64
N GLY A 31 7.96 6.42 4.93
CA GLY A 31 7.76 7.31 3.79
C GLY A 31 6.32 7.64 3.54
N PHE A 32 6.06 8.72 2.83
CA PHE A 32 4.70 9.15 2.53
C PHE A 32 4.36 8.87 1.07
N ILE A 33 3.10 8.50 0.83
CA ILE A 33 2.64 8.20 -0.53
C ILE A 33 1.41 9.02 -0.88
N GLN A 34 1.57 9.96 -1.81
CA GLN A 34 0.47 10.81 -2.24
C GLN A 34 -0.49 10.05 -3.15
N CYS A 35 -1.55 9.51 -2.57
CA CYS A 35 -2.53 8.74 -3.33
C CYS A 35 -2.81 9.41 -4.67
N SER A 36 -3.07 8.60 -5.69
CA SER A 36 -3.35 9.11 -7.03
C SER A 36 -4.83 8.96 -7.37
N GLU A 37 -5.60 8.40 -6.44
CA GLU A 37 -7.02 8.19 -6.65
C GLU A 37 -7.84 9.10 -5.73
N ARG A 38 -7.34 9.32 -4.53
CA ARG A 38 -8.02 10.18 -3.56
C ARG A 38 -7.27 11.49 -3.36
N GLN A 39 -6.16 11.64 -4.09
CA GLN A 39 -5.36 12.85 -3.99
C GLN A 39 -5.04 13.19 -2.54
N ALA A 40 -4.88 12.15 -1.73
CA ALA A 40 -4.57 12.33 -0.30
C ALA A 40 -3.18 11.81 0.02
N ARG A 41 -2.49 12.50 0.94
CA ARG A 41 -1.15 12.11 1.33
C ARG A 41 -1.20 10.98 2.37
N LEU A 42 -0.81 9.78 1.94
CA LEU A 42 -0.82 8.62 2.83
C LEU A 42 0.53 8.46 3.53
N PHE A 43 0.56 7.63 4.56
CA PHE A 43 1.79 7.40 5.32
C PHE A 43 2.12 5.90 5.36
N PHE A 44 3.16 5.52 4.63
CA PHE A 44 3.57 4.12 4.59
C PHE A 44 4.85 3.90 5.39
N HIS A 45 4.92 2.78 6.10
CA HIS A 45 6.08 2.45 6.91
C HIS A 45 7.05 1.56 6.15
N CYS A 46 8.35 1.84 6.32
CA CYS A 46 9.37 1.06 5.64
C CYS A 46 9.17 -0.43 5.85
N SER A 47 8.44 -0.77 6.91
CA SER A 47 8.17 -2.16 7.23
C SER A 47 7.12 -2.76 6.30
N GLN A 48 6.21 -1.91 5.83
CA GLN A 48 5.16 -2.35 4.92
C GLN A 48 5.74 -2.85 3.61
N TYR A 49 6.63 -2.07 3.02
CA TYR A 49 7.27 -2.44 1.76
C TYR A 49 7.76 -3.88 1.81
N ASN A 50 7.62 -4.57 0.68
CA ASN A 50 8.06 -5.97 0.59
C ASN A 50 9.52 -6.05 0.17
N GLY A 51 9.90 -5.24 -0.81
CA GLY A 51 11.27 -5.24 -1.29
C GLY A 51 12.21 -4.46 -0.38
N ASN A 52 13.31 -3.97 -0.94
CA ASN A 52 14.28 -3.20 -0.17
C ASN A 52 14.10 -1.70 -0.41
N LEU A 53 13.88 -0.96 0.66
CA LEU A 53 13.70 0.49 0.57
C LEU A 53 14.72 1.10 -0.37
N GLN A 54 15.93 0.54 -0.37
CA GLN A 54 17.00 1.04 -1.22
C GLN A 54 16.52 1.23 -2.65
N ASP A 55 15.79 0.24 -3.17
CA ASP A 55 15.26 0.32 -4.52
C ASP A 55 14.18 1.38 -4.64
N LEU A 56 13.37 1.51 -3.60
CA LEU A 56 12.28 2.49 -3.57
C LEU A 56 12.84 3.90 -3.47
N LYS A 57 12.10 4.85 -4.04
CA LYS A 57 12.52 6.26 -4.01
C LYS A 57 11.31 7.18 -4.07
N VAL A 58 11.55 8.48 -3.90
CA VAL A 58 10.48 9.47 -3.93
C VAL A 58 10.17 9.88 -5.37
N GLY A 59 8.90 9.77 -5.74
CA GLY A 59 8.48 10.13 -7.08
C GLY A 59 8.31 8.94 -7.98
N ASP A 60 8.08 7.76 -7.38
CA ASP A 60 7.90 6.54 -8.13
C ASP A 60 6.56 5.88 -7.78
N ASP A 61 5.95 5.24 -8.76
CA ASP A 61 4.67 4.58 -8.57
C ASP A 61 4.84 3.33 -7.70
N VAL A 62 3.87 3.07 -6.84
CA VAL A 62 3.92 1.91 -5.95
C VAL A 62 2.51 1.49 -5.54
N GLU A 63 2.31 0.18 -5.40
CA GLU A 63 1.01 -0.35 -5.00
C GLU A 63 1.00 -0.71 -3.51
N PHE A 64 -0.06 -0.31 -2.83
CA PHE A 64 -0.19 -0.60 -1.40
C PHE A 64 -1.65 -0.87 -1.03
N GLU A 65 -1.89 -1.20 0.24
CA GLU A 65 -3.24 -1.48 0.71
C GLU A 65 -3.64 -0.52 1.83
N VAL A 66 -4.68 0.27 1.58
CA VAL A 66 -5.16 1.23 2.55
C VAL A 66 -5.84 0.54 3.72
N SER A 67 -5.29 0.73 4.92
CA SER A 67 -5.85 0.12 6.12
C SER A 67 -5.99 1.15 7.24
N SER A 68 -6.50 0.71 8.39
CA SER A 68 -6.70 1.59 9.52
C SER A 68 -5.80 1.18 10.69
N ASP A 69 -5.04 2.13 11.21
CA ASP A 69 -4.13 1.88 12.32
C ASP A 69 -4.91 1.43 13.56
N ARG A 70 -4.18 0.97 14.57
CA ARG A 70 -4.78 0.50 15.80
C ARG A 70 -4.68 1.56 16.90
N ARG A 71 -3.86 2.58 16.65
CA ARG A 71 -3.66 3.65 17.62
C ARG A 71 -4.48 4.88 17.24
N THR A 72 -4.19 5.42 16.06
CA THR A 72 -4.91 6.60 15.58
C THR A 72 -6.08 6.21 14.68
N GLY A 73 -6.04 4.99 14.16
CA GLY A 73 -7.10 4.52 13.30
C GLY A 73 -7.15 5.25 11.97
N LYS A 74 -6.09 5.99 11.68
CA LYS A 74 -5.99 6.74 10.43
C LYS A 74 -5.69 5.81 9.26
N PRO A 75 -6.11 6.22 8.05
CA PRO A 75 -5.89 5.43 6.83
C PRO A 75 -4.42 5.41 6.41
N ILE A 76 -3.73 4.33 6.77
CA ILE A 76 -2.32 4.19 6.44
C ILE A 76 -2.11 3.10 5.38
N ALA A 77 -0.93 3.09 4.78
CA ALA A 77 -0.61 2.12 3.75
C ALA A 77 0.15 0.94 4.33
N VAL A 78 -0.06 -0.24 3.76
CA VAL A 78 0.60 -1.46 4.23
C VAL A 78 0.95 -2.37 3.07
N LYS A 79 1.76 -3.38 3.35
CA LYS A 79 2.18 -4.34 2.33
C LYS A 79 2.48 -3.63 1.00
N LEU A 80 3.33 -2.61 1.07
CA LEU A 80 3.70 -1.85 -0.12
C LEU A 80 4.45 -2.72 -1.12
N VAL A 81 4.33 -2.39 -2.39
CA VAL A 81 5.00 -3.15 -3.44
C VAL A 81 5.09 -2.33 -4.73
N LYS A 82 6.32 -2.16 -5.23
CA LYS A 82 6.55 -1.40 -6.45
C LYS A 82 5.78 -2.01 -7.62
N ILE A 83 5.08 -1.16 -8.36
CA ILE A 83 4.31 -1.63 -9.51
C ILE A 83 5.22 -2.11 -10.64
N SER A 84 6.16 -1.27 -11.03
CA SER A 84 7.10 -1.61 -12.09
C SER A 84 8.52 -1.77 -11.53
N GLY A 85 9.46 -2.11 -12.41
CA GLY A 85 10.84 -2.28 -11.99
C GLY A 85 11.63 -3.13 -12.95
N PRO A 86 12.69 -2.55 -13.54
CA PRO A 86 13.56 -3.25 -14.49
C PRO A 86 14.39 -4.34 -13.82
N SER A 87 15.15 -5.08 -14.63
CA SER A 87 15.99 -6.15 -14.13
C SER A 87 17.45 -5.94 -14.53
N SER A 88 18.34 -6.00 -13.54
CA SER A 88 19.77 -5.81 -13.80
C SER A 88 20.47 -7.15 -13.98
N GLY A 89 20.46 -7.97 -12.92
CA GLY A 89 21.10 -9.26 -12.99
C GLY A 89 21.67 -9.68 -11.65
N GLY A 1 -45.84 -6.39 11.87
CA GLY A 1 -44.69 -5.68 12.41
C GLY A 1 -43.42 -5.98 11.64
N SER A 2 -42.30 -5.47 12.13
CA SER A 2 -41.02 -5.68 11.48
C SER A 2 -40.67 -7.16 11.41
N SER A 3 -39.60 -7.48 10.68
CA SER A 3 -39.17 -8.86 10.53
C SER A 3 -37.66 -8.98 10.77
N GLY A 4 -37.18 -8.27 11.79
CA GLY A 4 -35.76 -8.32 12.11
C GLY A 4 -34.90 -7.83 10.98
N SER A 5 -35.33 -6.77 10.31
CA SER A 5 -34.58 -6.20 9.19
C SER A 5 -33.24 -5.67 9.64
N SER A 6 -32.26 -6.57 9.75
CA SER A 6 -30.92 -6.19 10.19
C SER A 6 -29.88 -6.53 9.11
N GLY A 7 -29.78 -7.82 8.79
CA GLY A 7 -28.82 -8.24 7.78
C GLY A 7 -27.42 -7.76 8.07
N GLY A 8 -26.68 -7.43 7.01
CA GLY A 8 -25.32 -6.96 7.17
C GLY A 8 -25.25 -5.59 7.81
N TYR A 9 -24.10 -5.25 8.39
CA TYR A 9 -23.91 -3.96 9.02
C TYR A 9 -22.43 -3.59 9.09
N PRO A 10 -22.15 -2.28 9.10
CA PRO A 10 -23.19 -1.25 9.04
C PRO A 10 -23.88 -1.20 7.68
N ASN A 11 -23.09 -1.32 6.62
CA ASN A 11 -23.63 -1.29 5.26
C ASN A 11 -23.13 -2.47 4.45
N GLY A 12 -23.75 -3.64 4.68
CA GLY A 12 -23.35 -4.83 3.96
C GLY A 12 -21.93 -5.25 4.27
N THR A 13 -21.31 -5.97 3.34
CA THR A 13 -19.94 -6.44 3.52
C THR A 13 -18.94 -5.34 3.19
N SER A 14 -17.76 -5.42 3.79
CA SER A 14 -16.70 -4.43 3.58
C SER A 14 -15.44 -5.09 3.04
N ALA A 15 -15.06 -4.74 1.82
CA ALA A 15 -13.86 -5.29 1.21
C ALA A 15 -12.84 -4.19 0.89
N ALA A 16 -11.59 -4.58 0.71
CA ALA A 16 -10.53 -3.64 0.40
C ALA A 16 -9.92 -3.92 -0.97
N LEU A 17 -9.04 -3.03 -1.42
CA LEU A 17 -8.39 -3.18 -2.71
C LEU A 17 -7.06 -2.42 -2.75
N ARG A 18 -6.07 -3.00 -3.42
CA ARG A 18 -4.76 -2.39 -3.52
C ARG A 18 -4.84 -1.07 -4.30
N GLU A 19 -4.42 0.02 -3.66
CA GLU A 19 -4.44 1.33 -4.29
C GLU A 19 -3.05 1.74 -4.76
N THR A 20 -3.00 2.60 -5.77
CA THR A 20 -1.73 3.07 -6.32
C THR A 20 -1.64 4.59 -6.27
N GLY A 21 -0.44 5.10 -6.02
CA GLY A 21 -0.24 6.54 -5.95
C GLY A 21 1.15 6.95 -6.38
N VAL A 22 1.86 7.65 -5.51
CA VAL A 22 3.22 8.10 -5.82
C VAL A 22 3.95 8.53 -4.56
N ILE A 23 5.19 8.06 -4.42
CA ILE A 23 6.00 8.39 -3.25
C ILE A 23 6.26 9.89 -3.16
N GLU A 24 5.44 10.59 -2.38
CA GLU A 24 5.58 12.02 -2.21
C GLU A 24 6.79 12.36 -1.36
N LYS A 25 6.97 11.61 -0.27
CA LYS A 25 8.09 11.83 0.63
C LYS A 25 8.64 10.50 1.14
N LEU A 26 9.93 10.47 1.44
CA LEU A 26 10.58 9.26 1.94
C LEU A 26 11.65 9.61 2.96
N LEU A 27 11.71 8.82 4.04
CA LEU A 27 12.71 9.04 5.09
C LEU A 27 13.46 7.75 5.40
N THR A 28 14.31 7.81 6.42
CA THR A 28 15.10 6.64 6.83
C THR A 28 14.25 5.68 7.65
N SER A 29 13.21 6.19 8.27
CA SER A 29 12.32 5.36 9.09
C SER A 29 11.08 4.94 8.30
N TYR A 30 10.53 5.88 7.54
CA TYR A 30 9.34 5.62 6.75
C TYR A 30 9.16 6.68 5.66
N GLY A 31 8.06 6.58 4.93
CA GLY A 31 7.79 7.54 3.86
C GLY A 31 6.31 7.74 3.63
N PHE A 32 5.96 8.80 2.91
CA PHE A 32 4.57 9.11 2.62
C PHE A 32 4.25 8.86 1.14
N ILE A 33 3.04 8.39 0.87
CA ILE A 33 2.62 8.11 -0.50
C ILE A 33 1.38 8.91 -0.87
N GLN A 34 1.52 9.80 -1.85
CA GLN A 34 0.41 10.63 -2.30
C GLN A 34 -0.50 9.86 -3.25
N CYS A 35 -1.64 9.39 -2.74
CA CYS A 35 -2.59 8.65 -3.53
C CYS A 35 -3.04 9.45 -4.75
N SER A 36 -2.92 8.85 -5.93
CA SER A 36 -3.30 9.52 -7.16
C SER A 36 -4.76 9.25 -7.50
N GLU A 37 -5.46 8.59 -6.57
CA GLU A 37 -6.87 8.26 -6.76
C GLU A 37 -7.74 9.11 -5.84
N ARG A 38 -7.34 9.20 -4.58
CA ARG A 38 -8.09 9.97 -3.58
C ARG A 38 -7.46 11.35 -3.39
N GLN A 39 -6.27 11.53 -3.93
CA GLN A 39 -5.56 12.81 -3.81
C GLN A 39 -5.25 13.12 -2.34
N ALA A 40 -4.70 12.14 -1.63
CA ALA A 40 -4.35 12.31 -0.23
C ALA A 40 -2.96 11.76 0.06
N ARG A 41 -2.21 12.46 0.92
CA ARG A 41 -0.87 12.04 1.27
C ARG A 41 -0.91 11.00 2.40
N LEU A 42 -0.71 9.73 2.03
CA LEU A 42 -0.73 8.65 3.00
C LEU A 42 0.63 8.51 3.69
N PHE A 43 0.69 7.65 4.70
CA PHE A 43 1.92 7.43 5.44
C PHE A 43 2.26 5.94 5.50
N PHE A 44 3.25 5.53 4.71
CA PHE A 44 3.67 4.14 4.68
C PHE A 44 4.95 3.92 5.49
N HIS A 45 5.01 2.81 6.21
CA HIS A 45 6.18 2.50 7.03
C HIS A 45 7.16 1.62 6.26
N CYS A 46 8.45 1.88 6.45
CA CYS A 46 9.49 1.11 5.77
C CYS A 46 9.30 -0.39 6.00
N SER A 47 8.48 -0.73 6.98
CA SER A 47 8.22 -2.12 7.30
C SER A 47 7.19 -2.72 6.34
N GLN A 48 6.26 -1.89 5.89
CA GLN A 48 5.22 -2.33 4.97
C GLN A 48 5.84 -2.82 3.66
N TYR A 49 6.70 -1.99 3.07
CA TYR A 49 7.35 -2.34 1.81
C TYR A 49 7.98 -3.73 1.89
N ASN A 50 7.73 -4.54 0.86
CA ASN A 50 8.27 -5.89 0.81
C ASN A 50 9.68 -5.89 0.20
N GLY A 51 9.87 -5.06 -0.82
CA GLY A 51 11.16 -4.98 -1.47
C GLY A 51 12.22 -4.39 -0.58
N ASN A 52 13.10 -3.58 -1.15
CA ASN A 52 14.18 -2.95 -0.40
C ASN A 52 14.11 -1.42 -0.52
N LEU A 53 13.80 -0.77 0.59
CA LEU A 53 13.70 0.69 0.62
C LEU A 53 14.72 1.31 -0.32
N GLN A 54 15.94 0.80 -0.29
CA GLN A 54 17.01 1.31 -1.14
C GLN A 54 16.52 1.51 -2.56
N ASP A 55 15.87 0.49 -3.11
CA ASP A 55 15.36 0.55 -4.48
C ASP A 55 14.26 1.61 -4.59
N LEU A 56 13.43 1.72 -3.55
CA LEU A 56 12.35 2.69 -3.54
C LEU A 56 12.89 4.11 -3.43
N LYS A 57 12.07 5.08 -3.84
CA LYS A 57 12.47 6.48 -3.79
C LYS A 57 11.26 7.39 -4.03
N VAL A 58 11.46 8.68 -3.83
CA VAL A 58 10.39 9.66 -4.01
C VAL A 58 10.15 9.93 -5.50
N GLY A 59 8.90 9.77 -5.93
CA GLY A 59 8.57 10.00 -7.32
C GLY A 59 8.43 8.71 -8.11
N ASP A 60 8.23 7.61 -7.40
CA ASP A 60 8.08 6.30 -8.04
C ASP A 60 6.70 5.72 -7.76
N ASP A 61 6.13 5.06 -8.75
CA ASP A 61 4.82 4.44 -8.61
C ASP A 61 4.89 3.15 -7.80
N VAL A 62 3.95 2.98 -6.89
CA VAL A 62 3.92 1.79 -6.05
C VAL A 62 2.48 1.41 -5.69
N GLU A 63 2.29 0.16 -5.28
CA GLU A 63 0.97 -0.33 -4.92
C GLU A 63 0.92 -0.72 -3.44
N PHE A 64 -0.11 -0.25 -2.75
CA PHE A 64 -0.28 -0.54 -1.32
C PHE A 64 -1.74 -0.77 -0.99
N GLU A 65 -2.01 -1.12 0.27
CA GLU A 65 -3.38 -1.37 0.72
C GLU A 65 -3.74 -0.44 1.87
N VAL A 66 -4.80 0.34 1.67
CA VAL A 66 -5.26 1.28 2.69
C VAL A 66 -5.93 0.54 3.84
N SER A 67 -5.32 0.61 5.02
CA SER A 67 -5.86 -0.05 6.21
C SER A 67 -6.03 0.94 7.36
N SER A 68 -6.60 0.46 8.46
CA SER A 68 -6.81 1.30 9.63
C SER A 68 -5.84 0.93 10.75
N ASP A 69 -5.18 1.94 11.31
CA ASP A 69 -4.23 1.71 12.40
C ASP A 69 -4.94 1.18 13.64
N ARG A 70 -4.16 0.72 14.60
CA ARG A 70 -4.71 0.17 15.85
C ARG A 70 -4.58 1.17 16.99
N ARG A 71 -4.03 2.35 16.68
CA ARG A 71 -3.84 3.38 17.68
C ARG A 71 -4.60 4.66 17.29
N THR A 72 -4.47 5.05 16.03
CA THR A 72 -5.15 6.25 15.54
C THR A 72 -6.28 5.89 14.57
N GLY A 73 -6.35 4.60 14.21
CA GLY A 73 -7.39 4.15 13.30
C GLY A 73 -7.40 4.94 12.01
N LYS A 74 -6.32 5.64 11.72
CA LYS A 74 -6.20 6.43 10.51
C LYS A 74 -5.83 5.56 9.32
N PRO A 75 -6.23 5.99 8.12
CA PRO A 75 -5.94 5.25 6.88
C PRO A 75 -4.46 5.30 6.50
N ILE A 76 -3.76 4.20 6.76
CA ILE A 76 -2.34 4.11 6.45
C ILE A 76 -2.08 3.07 5.36
N ALA A 77 -0.85 3.06 4.85
CA ALA A 77 -0.47 2.11 3.81
C ALA A 77 0.18 0.87 4.41
N VAL A 78 -0.08 -0.28 3.80
CA VAL A 78 0.48 -1.53 4.27
C VAL A 78 0.79 -2.48 3.11
N LYS A 79 1.66 -3.44 3.36
CA LYS A 79 2.04 -4.42 2.33
C LYS A 79 2.35 -3.71 1.01
N LEU A 80 3.19 -2.69 1.07
CA LEU A 80 3.58 -1.94 -0.12
C LEU A 80 4.29 -2.83 -1.12
N VAL A 81 4.25 -2.44 -2.39
CA VAL A 81 4.90 -3.20 -3.44
C VAL A 81 5.04 -2.37 -4.72
N LYS A 82 6.27 -2.16 -5.15
CA LYS A 82 6.54 -1.38 -6.35
C LYS A 82 5.83 -1.99 -7.56
N ILE A 83 5.16 -1.14 -8.33
CA ILE A 83 4.44 -1.58 -9.52
C ILE A 83 5.40 -2.08 -10.59
N SER A 84 6.24 -1.19 -11.07
CA SER A 84 7.22 -1.54 -12.11
C SER A 84 8.57 -1.88 -11.49
N GLY A 85 9.44 -2.46 -12.30
CA GLY A 85 10.77 -2.83 -11.81
C GLY A 85 11.23 -4.17 -12.34
N PRO A 86 11.79 -4.16 -13.56
CA PRO A 86 12.27 -5.39 -14.21
C PRO A 86 13.53 -5.94 -13.53
N SER A 87 13.41 -7.14 -12.98
CA SER A 87 14.53 -7.78 -12.29
C SER A 87 15.85 -7.46 -13.00
N SER A 88 16.72 -6.73 -12.31
CA SER A 88 18.02 -6.35 -12.87
C SER A 88 19.10 -7.34 -12.43
N GLY A 89 20.32 -7.11 -12.93
CA GLY A 89 21.43 -7.99 -12.58
C GLY A 89 22.13 -8.56 -13.80
N GLY A 1 0.16 -20.71 6.98
CA GLY A 1 0.67 -21.14 5.70
C GLY A 1 -0.43 -21.34 4.67
N SER A 2 -0.07 -21.88 3.51
CA SER A 2 -1.03 -22.12 2.45
C SER A 2 -1.16 -23.61 2.16
N SER A 3 -2.35 -24.15 2.39
CA SER A 3 -2.60 -25.58 2.16
C SER A 3 -4.09 -25.83 1.94
N GLY A 4 -4.39 -26.96 1.32
CA GLY A 4 -5.78 -27.31 1.06
C GLY A 4 -5.97 -28.79 0.84
N SER A 5 -6.21 -29.52 1.94
CA SER A 5 -6.41 -30.96 1.87
C SER A 5 -7.90 -31.30 1.77
N SER A 6 -8.62 -30.54 0.97
CA SER A 6 -10.05 -30.75 0.80
C SER A 6 -10.50 -30.32 -0.60
N GLY A 7 -11.74 -30.67 -0.95
CA GLY A 7 -12.26 -30.31 -2.25
C GLY A 7 -12.83 -28.91 -2.29
N GLY A 8 -11.95 -27.92 -2.12
CA GLY A 8 -12.38 -26.53 -2.13
C GLY A 8 -11.23 -25.56 -2.07
N TYR A 9 -10.74 -25.15 -3.23
CA TYR A 9 -9.61 -24.22 -3.31
C TYR A 9 -9.85 -23.17 -4.39
N PRO A 10 -9.23 -22.00 -4.22
CA PRO A 10 -8.38 -21.71 -3.06
C PRO A 10 -9.18 -21.58 -1.77
N ASN A 11 -8.71 -22.27 -0.74
CA ASN A 11 -9.38 -22.24 0.57
C ASN A 11 -9.75 -20.81 0.96
N GLY A 12 -11.00 -20.61 1.34
CA GLY A 12 -11.45 -19.28 1.73
C GLY A 12 -11.42 -18.29 0.58
N THR A 13 -12.59 -17.85 0.13
CA THR A 13 -12.68 -16.90 -0.97
C THR A 13 -12.77 -15.47 -0.45
N SER A 14 -11.64 -14.76 -0.48
CA SER A 14 -11.59 -13.38 -0.01
C SER A 14 -10.58 -12.58 -0.80
N ALA A 15 -10.98 -11.39 -1.25
CA ALA A 15 -10.11 -10.52 -2.02
C ALA A 15 -9.74 -9.28 -1.23
N ALA A 16 -8.70 -8.57 -1.69
CA ALA A 16 -8.24 -7.37 -1.02
C ALA A 16 -8.18 -6.19 -1.99
N LEU A 17 -8.47 -4.99 -1.49
CA LEU A 17 -8.44 -3.79 -2.31
C LEU A 17 -7.07 -3.12 -2.25
N ARG A 18 -6.36 -3.14 -3.37
CA ARG A 18 -5.03 -2.52 -3.43
C ARG A 18 -5.10 -1.16 -4.12
N GLU A 19 -4.58 -0.14 -3.44
CA GLU A 19 -4.58 1.22 -3.98
C GLU A 19 -3.21 1.58 -4.53
N THR A 20 -3.20 2.48 -5.51
CA THR A 20 -1.95 2.93 -6.13
C THR A 20 -1.80 4.44 -6.05
N GLY A 21 -0.59 4.90 -5.77
CA GLY A 21 -0.34 6.33 -5.67
C GLY A 21 1.07 6.69 -6.09
N VAL A 22 1.73 7.54 -5.30
CA VAL A 22 3.08 7.96 -5.61
C VAL A 22 3.84 8.32 -4.34
N ILE A 23 5.16 8.12 -4.36
CA ILE A 23 6.00 8.42 -3.20
C ILE A 23 6.30 9.91 -3.12
N GLU A 24 5.49 10.63 -2.36
CA GLU A 24 5.67 12.07 -2.20
C GLU A 24 6.94 12.37 -1.40
N LYS A 25 7.12 11.66 -0.30
CA LYS A 25 8.29 11.84 0.56
C LYS A 25 8.82 10.50 1.07
N LEU A 26 10.11 10.45 1.35
CA LEU A 26 10.73 9.22 1.85
C LEU A 26 11.80 9.54 2.90
N LEU A 27 11.83 8.75 3.97
CA LEU A 27 12.81 8.94 5.03
C LEU A 27 13.52 7.64 5.36
N THR A 28 14.36 7.67 6.40
CA THR A 28 15.10 6.50 6.81
C THR A 28 14.21 5.54 7.62
N SER A 29 13.22 6.10 8.30
CA SER A 29 12.30 5.30 9.10
C SER A 29 11.09 4.89 8.28
N TYR A 30 10.52 5.83 7.54
CA TYR A 30 9.36 5.56 6.71
C TYR A 30 9.22 6.59 5.59
N GLY A 31 8.13 6.51 4.84
CA GLY A 31 7.91 7.44 3.76
C GLY A 31 6.43 7.72 3.52
N PHE A 32 6.14 8.81 2.82
CA PHE A 32 4.76 9.19 2.54
C PHE A 32 4.41 8.87 1.09
N ILE A 33 3.14 8.53 0.85
CA ILE A 33 2.67 8.21 -0.49
C ILE A 33 1.44 9.02 -0.86
N GLN A 34 1.59 9.91 -1.85
CA GLN A 34 0.49 10.74 -2.30
C GLN A 34 -0.43 9.99 -3.26
N CYS A 35 -1.56 9.53 -2.75
CA CYS A 35 -2.52 8.79 -3.57
C CYS A 35 -2.83 9.54 -4.87
N SER A 36 -3.07 8.80 -5.93
CA SER A 36 -3.37 9.38 -7.24
C SER A 36 -4.86 9.23 -7.57
N GLU A 37 -5.57 8.51 -6.73
CA GLU A 37 -7.00 8.29 -6.94
C GLU A 37 -7.83 9.15 -5.98
N ARG A 38 -7.32 9.34 -4.77
CA ARG A 38 -8.01 10.15 -3.77
C ARG A 38 -7.30 11.49 -3.57
N GLN A 39 -6.06 11.57 -4.04
CA GLN A 39 -5.28 12.79 -3.89
C GLN A 39 -5.01 13.11 -2.44
N ALA A 40 -4.68 12.07 -1.67
CA ALA A 40 -4.39 12.25 -0.24
C ALA A 40 -2.99 11.77 0.10
N ARG A 41 -2.32 12.48 0.99
CA ARG A 41 -0.97 12.13 1.40
C ARG A 41 -0.98 11.02 2.45
N LEU A 42 -0.75 9.79 1.99
CA LEU A 42 -0.75 8.63 2.88
C LEU A 42 0.63 8.46 3.54
N PHE A 43 0.66 7.69 4.62
CA PHE A 43 1.91 7.45 5.33
C PHE A 43 2.23 5.95 5.37
N PHE A 44 3.29 5.56 4.68
CA PHE A 44 3.70 4.17 4.63
C PHE A 44 4.96 3.93 5.46
N HIS A 45 4.99 2.82 6.18
CA HIS A 45 6.13 2.49 7.03
C HIS A 45 7.11 1.59 6.27
N CYS A 46 8.40 1.80 6.53
CA CYS A 46 9.45 1.01 5.87
C CYS A 46 9.19 -0.48 6.06
N SER A 47 8.32 -0.82 7.01
CA SER A 47 8.00 -2.21 7.29
C SER A 47 6.97 -2.74 6.29
N GLN A 48 6.11 -1.85 5.80
CA GLN A 48 5.09 -2.23 4.84
C GLN A 48 5.71 -2.71 3.53
N TYR A 49 6.64 -1.91 3.01
CA TYR A 49 7.32 -2.25 1.76
C TYR A 49 7.87 -3.67 1.81
N ASN A 50 7.44 -4.50 0.86
CA ASN A 50 7.89 -5.89 0.79
C ASN A 50 9.18 -6.00 -0.02
N GLY A 51 9.78 -4.85 -0.33
CA GLY A 51 11.01 -4.85 -1.10
C GLY A 51 12.17 -4.26 -0.33
N ASN A 52 12.97 -3.43 -1.01
CA ASN A 52 14.13 -2.80 -0.38
C ASN A 52 14.07 -1.29 -0.54
N LEU A 53 13.73 -0.59 0.53
CA LEU A 53 13.64 0.86 0.52
C LEU A 53 14.71 1.46 -0.40
N GLN A 54 15.93 0.94 -0.31
CA GLN A 54 17.03 1.42 -1.13
C GLN A 54 16.60 1.58 -2.58
N ASP A 55 15.95 0.55 -3.12
CA ASP A 55 15.48 0.57 -4.50
C ASP A 55 14.40 1.63 -4.68
N LEU A 56 13.55 1.79 -3.69
CA LEU A 56 12.47 2.76 -3.73
C LEU A 56 13.02 4.18 -3.79
N LYS A 57 12.17 5.14 -4.14
CA LYS A 57 12.58 6.53 -4.24
C LYS A 57 11.36 7.44 -4.36
N VAL A 58 11.56 8.73 -4.06
CA VAL A 58 10.47 9.71 -4.15
C VAL A 58 10.14 10.04 -5.59
N GLY A 59 8.92 9.70 -6.01
CA GLY A 59 8.49 9.97 -7.37
C GLY A 59 8.35 8.71 -8.19
N ASP A 60 8.16 7.58 -7.51
CA ASP A 60 8.00 6.29 -8.19
C ASP A 60 6.67 5.63 -7.81
N ASP A 61 5.94 5.20 -8.83
CA ASP A 61 4.65 4.54 -8.61
C ASP A 61 4.81 3.31 -7.73
N VAL A 62 3.88 3.11 -6.81
CA VAL A 62 3.92 1.96 -5.91
C VAL A 62 2.51 1.54 -5.49
N GLU A 63 2.30 0.23 -5.38
CA GLU A 63 1.00 -0.30 -4.98
C GLU A 63 0.99 -0.67 -3.50
N PHE A 64 -0.11 -0.34 -2.83
CA PHE A 64 -0.25 -0.64 -1.40
C PHE A 64 -1.70 -0.93 -1.05
N GLU A 65 -1.95 -1.27 0.22
CA GLU A 65 -3.29 -1.58 0.68
C GLU A 65 -3.70 -0.64 1.81
N VAL A 66 -4.68 0.21 1.54
CA VAL A 66 -5.16 1.15 2.54
C VAL A 66 -5.91 0.45 3.66
N SER A 67 -5.42 0.61 4.88
CA SER A 67 -6.03 -0.02 6.05
C SER A 67 -6.20 0.97 7.18
N SER A 68 -6.74 0.51 8.31
CA SER A 68 -6.95 1.36 9.47
C SER A 68 -6.03 0.96 10.61
N ASP A 69 -5.41 1.96 11.23
CA ASP A 69 -4.49 1.72 12.34
C ASP A 69 -5.25 1.27 13.58
N ARG A 70 -4.52 0.82 14.59
CA ARG A 70 -5.13 0.36 15.83
C ARG A 70 -4.90 1.38 16.96
N ARG A 71 -4.17 2.44 16.65
CA ARG A 71 -3.89 3.48 17.63
C ARG A 71 -4.59 4.79 17.25
N THR A 72 -4.57 5.11 15.96
CA THR A 72 -5.20 6.33 15.47
C THR A 72 -6.40 6.01 14.59
N GLY A 73 -6.44 4.79 14.08
CA GLY A 73 -7.54 4.38 13.22
C GLY A 73 -7.56 5.13 11.90
N LYS A 74 -6.45 5.79 11.59
CA LYS A 74 -6.34 6.55 10.35
C LYS A 74 -5.96 5.64 9.18
N PRO A 75 -6.34 6.06 7.96
CA PRO A 75 -6.05 5.30 6.74
C PRO A 75 -4.57 5.29 6.40
N ILE A 76 -3.89 4.21 6.74
CA ILE A 76 -2.46 4.08 6.47
C ILE A 76 -2.20 3.04 5.39
N ALA A 77 -0.97 3.03 4.87
CA ALA A 77 -0.60 2.07 3.84
C ALA A 77 0.11 0.86 4.43
N VAL A 78 -0.10 -0.30 3.81
CA VAL A 78 0.52 -1.54 4.28
C VAL A 78 0.87 -2.45 3.11
N LYS A 79 1.79 -3.37 3.36
CA LYS A 79 2.22 -4.32 2.33
C LYS A 79 2.51 -3.59 1.01
N LEU A 80 3.32 -2.55 1.09
CA LEU A 80 3.68 -1.77 -0.09
C LEU A 80 4.47 -2.63 -1.09
N VAL A 81 4.30 -2.33 -2.37
CA VAL A 81 4.99 -3.07 -3.42
C VAL A 81 5.09 -2.24 -4.70
N LYS A 82 6.31 -2.00 -5.15
CA LYS A 82 6.54 -1.23 -6.37
C LYS A 82 5.84 -1.87 -7.56
N ILE A 83 5.09 -1.06 -8.30
CA ILE A 83 4.37 -1.55 -9.47
C ILE A 83 5.34 -2.02 -10.55
N SER A 84 6.25 -1.15 -10.94
CA SER A 84 7.24 -1.47 -11.97
C SER A 84 8.22 -2.53 -11.46
N GLY A 85 8.04 -3.76 -11.93
CA GLY A 85 8.92 -4.85 -11.51
C GLY A 85 8.28 -6.21 -11.71
N PRO A 86 8.00 -6.56 -12.98
CA PRO A 86 7.40 -7.83 -13.33
C PRO A 86 8.35 -9.02 -13.12
N SER A 87 7.80 -10.15 -12.69
CA SER A 87 8.59 -11.34 -12.45
C SER A 87 8.72 -12.18 -13.71
N SER A 88 9.93 -12.66 -13.98
CA SER A 88 10.19 -13.47 -15.16
C SER A 88 9.37 -14.76 -15.11
N GLY A 89 9.41 -15.43 -13.98
CA GLY A 89 8.67 -16.68 -13.82
C GLY A 89 7.49 -16.54 -12.88
N GLY A 1 -34.62 -24.94 -9.33
CA GLY A 1 -34.03 -23.62 -9.22
C GLY A 1 -32.64 -23.57 -9.82
N SER A 2 -31.75 -22.80 -9.19
CA SER A 2 -30.38 -22.66 -9.67
C SER A 2 -29.42 -22.47 -8.50
N SER A 3 -28.42 -23.35 -8.41
CA SER A 3 -27.44 -23.29 -7.33
C SER A 3 -26.31 -22.33 -7.69
N GLY A 4 -26.51 -21.05 -7.38
CA GLY A 4 -25.50 -20.06 -7.66
C GLY A 4 -24.88 -19.47 -6.41
N SER A 5 -24.18 -18.35 -6.56
CA SER A 5 -23.52 -17.70 -5.43
C SER A 5 -23.23 -16.24 -5.75
N SER A 6 -23.99 -15.34 -5.14
CA SER A 6 -23.81 -13.92 -5.36
C SER A 6 -23.95 -13.56 -6.84
N GLY A 7 -24.96 -14.15 -7.48
CA GLY A 7 -25.19 -13.89 -8.90
C GLY A 7 -25.38 -12.41 -9.19
N GLY A 8 -24.66 -11.93 -10.20
CA GLY A 8 -24.76 -10.52 -10.57
C GLY A 8 -23.50 -9.75 -10.26
N TYR A 9 -23.66 -8.61 -9.59
CA TYR A 9 -22.52 -7.77 -9.23
C TYR A 9 -22.73 -7.12 -7.87
N PRO A 10 -21.62 -6.84 -7.17
CA PRO A 10 -20.28 -7.15 -7.67
C PRO A 10 -20.00 -8.64 -7.71
N ASN A 11 -19.34 -9.08 -8.77
CA ASN A 11 -19.02 -10.50 -8.93
C ASN A 11 -17.88 -10.90 -8.00
N GLY A 12 -18.20 -11.72 -7.00
CA GLY A 12 -17.19 -12.16 -6.05
C GLY A 12 -17.47 -11.67 -4.64
N THR A 13 -16.71 -12.19 -3.68
CA THR A 13 -16.87 -11.79 -2.28
C THR A 13 -15.96 -10.64 -1.92
N SER A 14 -16.23 -10.01 -0.78
CA SER A 14 -15.42 -8.88 -0.32
C SER A 14 -13.97 -9.29 -0.16
N ALA A 15 -13.06 -8.41 -0.58
CA ALA A 15 -11.63 -8.67 -0.49
C ALA A 15 -10.84 -7.37 -0.39
N ALA A 16 -9.54 -7.49 -0.14
CA ALA A 16 -8.67 -6.33 -0.03
C ALA A 16 -8.43 -5.69 -1.39
N LEU A 17 -8.49 -4.36 -1.43
CA LEU A 17 -8.27 -3.62 -2.67
C LEU A 17 -6.98 -2.82 -2.61
N ARG A 18 -6.06 -3.13 -3.52
CA ARG A 18 -4.77 -2.45 -3.58
C ARG A 18 -4.88 -1.14 -4.36
N GLU A 19 -4.43 -0.05 -3.75
CA GLU A 19 -4.48 1.25 -4.39
C GLU A 19 -3.09 1.69 -4.86
N THR A 20 -3.06 2.55 -5.86
CA THR A 20 -1.80 3.04 -6.41
C THR A 20 -1.68 4.55 -6.23
N GLY A 21 -0.46 5.01 -5.91
CA GLY A 21 -0.24 6.43 -5.72
C GLY A 21 1.14 6.86 -6.16
N VAL A 22 1.78 7.72 -5.37
CA VAL A 22 3.12 8.21 -5.69
C VAL A 22 3.86 8.64 -4.43
N ILE A 23 5.01 8.05 -4.19
CA ILE A 23 5.82 8.38 -3.02
C ILE A 23 6.07 9.88 -2.93
N GLU A 24 5.22 10.57 -2.18
CA GLU A 24 5.35 12.02 -2.01
C GLU A 24 6.61 12.35 -1.22
N LYS A 25 6.90 11.55 -0.21
CA LYS A 25 8.07 11.76 0.63
C LYS A 25 8.66 10.43 1.09
N LEU A 26 9.94 10.45 1.45
CA LEU A 26 10.63 9.25 1.92
C LEU A 26 11.62 9.59 3.03
N LEU A 27 11.58 8.81 4.10
CA LEU A 27 12.49 9.01 5.22
C LEU A 27 13.25 7.73 5.56
N THR A 28 14.00 7.76 6.65
CA THR A 28 14.77 6.60 7.09
C THR A 28 13.93 5.66 7.93
N SER A 29 12.92 6.22 8.61
CA SER A 29 12.04 5.43 9.46
C SER A 29 10.78 5.01 8.70
N TYR A 30 10.45 5.79 7.67
CA TYR A 30 9.26 5.51 6.87
C TYR A 30 9.15 6.48 5.69
N GLY A 31 8.06 6.39 4.95
CA GLY A 31 7.85 7.26 3.81
C GLY A 31 6.39 7.56 3.57
N PHE A 32 6.12 8.64 2.83
CA PHE A 32 4.75 9.04 2.54
C PHE A 32 4.39 8.70 1.09
N ILE A 33 3.10 8.52 0.83
CA ILE A 33 2.62 8.19 -0.51
C ILE A 33 1.37 8.98 -0.85
N GLN A 34 1.48 9.87 -1.84
CA GLN A 34 0.35 10.69 -2.26
C GLN A 34 -0.53 9.93 -3.24
N CYS A 35 -1.67 9.45 -2.77
CA CYS A 35 -2.61 8.70 -3.61
C CYS A 35 -2.93 9.48 -4.88
N SER A 36 -2.95 8.77 -6.00
CA SER A 36 -3.24 9.39 -7.30
C SER A 36 -4.70 9.18 -7.68
N GLU A 37 -5.46 8.55 -6.79
CA GLU A 37 -6.88 8.29 -7.04
C GLU A 37 -7.75 9.12 -6.10
N ARG A 38 -7.34 9.22 -4.85
CA ARG A 38 -8.09 9.99 -3.86
C ARG A 38 -7.43 11.35 -3.63
N GLN A 39 -6.20 11.49 -4.09
CA GLN A 39 -5.47 12.75 -3.93
C GLN A 39 -5.22 13.05 -2.46
N ALA A 40 -4.80 12.02 -1.72
CA ALA A 40 -4.51 12.17 -0.30
C ALA A 40 -3.12 11.67 0.04
N ARG A 41 -2.42 12.41 0.90
CA ARG A 41 -1.07 12.04 1.31
C ARG A 41 -1.11 10.97 2.40
N LEU A 42 -0.84 9.73 2.01
CA LEU A 42 -0.84 8.61 2.95
C LEU A 42 0.51 8.48 3.64
N PHE A 43 0.58 7.60 4.63
CA PHE A 43 1.83 7.38 5.37
C PHE A 43 2.17 5.90 5.42
N PHE A 44 3.18 5.51 4.64
CA PHE A 44 3.61 4.12 4.59
C PHE A 44 4.88 3.90 5.41
N HIS A 45 4.92 2.81 6.15
CA HIS A 45 6.08 2.49 6.98
C HIS A 45 7.11 1.67 6.21
N CYS A 46 8.38 1.99 6.39
CA CYS A 46 9.45 1.29 5.71
C CYS A 46 9.31 -0.22 5.87
N SER A 47 8.51 -0.63 6.85
CA SER A 47 8.29 -2.04 7.13
C SER A 47 7.29 -2.63 6.14
N GLN A 48 6.34 -1.81 5.70
CA GLN A 48 5.32 -2.25 4.75
C GLN A 48 5.96 -2.74 3.46
N TYR A 49 6.78 -1.90 2.85
CA TYR A 49 7.45 -2.25 1.60
C TYR A 49 8.20 -3.57 1.74
N ASN A 50 7.85 -4.54 0.90
CA ASN A 50 8.48 -5.85 0.93
C ASN A 50 9.86 -5.79 0.27
N GLY A 51 9.96 -5.06 -0.84
CA GLY A 51 11.22 -4.95 -1.55
C GLY A 51 12.29 -4.27 -0.70
N ASN A 52 13.15 -3.50 -1.35
CA ASN A 52 14.22 -2.79 -0.66
C ASN A 52 14.05 -1.29 -0.78
N LEU A 53 13.74 -0.65 0.35
CA LEU A 53 13.54 0.81 0.36
C LEU A 53 14.50 1.50 -0.60
N GLN A 54 15.74 1.00 -0.65
CA GLN A 54 16.75 1.58 -1.53
C GLN A 54 16.18 1.79 -2.93
N ASP A 55 15.55 0.76 -3.47
CA ASP A 55 14.97 0.84 -4.81
C ASP A 55 13.87 1.89 -4.86
N LEU A 56 13.09 1.98 -3.79
CA LEU A 56 12.00 2.94 -3.71
C LEU A 56 12.53 4.37 -3.71
N LYS A 57 11.77 5.29 -4.30
CA LYS A 57 12.16 6.69 -4.37
C LYS A 57 10.93 7.60 -4.34
N VAL A 58 11.16 8.88 -4.07
CA VAL A 58 10.08 9.85 -4.02
C VAL A 58 9.67 10.31 -5.42
N GLY A 59 8.59 9.73 -5.94
CA GLY A 59 8.12 10.08 -7.26
C GLY A 59 7.85 8.87 -8.12
N ASP A 60 8.11 7.68 -7.58
CA ASP A 60 7.90 6.44 -8.31
C ASP A 60 6.53 5.85 -7.98
N ASP A 61 6.03 5.01 -8.88
CA ASP A 61 4.73 4.37 -8.68
C ASP A 61 4.85 3.13 -7.82
N VAL A 62 3.89 2.94 -6.91
CA VAL A 62 3.90 1.79 -6.02
C VAL A 62 2.49 1.42 -5.59
N GLU A 63 2.23 0.12 -5.48
CA GLU A 63 0.91 -0.36 -5.08
C GLU A 63 0.89 -0.73 -3.61
N PHE A 64 -0.12 -0.21 -2.89
CA PHE A 64 -0.25 -0.49 -1.47
C PHE A 64 -1.71 -0.75 -1.10
N GLU A 65 -1.94 -1.07 0.17
CA GLU A 65 -3.29 -1.35 0.65
C GLU A 65 -3.66 -0.41 1.79
N VAL A 66 -4.75 0.35 1.62
CA VAL A 66 -5.20 1.28 2.63
C VAL A 66 -5.78 0.55 3.84
N SER A 67 -5.17 0.75 5.00
CA SER A 67 -5.62 0.10 6.23
C SER A 67 -5.96 1.14 7.29
N SER A 68 -6.41 0.66 8.45
CA SER A 68 -6.77 1.54 9.55
C SER A 68 -6.06 1.13 10.84
N ASP A 69 -5.40 2.09 11.47
CA ASP A 69 -4.69 1.82 12.71
C ASP A 69 -5.65 1.44 13.83
N ARG A 70 -5.10 1.03 14.97
CA ARG A 70 -5.90 0.64 16.11
C ARG A 70 -5.82 1.69 17.22
N ARG A 71 -4.99 2.70 17.01
CA ARG A 71 -4.81 3.76 17.99
C ARG A 71 -5.43 5.07 17.49
N THR A 72 -5.27 5.33 16.20
CA THR A 72 -5.81 6.54 15.58
C THR A 72 -6.85 6.21 14.53
N GLY A 73 -6.87 4.96 14.09
CA GLY A 73 -7.82 4.54 13.08
C GLY A 73 -7.65 5.30 11.78
N LYS A 74 -6.51 5.96 11.63
CA LYS A 74 -6.22 6.73 10.41
C LYS A 74 -5.82 5.81 9.28
N PRO A 75 -6.08 6.25 8.03
CA PRO A 75 -5.75 5.48 6.83
C PRO A 75 -4.25 5.41 6.58
N ILE A 76 -3.66 4.24 6.86
CA ILE A 76 -2.24 4.04 6.67
C ILE A 76 -1.97 2.98 5.59
N ALA A 77 -0.86 3.13 4.89
CA ALA A 77 -0.48 2.20 3.83
C ALA A 77 0.26 1.00 4.41
N VAL A 78 0.00 -0.18 3.84
CA VAL A 78 0.65 -1.40 4.29
C VAL A 78 0.90 -2.35 3.13
N LYS A 79 1.75 -3.35 3.37
CA LYS A 79 2.08 -4.33 2.34
C LYS A 79 2.39 -3.64 1.01
N LEU A 80 3.24 -2.62 1.07
CA LEU A 80 3.62 -1.88 -0.14
C LEU A 80 4.33 -2.80 -1.14
N VAL A 81 4.25 -2.44 -2.42
CA VAL A 81 4.90 -3.22 -3.47
C VAL A 81 5.12 -2.38 -4.72
N LYS A 82 6.36 -2.34 -5.18
CA LYS A 82 6.71 -1.58 -6.37
C LYS A 82 6.02 -2.14 -7.61
N ILE A 83 5.28 -1.29 -8.30
CA ILE A 83 4.56 -1.70 -9.50
C ILE A 83 5.54 -2.16 -10.59
N SER A 84 6.56 -1.35 -10.84
CA SER A 84 7.56 -1.68 -11.85
C SER A 84 8.78 -2.34 -11.22
N GLY A 85 9.46 -3.18 -12.01
CA GLY A 85 10.63 -3.87 -11.51
C GLY A 85 10.66 -5.33 -11.91
N PRO A 86 11.21 -5.60 -13.12
CA PRO A 86 11.30 -6.96 -13.64
C PRO A 86 12.32 -7.82 -12.88
N SER A 87 12.21 -9.13 -13.03
CA SER A 87 13.12 -10.05 -12.36
C SER A 87 14.39 -10.24 -13.17
N SER A 88 15.44 -9.51 -12.80
CA SER A 88 16.72 -9.60 -13.49
C SER A 88 17.81 -8.85 -12.73
N GLY A 89 18.93 -9.53 -12.48
CA GLY A 89 20.03 -8.91 -11.76
C GLY A 89 20.14 -9.42 -10.33
N GLY A 1 6.43 -17.59 20.29
CA GLY A 1 5.06 -17.92 20.65
C GLY A 1 4.12 -16.74 20.44
N SER A 2 2.85 -16.93 20.78
CA SER A 2 1.84 -15.89 20.63
C SER A 2 1.73 -15.05 21.90
N SER A 3 2.44 -13.93 21.93
CA SER A 3 2.42 -13.05 23.09
C SER A 3 2.08 -11.61 22.68
N GLY A 4 1.62 -10.82 23.63
CA GLY A 4 1.28 -9.44 23.36
C GLY A 4 -0.15 -9.30 22.85
N SER A 5 -0.76 -8.16 23.18
CA SER A 5 -2.14 -7.90 22.76
C SER A 5 -2.19 -6.78 21.72
N SER A 6 -1.27 -6.83 20.76
CA SER A 6 -1.21 -5.82 19.71
C SER A 6 -2.26 -6.08 18.65
N GLY A 7 -2.49 -5.09 17.79
CA GLY A 7 -3.47 -5.24 16.73
C GLY A 7 -2.83 -5.56 15.39
N GLY A 8 -3.63 -5.49 14.32
CA GLY A 8 -3.11 -5.79 13.00
C GLY A 8 -4.12 -6.55 12.15
N TYR A 9 -3.65 -7.09 11.03
CA TYR A 9 -4.52 -7.83 10.13
C TYR A 9 -5.56 -8.63 10.90
N PRO A 10 -6.70 -8.91 10.26
CA PRO A 10 -6.94 -8.48 8.87
C PRO A 10 -7.13 -6.98 8.75
N ASN A 11 -7.27 -6.49 7.52
CA ASN A 11 -7.45 -5.07 7.27
C ASN A 11 -8.93 -4.71 7.27
N GLY A 12 -9.71 -5.39 6.43
CA GLY A 12 -11.13 -5.13 6.35
C GLY A 12 -11.96 -6.39 6.49
N THR A 13 -13.28 -6.22 6.60
CA THR A 13 -14.18 -7.35 6.75
C THR A 13 -14.96 -7.60 5.46
N SER A 14 -15.52 -6.54 4.89
CA SER A 14 -16.29 -6.65 3.66
C SER A 14 -15.88 -5.57 2.67
N ALA A 15 -14.58 -5.28 2.60
CA ALA A 15 -14.06 -4.26 1.70
C ALA A 15 -12.54 -4.22 1.73
N ALA A 16 -11.92 -4.27 0.55
CA ALA A 16 -10.46 -4.24 0.46
C ALA A 16 -10.02 -4.18 -1.00
N LEU A 17 -8.93 -3.45 -1.25
CA LEU A 17 -8.40 -3.30 -2.60
C LEU A 17 -7.06 -2.60 -2.58
N ARG A 18 -6.15 -3.05 -3.44
CA ARG A 18 -4.82 -2.46 -3.53
C ARG A 18 -4.86 -1.12 -4.25
N GLU A 19 -4.49 -0.06 -3.55
CA GLU A 19 -4.49 1.28 -4.12
C GLU A 19 -3.10 1.65 -4.67
N THR A 20 -3.08 2.54 -5.66
CA THR A 20 -1.83 2.97 -6.26
C THR A 20 -1.69 4.48 -6.24
N GLY A 21 -0.48 4.96 -6.02
CA GLY A 21 -0.23 6.39 -5.98
C GLY A 21 1.19 6.75 -6.36
N VAL A 22 1.82 7.60 -5.55
CA VAL A 22 3.20 8.02 -5.80
C VAL A 22 3.91 8.36 -4.51
N ILE A 23 5.22 8.14 -4.49
CA ILE A 23 6.03 8.43 -3.31
C ILE A 23 6.28 9.93 -3.16
N GLU A 24 5.44 10.59 -2.36
CA GLU A 24 5.56 12.02 -2.13
C GLU A 24 6.82 12.34 -1.33
N LYS A 25 7.03 11.60 -0.26
CA LYS A 25 8.19 11.79 0.59
C LYS A 25 8.71 10.46 1.14
N LEU A 26 10.02 10.40 1.40
CA LEU A 26 10.63 9.19 1.92
C LEU A 26 11.68 9.51 2.98
N LEU A 27 11.69 8.73 4.05
CA LEU A 27 12.66 8.93 5.13
C LEU A 27 13.44 7.66 5.42
N THR A 28 14.26 7.69 6.46
CA THR A 28 15.05 6.54 6.85
C THR A 28 14.24 5.54 7.68
N SER A 29 13.13 6.02 8.22
CA SER A 29 12.27 5.18 9.04
C SER A 29 11.00 4.80 8.28
N TYR A 30 10.45 5.76 7.54
CA TYR A 30 9.24 5.53 6.75
C TYR A 30 9.11 6.56 5.63
N GLY A 31 7.99 6.50 4.92
CA GLY A 31 7.77 7.44 3.82
C GLY A 31 6.29 7.66 3.55
N PHE A 32 5.98 8.73 2.85
CA PHE A 32 4.60 9.06 2.52
C PHE A 32 4.31 8.79 1.06
N ILE A 33 3.07 8.40 0.76
CA ILE A 33 2.67 8.10 -0.61
C ILE A 33 1.43 8.89 -1.01
N GLN A 34 1.60 9.80 -1.98
CA GLN A 34 0.48 10.63 -2.44
C GLN A 34 -0.49 9.80 -3.28
N CYS A 35 -1.68 9.56 -2.72
CA CYS A 35 -2.70 8.78 -3.41
C CYS A 35 -3.17 9.50 -4.66
N SER A 36 -3.23 8.78 -5.78
CA SER A 36 -3.66 9.35 -7.04
C SER A 36 -5.15 9.08 -7.29
N GLU A 37 -5.81 8.46 -6.31
CA GLU A 37 -7.22 8.15 -6.42
C GLU A 37 -8.05 9.06 -5.52
N ARG A 38 -7.56 9.28 -4.30
CA ARG A 38 -8.26 10.13 -3.34
C ARG A 38 -7.56 11.48 -3.21
N GLN A 39 -6.38 11.60 -3.81
CA GLN A 39 -5.62 12.84 -3.75
C GLN A 39 -5.24 13.19 -2.32
N ALA A 40 -4.74 12.19 -1.59
CA ALA A 40 -4.34 12.40 -0.20
C ALA A 40 -2.97 11.78 0.06
N ARG A 41 -2.15 12.48 0.85
CA ARG A 41 -0.81 12.00 1.18
C ARG A 41 -0.87 10.96 2.29
N LEU A 42 -0.69 9.69 1.92
CA LEU A 42 -0.71 8.61 2.88
C LEU A 42 0.63 8.47 3.59
N PHE A 43 0.68 7.62 4.62
CA PHE A 43 1.89 7.40 5.38
C PHE A 43 2.23 5.91 5.45
N PHE A 44 3.20 5.49 4.66
CA PHE A 44 3.61 4.09 4.63
C PHE A 44 4.86 3.87 5.48
N HIS A 45 4.89 2.76 6.21
CA HIS A 45 6.03 2.44 7.06
C HIS A 45 7.02 1.54 6.32
N CYS A 46 8.31 1.78 6.55
CA CYS A 46 9.36 1.00 5.91
C CYS A 46 9.10 -0.49 6.08
N SER A 47 8.27 -0.84 7.06
CA SER A 47 7.94 -2.24 7.32
C SER A 47 6.95 -2.77 6.29
N GLN A 48 6.06 -1.89 5.84
CA GLN A 48 5.05 -2.28 4.85
C GLN A 48 5.71 -2.74 3.55
N TYR A 49 6.60 -1.91 3.02
CA TYR A 49 7.29 -2.23 1.77
C TYR A 49 7.98 -3.60 1.87
N ASN A 50 7.70 -4.46 0.91
CA ASN A 50 8.29 -5.79 0.88
C ASN A 50 9.73 -5.75 0.40
N GLY A 51 9.96 -5.02 -0.69
CA GLY A 51 11.29 -4.90 -1.25
C GLY A 51 12.27 -4.27 -0.28
N ASN A 52 13.16 -3.44 -0.80
CA ASN A 52 14.16 -2.77 0.04
C ASN A 52 14.07 -1.25 -0.12
N LEU A 53 13.67 -0.57 0.95
CA LEU A 53 13.54 0.88 0.93
C LEU A 53 14.68 1.51 0.14
N GLN A 54 15.89 0.97 0.32
CA GLN A 54 17.06 1.48 -0.39
C GLN A 54 16.75 1.70 -1.87
N ASP A 55 16.12 0.71 -2.49
CA ASP A 55 15.78 0.80 -3.90
C ASP A 55 14.68 1.83 -4.13
N LEU A 56 13.73 1.89 -3.20
CA LEU A 56 12.62 2.83 -3.30
C LEU A 56 13.13 4.26 -3.38
N LYS A 57 12.28 5.16 -3.88
CA LYS A 57 12.64 6.57 -4.00
C LYS A 57 11.39 7.43 -4.21
N VAL A 58 11.52 8.73 -3.94
CA VAL A 58 10.41 9.66 -4.11
C VAL A 58 10.19 9.98 -5.58
N GLY A 59 8.94 9.84 -6.02
CA GLY A 59 8.62 10.11 -7.41
C GLY A 59 8.42 8.85 -8.23
N ASP A 60 8.21 7.73 -7.54
CA ASP A 60 8.00 6.46 -8.22
C ASP A 60 6.67 5.85 -7.81
N ASP A 61 5.97 5.26 -8.79
CA ASP A 61 4.68 4.64 -8.54
C ASP A 61 4.84 3.39 -7.67
N VAL A 62 3.88 3.17 -6.78
CA VAL A 62 3.91 2.00 -5.90
C VAL A 62 2.50 1.58 -5.50
N GLU A 63 2.29 0.28 -5.37
CA GLU A 63 0.99 -0.26 -4.99
C GLU A 63 0.97 -0.63 -3.51
N PHE A 64 -0.12 -0.28 -2.83
CA PHE A 64 -0.27 -0.58 -1.41
C PHE A 64 -1.73 -0.81 -1.05
N GLU A 65 -1.98 -1.16 0.21
CA GLU A 65 -3.34 -1.41 0.68
C GLU A 65 -3.69 -0.49 1.85
N VAL A 66 -4.74 0.30 1.69
CA VAL A 66 -5.18 1.22 2.73
C VAL A 66 -5.83 0.46 3.88
N SER A 67 -5.31 0.67 5.09
CA SER A 67 -5.83 0.02 6.27
C SER A 67 -6.01 1.01 7.41
N SER A 68 -6.54 0.53 8.54
CA SER A 68 -6.76 1.39 9.70
C SER A 68 -5.80 1.02 10.83
N ASP A 69 -5.18 2.04 11.41
CA ASP A 69 -4.23 1.83 12.50
C ASP A 69 -4.95 1.34 13.76
N ARG A 70 -4.17 0.94 14.76
CA ARG A 70 -4.73 0.45 16.02
C ARG A 70 -4.54 1.46 17.13
N ARG A 71 -3.97 2.61 16.79
CA ARG A 71 -3.72 3.66 17.78
C ARG A 71 -4.49 4.92 17.43
N THR A 72 -4.54 5.25 16.14
CA THR A 72 -5.24 6.44 15.67
C THR A 72 -6.38 6.07 14.73
N GLY A 73 -6.34 4.83 14.23
CA GLY A 73 -7.38 4.38 13.32
C GLY A 73 -7.38 5.14 12.01
N LYS A 74 -6.28 5.84 11.75
CA LYS A 74 -6.15 6.61 10.51
C LYS A 74 -5.81 5.71 9.33
N PRO A 75 -6.21 6.13 8.13
CA PRO A 75 -5.96 5.38 6.89
C PRO A 75 -4.47 5.37 6.52
N ILE A 76 -3.80 4.27 6.81
CA ILE A 76 -2.38 4.14 6.50
C ILE A 76 -2.15 3.09 5.42
N ALA A 77 -0.94 3.06 4.88
CA ALA A 77 -0.59 2.10 3.84
C ALA A 77 0.07 0.85 4.43
N VAL A 78 -0.12 -0.28 3.77
CA VAL A 78 0.45 -1.54 4.23
C VAL A 78 0.76 -2.46 3.06
N LYS A 79 1.66 -3.41 3.28
CA LYS A 79 2.05 -4.36 2.25
C LYS A 79 2.38 -3.64 0.95
N LEU A 80 3.19 -2.60 1.04
CA LEU A 80 3.58 -1.82 -0.12
C LEU A 80 4.34 -2.71 -1.13
N VAL A 81 4.28 -2.32 -2.40
CA VAL A 81 4.96 -3.07 -3.45
C VAL A 81 5.16 -2.21 -4.69
N LYS A 82 6.41 -2.07 -5.11
CA LYS A 82 6.73 -1.27 -6.30
C LYS A 82 6.09 -1.87 -7.55
N ILE A 83 5.27 -1.07 -8.22
CA ILE A 83 4.59 -1.52 -9.43
C ILE A 83 5.60 -1.94 -10.50
N SER A 84 6.49 -1.02 -10.86
CA SER A 84 7.50 -1.30 -11.86
C SER A 84 8.91 -1.27 -11.25
N GLY A 85 9.70 -2.27 -11.57
CA GLY A 85 11.06 -2.35 -11.04
C GLY A 85 11.51 -3.76 -10.78
N PRO A 86 12.02 -4.43 -11.83
CA PRO A 86 12.50 -5.81 -11.74
C PRO A 86 13.78 -5.93 -10.93
N SER A 87 13.93 -7.03 -10.21
CA SER A 87 15.11 -7.26 -9.39
C SER A 87 16.22 -7.90 -10.21
N SER A 88 17.36 -7.23 -10.26
CA SER A 88 18.52 -7.72 -11.01
C SER A 88 19.81 -7.16 -10.46
N GLY A 89 20.90 -7.90 -10.63
CA GLY A 89 22.19 -7.46 -10.15
C GLY A 89 22.68 -6.21 -10.87
N GLY A 1 -28.82 -22.32 15.39
CA GLY A 1 -28.67 -21.03 16.05
C GLY A 1 -29.75 -20.04 15.66
N SER A 2 -30.59 -19.66 16.63
CA SER A 2 -31.68 -18.73 16.37
C SER A 2 -31.20 -17.29 16.52
N SER A 3 -30.48 -17.03 17.61
CA SER A 3 -29.97 -15.69 17.89
C SER A 3 -28.52 -15.57 17.45
N GLY A 4 -28.31 -15.33 16.16
CA GLY A 4 -26.97 -15.19 15.63
C GLY A 4 -26.92 -15.33 14.12
N SER A 5 -25.72 -15.45 13.57
CA SER A 5 -25.54 -15.59 12.14
C SER A 5 -25.20 -17.04 11.77
N SER A 6 -26.23 -17.79 11.40
CA SER A 6 -26.05 -19.19 11.02
C SER A 6 -26.57 -19.44 9.62
N GLY A 7 -25.79 -20.19 8.84
CA GLY A 7 -26.18 -20.49 7.47
C GLY A 7 -26.34 -19.25 6.62
N GLY A 8 -26.33 -19.43 5.31
CA GLY A 8 -26.48 -18.30 4.41
C GLY A 8 -25.27 -18.11 3.51
N TYR A 9 -25.51 -18.00 2.21
CA TYR A 9 -24.42 -17.81 1.26
C TYR A 9 -24.80 -16.78 0.19
N PRO A 10 -23.78 -16.10 -0.36
CA PRO A 10 -22.39 -16.31 0.02
C PRO A 10 -22.09 -15.81 1.43
N ASN A 11 -21.17 -16.49 2.12
CA ASN A 11 -20.79 -16.10 3.47
C ASN A 11 -20.31 -14.66 3.51
N GLY A 12 -20.47 -14.03 4.67
CA GLY A 12 -20.05 -12.64 4.82
C GLY A 12 -18.54 -12.50 4.83
N THR A 13 -17.95 -12.39 3.64
CA THR A 13 -16.50 -12.24 3.52
C THR A 13 -16.13 -10.88 2.95
N SER A 14 -15.00 -10.36 3.39
CA SER A 14 -14.53 -9.05 2.93
C SER A 14 -13.45 -9.21 1.87
N ALA A 15 -13.23 -8.14 1.10
CA ALA A 15 -12.22 -8.16 0.05
C ALA A 15 -11.25 -6.99 0.20
N ALA A 16 -9.99 -7.23 -0.18
CA ALA A 16 -8.95 -6.21 -0.07
C ALA A 16 -8.64 -5.62 -1.44
N LEU A 17 -8.66 -4.29 -1.54
CA LEU A 17 -8.37 -3.61 -2.78
C LEU A 17 -7.05 -2.83 -2.70
N ARG A 18 -6.09 -3.20 -3.54
CA ARG A 18 -4.80 -2.53 -3.56
C ARG A 18 -4.88 -1.19 -4.28
N GLU A 19 -4.51 -0.12 -3.57
CA GLU A 19 -4.54 1.21 -4.14
C GLU A 19 -3.17 1.62 -4.66
N THR A 20 -3.14 2.48 -5.67
CA THR A 20 -1.89 2.94 -6.26
C THR A 20 -1.74 4.46 -6.09
N GLY A 21 -0.52 4.90 -5.82
CA GLY A 21 -0.26 6.31 -5.64
C GLY A 21 1.13 6.71 -6.08
N VAL A 22 1.77 7.58 -5.31
CA VAL A 22 3.12 8.04 -5.62
C VAL A 22 3.89 8.40 -4.37
N ILE A 23 5.17 8.03 -4.32
CA ILE A 23 6.01 8.32 -3.17
C ILE A 23 6.22 9.82 -3.01
N GLU A 24 5.35 10.47 -2.25
CA GLU A 24 5.45 11.91 -2.02
C GLU A 24 6.74 12.25 -1.28
N LYS A 25 6.98 11.55 -0.18
CA LYS A 25 8.19 11.78 0.61
C LYS A 25 8.74 10.46 1.15
N LEU A 26 10.03 10.45 1.45
CA LEU A 26 10.68 9.26 1.97
C LEU A 26 11.72 9.62 3.02
N LEU A 27 11.78 8.82 4.09
CA LEU A 27 12.72 9.05 5.17
C LEU A 27 13.55 7.81 5.46
N THR A 28 14.36 7.87 6.51
CA THR A 28 15.21 6.74 6.89
C THR A 28 14.43 5.74 7.74
N SER A 29 13.25 6.15 8.20
CA SER A 29 12.41 5.29 9.02
C SER A 29 11.15 4.89 8.27
N TYR A 30 10.56 5.84 7.57
CA TYR A 30 9.34 5.60 6.81
C TYR A 30 9.20 6.60 5.66
N GLY A 31 8.08 6.53 4.96
CA GLY A 31 7.84 7.42 3.84
C GLY A 31 6.36 7.66 3.59
N PHE A 32 6.05 8.75 2.89
CA PHE A 32 4.67 9.10 2.59
C PHE A 32 4.34 8.79 1.13
N ILE A 33 3.05 8.57 0.86
CA ILE A 33 2.62 8.26 -0.50
C ILE A 33 1.38 9.07 -0.87
N GLN A 34 1.52 9.94 -1.86
CA GLN A 34 0.41 10.79 -2.31
C GLN A 34 -0.49 10.03 -3.27
N CYS A 35 -1.52 9.38 -2.73
CA CYS A 35 -2.46 8.61 -3.53
C CYS A 35 -2.76 9.33 -4.85
N SER A 36 -2.96 8.55 -5.91
CA SER A 36 -3.24 9.11 -7.22
C SER A 36 -4.73 9.03 -7.54
N GLU A 37 -5.48 8.33 -6.68
CA GLU A 37 -6.91 8.17 -6.86
C GLU A 37 -7.69 9.05 -5.89
N ARG A 38 -7.21 9.12 -4.65
CA ARG A 38 -7.86 9.93 -3.63
C ARG A 38 -7.06 11.21 -3.37
N GLN A 39 -6.04 11.45 -4.18
CA GLN A 39 -5.20 12.64 -4.03
C GLN A 39 -5.01 12.97 -2.56
N ALA A 40 -4.63 11.98 -1.77
CA ALA A 40 -4.42 12.18 -0.34
C ALA A 40 -3.01 11.73 0.07
N ARG A 41 -2.34 12.54 0.89
CA ARG A 41 -1.00 12.22 1.34
C ARG A 41 -1.03 11.12 2.40
N LEU A 42 -0.81 9.88 1.96
CA LEU A 42 -0.81 8.74 2.87
C LEU A 42 0.54 8.59 3.56
N PHE A 43 0.60 7.71 4.56
CA PHE A 43 1.82 7.47 5.29
C PHE A 43 2.15 5.97 5.33
N PHE A 44 3.21 5.58 4.64
CA PHE A 44 3.63 4.19 4.59
C PHE A 44 4.89 3.98 5.43
N HIS A 45 4.95 2.85 6.12
CA HIS A 45 6.10 2.52 6.96
C HIS A 45 7.10 1.65 6.20
N CYS A 46 8.38 1.89 6.41
CA CYS A 46 9.44 1.14 5.74
C CYS A 46 9.23 -0.36 5.94
N SER A 47 8.39 -0.72 6.92
CA SER A 47 8.12 -2.12 7.22
C SER A 47 7.08 -2.69 6.25
N GLN A 48 6.20 -1.82 5.77
CA GLN A 48 5.15 -2.24 4.84
C GLN A 48 5.76 -2.75 3.53
N TYR A 49 6.64 -1.94 2.95
CA TYR A 49 7.29 -2.30 1.69
C TYR A 49 7.95 -3.67 1.79
N ASN A 50 7.57 -4.58 0.90
CA ASN A 50 8.13 -5.92 0.89
C ASN A 50 9.53 -5.93 0.29
N GLY A 51 9.73 -5.08 -0.71
CA GLY A 51 11.03 -4.99 -1.35
C GLY A 51 12.09 -4.38 -0.46
N ASN A 52 12.90 -3.49 -1.03
CA ASN A 52 13.96 -2.82 -0.26
C ASN A 52 13.90 -1.31 -0.47
N LEU A 53 13.53 -0.60 0.57
CA LEU A 53 13.44 0.86 0.51
C LEU A 53 14.53 1.43 -0.40
N GLN A 54 15.76 0.96 -0.23
CA GLN A 54 16.88 1.42 -1.04
C GLN A 54 16.47 1.57 -2.50
N ASP A 55 15.83 0.53 -3.03
CA ASP A 55 15.40 0.53 -4.42
C ASP A 55 14.32 1.58 -4.64
N LEU A 56 13.47 1.78 -3.64
CA LEU A 56 12.40 2.76 -3.73
C LEU A 56 12.95 4.18 -3.72
N LYS A 57 12.13 5.14 -4.15
CA LYS A 57 12.55 6.54 -4.20
C LYS A 57 11.33 7.45 -4.32
N VAL A 58 11.53 8.73 -4.02
CA VAL A 58 10.45 9.71 -4.09
C VAL A 58 10.14 10.07 -5.54
N GLY A 59 8.88 9.86 -5.93
CA GLY A 59 8.47 10.16 -7.29
C GLY A 59 8.30 8.92 -8.14
N ASP A 60 8.11 7.78 -7.48
CA ASP A 60 7.93 6.52 -8.18
C ASP A 60 6.59 5.88 -7.83
N ASP A 61 5.97 5.21 -8.80
CA ASP A 61 4.70 4.55 -8.59
C ASP A 61 4.86 3.30 -7.72
N VAL A 62 3.87 3.04 -6.89
CA VAL A 62 3.90 1.89 -6.00
C VAL A 62 2.50 1.48 -5.57
N GLU A 63 2.27 0.18 -5.47
CA GLU A 63 0.96 -0.34 -5.06
C GLU A 63 0.95 -0.67 -3.57
N PHE A 64 -0.14 -0.32 -2.90
CA PHE A 64 -0.28 -0.58 -1.46
C PHE A 64 -1.74 -0.83 -1.10
N GLU A 65 -1.98 -1.14 0.17
CA GLU A 65 -3.32 -1.41 0.66
C GLU A 65 -3.69 -0.47 1.80
N VAL A 66 -4.72 0.33 1.60
CA VAL A 66 -5.17 1.27 2.62
C VAL A 66 -5.85 0.54 3.77
N SER A 67 -5.29 0.69 4.97
CA SER A 67 -5.84 0.04 6.16
C SER A 67 -5.97 1.04 7.30
N SER A 68 -6.50 0.57 8.43
CA SER A 68 -6.68 1.42 9.60
C SER A 68 -5.71 1.00 10.72
N ASP A 69 -5.14 2.00 11.39
CA ASP A 69 -4.21 1.74 12.47
C ASP A 69 -4.94 1.30 13.73
N ARG A 70 -4.20 0.78 14.71
CA ARG A 70 -4.78 0.33 15.96
C ARG A 70 -4.53 1.34 17.08
N ARG A 71 -3.83 2.42 16.74
CA ARG A 71 -3.52 3.46 17.72
C ARG A 71 -4.23 4.77 17.37
N THR A 72 -4.24 5.09 16.07
CA THR A 72 -4.88 6.31 15.60
C THR A 72 -6.09 5.99 14.73
N GLY A 73 -6.16 4.75 14.25
CA GLY A 73 -7.27 4.35 13.40
C GLY A 73 -7.31 5.11 12.10
N LYS A 74 -6.20 5.76 11.76
CA LYS A 74 -6.12 6.54 10.52
C LYS A 74 -5.78 5.64 9.34
N PRO A 75 -6.18 6.07 8.13
CA PRO A 75 -5.93 5.31 6.90
C PRO A 75 -4.45 5.31 6.52
N ILE A 76 -3.76 4.22 6.85
CA ILE A 76 -2.33 4.10 6.53
C ILE A 76 -2.11 3.06 5.44
N ALA A 77 -0.91 3.08 4.86
CA ALA A 77 -0.56 2.13 3.82
C ALA A 77 0.12 0.90 4.40
N VAL A 78 -0.15 -0.26 3.80
CA VAL A 78 0.45 -1.51 4.26
C VAL A 78 0.72 -2.45 3.08
N LYS A 79 1.66 -3.36 3.27
CA LYS A 79 2.03 -4.32 2.24
C LYS A 79 2.35 -3.61 0.94
N LEU A 80 3.23 -2.61 1.01
CA LEU A 80 3.62 -1.84 -0.17
C LEU A 80 4.39 -2.72 -1.15
N VAL A 81 4.27 -2.41 -2.44
CA VAL A 81 4.95 -3.17 -3.48
C VAL A 81 5.13 -2.33 -4.73
N LYS A 82 6.36 -2.31 -5.26
CA LYS A 82 6.67 -1.55 -6.46
C LYS A 82 5.93 -2.12 -7.67
N ILE A 83 5.31 -1.23 -8.44
CA ILE A 83 4.56 -1.64 -9.63
C ILE A 83 5.51 -2.06 -10.75
N SER A 84 6.37 -1.13 -11.16
CA SER A 84 7.33 -1.38 -12.23
C SER A 84 8.25 -2.54 -11.86
N GLY A 85 8.37 -3.51 -12.76
CA GLY A 85 9.22 -4.66 -12.51
C GLY A 85 10.00 -5.07 -13.74
N PRO A 86 11.13 -4.38 -14.00
CA PRO A 86 11.98 -4.68 -15.15
C PRO A 86 12.71 -6.01 -15.01
N SER A 87 12.79 -6.75 -16.11
CA SER A 87 13.46 -8.04 -16.11
C SER A 87 14.98 -7.87 -15.98
N SER A 88 15.48 -8.13 -14.78
CA SER A 88 16.91 -8.00 -14.51
C SER A 88 17.61 -9.36 -14.58
N GLY A 89 18.17 -9.65 -15.74
CA GLY A 89 18.86 -10.92 -15.94
C GLY A 89 19.33 -11.12 -17.37
N GLY A 1 -27.89 -21.25 -28.37
CA GLY A 1 -28.78 -20.87 -27.27
C GLY A 1 -28.31 -21.42 -25.94
N SER A 2 -28.23 -20.56 -24.93
CA SER A 2 -27.80 -20.96 -23.61
C SER A 2 -28.86 -20.62 -22.56
N SER A 3 -28.69 -21.16 -21.36
CA SER A 3 -29.64 -20.93 -20.27
C SER A 3 -29.87 -19.44 -20.07
N GLY A 4 -28.78 -18.68 -20.04
CA GLY A 4 -28.89 -17.24 -19.84
C GLY A 4 -27.68 -16.65 -19.14
N SER A 5 -27.57 -15.33 -19.16
CA SER A 5 -26.45 -14.65 -18.52
C SER A 5 -26.79 -14.27 -17.08
N SER A 6 -26.65 -15.23 -16.18
CA SER A 6 -26.94 -15.00 -14.77
C SER A 6 -25.72 -15.30 -13.91
N GLY A 7 -25.19 -14.27 -13.25
CA GLY A 7 -24.04 -14.43 -12.41
C GLY A 7 -22.89 -15.14 -13.12
N GLY A 8 -21.87 -15.52 -12.35
CA GLY A 8 -20.72 -16.19 -12.94
C GLY A 8 -19.46 -15.37 -12.85
N TYR A 9 -19.38 -14.32 -13.66
CA TYR A 9 -18.20 -13.45 -13.67
C TYR A 9 -18.60 -12.01 -14.03
N PRO A 10 -17.80 -11.05 -13.55
CA PRO A 10 -16.62 -11.33 -12.72
C PRO A 10 -17.00 -11.86 -11.34
N ASN A 11 -16.09 -12.61 -10.74
CA ASN A 11 -16.32 -13.18 -9.41
C ASN A 11 -15.75 -12.28 -8.33
N GLY A 12 -16.38 -12.29 -7.16
CA GLY A 12 -15.92 -11.46 -6.06
C GLY A 12 -15.80 -12.23 -4.76
N THR A 13 -14.57 -12.64 -4.43
CA THR A 13 -14.33 -13.40 -3.20
C THR A 13 -13.73 -12.51 -2.12
N SER A 14 -12.55 -11.97 -2.40
CA SER A 14 -11.85 -11.10 -1.45
C SER A 14 -12.33 -9.66 -1.59
N ALA A 15 -12.30 -8.92 -0.48
CA ALA A 15 -12.71 -7.52 -0.49
C ALA A 15 -11.51 -6.59 -0.45
N ALA A 16 -10.33 -7.16 -0.25
CA ALA A 16 -9.10 -6.38 -0.20
C ALA A 16 -8.82 -5.72 -1.56
N LEU A 17 -8.71 -4.40 -1.54
CA LEU A 17 -8.45 -3.65 -2.76
C LEU A 17 -7.12 -2.89 -2.66
N ARG A 18 -6.24 -3.11 -3.62
CA ARG A 18 -4.94 -2.45 -3.62
C ARG A 18 -5.04 -1.08 -4.31
N GLU A 19 -4.45 -0.07 -3.66
CA GLU A 19 -4.47 1.28 -4.20
C GLU A 19 -3.08 1.71 -4.66
N THR A 20 -3.05 2.61 -5.63
CA THR A 20 -1.78 3.10 -6.17
C THR A 20 -1.67 4.62 -6.06
N GLY A 21 -0.46 5.11 -5.88
CA GLY A 21 -0.25 6.54 -5.75
C GLY A 21 1.12 6.98 -6.24
N VAL A 22 1.82 7.78 -5.44
CA VAL A 22 3.14 8.26 -5.78
C VAL A 22 3.94 8.66 -4.55
N ILE A 23 5.16 8.16 -4.45
CA ILE A 23 6.02 8.46 -3.32
C ILE A 23 6.29 9.96 -3.21
N GLU A 24 5.47 10.65 -2.44
CA GLU A 24 5.62 12.09 -2.24
C GLU A 24 6.85 12.40 -1.40
N LYS A 25 7.07 11.59 -0.37
CA LYS A 25 8.22 11.79 0.52
C LYS A 25 8.76 10.45 1.01
N LEU A 26 10.04 10.41 1.32
CA LEU A 26 10.69 9.20 1.80
C LEU A 26 11.76 9.52 2.83
N LEU A 27 11.80 8.73 3.90
CA LEU A 27 12.79 8.93 4.96
C LEU A 27 13.50 7.62 5.30
N THR A 28 14.34 7.66 6.32
CA THR A 28 15.09 6.47 6.73
C THR A 28 14.21 5.53 7.54
N SER A 29 13.25 6.08 8.26
CA SER A 29 12.33 5.29 9.07
C SER A 29 11.11 4.88 8.27
N TYR A 30 10.56 5.81 7.50
CA TYR A 30 9.39 5.54 6.69
C TYR A 30 9.22 6.61 5.60
N GLY A 31 8.16 6.48 4.81
CA GLY A 31 7.91 7.43 3.74
C GLY A 31 6.43 7.69 3.54
N PHE A 32 6.11 8.74 2.80
CA PHE A 32 4.73 9.10 2.53
C PHE A 32 4.37 8.83 1.07
N ILE A 33 3.10 8.50 0.83
CA ILE A 33 2.63 8.21 -0.52
C ILE A 33 1.41 9.06 -0.86
N GLN A 34 1.55 9.91 -1.87
CA GLN A 34 0.46 10.78 -2.29
C GLN A 34 -0.44 10.06 -3.30
N CYS A 35 -1.48 9.41 -2.78
CA CYS A 35 -2.42 8.68 -3.63
C CYS A 35 -2.76 9.48 -4.88
N SER A 36 -2.97 8.78 -5.99
CA SER A 36 -3.29 9.43 -7.25
C SER A 36 -4.78 9.28 -7.57
N GLU A 37 -5.49 8.54 -6.72
CA GLU A 37 -6.91 8.32 -6.91
C GLU A 37 -7.73 9.12 -5.91
N ARG A 38 -7.26 9.15 -4.66
CA ARG A 38 -7.95 9.88 -3.60
C ARG A 38 -7.25 11.21 -3.32
N GLN A 39 -6.15 11.45 -4.02
CA GLN A 39 -5.38 12.69 -3.84
C GLN A 39 -5.16 12.98 -2.36
N ALA A 40 -4.82 11.95 -1.61
CA ALA A 40 -4.57 12.09 -0.18
C ALA A 40 -3.16 11.64 0.19
N ARG A 41 -2.49 12.44 1.01
CA ARG A 41 -1.12 12.13 1.43
C ARG A 41 -1.12 11.00 2.45
N LEU A 42 -0.85 9.79 1.99
CA LEU A 42 -0.82 8.62 2.87
C LEU A 42 0.55 8.46 3.52
N PHE A 43 0.62 7.69 4.59
CA PHE A 43 1.86 7.46 5.31
C PHE A 43 2.18 5.97 5.38
N PHE A 44 3.22 5.57 4.65
CA PHE A 44 3.64 4.17 4.62
C PHE A 44 4.90 3.96 5.44
N HIS A 45 4.95 2.85 6.17
CA HIS A 45 6.10 2.53 7.00
C HIS A 45 7.08 1.64 6.25
N CYS A 46 8.37 1.89 6.45
CA CYS A 46 9.41 1.10 5.79
C CYS A 46 9.19 -0.39 6.00
N SER A 47 8.41 -0.72 7.02
CA SER A 47 8.12 -2.12 7.34
C SER A 47 7.10 -2.70 6.36
N GLN A 48 6.18 -1.85 5.90
CA GLN A 48 5.15 -2.27 4.95
C GLN A 48 5.78 -2.78 3.65
N TYR A 49 6.66 -1.97 3.08
CA TYR A 49 7.32 -2.34 1.83
C TYR A 49 8.00 -3.70 1.95
N ASN A 50 7.74 -4.57 0.98
CA ASN A 50 8.31 -5.90 0.96
C ASN A 50 9.75 -5.87 0.46
N GLY A 51 9.97 -5.16 -0.64
CA GLY A 51 11.31 -5.06 -1.20
C GLY A 51 12.29 -4.39 -0.26
N ASN A 52 13.15 -3.53 -0.81
CA ASN A 52 14.14 -2.82 -0.01
C ASN A 52 14.02 -1.31 -0.23
N LEU A 53 13.56 -0.61 0.80
CA LEU A 53 13.41 0.84 0.74
C LEU A 53 14.50 1.47 -0.13
N GLN A 54 15.71 0.94 -0.03
CA GLN A 54 16.84 1.44 -0.81
C GLN A 54 16.44 1.64 -2.26
N ASP A 55 15.85 0.62 -2.85
CA ASP A 55 15.42 0.67 -4.24
C ASP A 55 14.34 1.72 -4.43
N LEU A 56 13.44 1.84 -3.45
CA LEU A 56 12.36 2.81 -3.51
C LEU A 56 12.90 4.24 -3.52
N LYS A 57 12.11 5.16 -4.08
CA LYS A 57 12.51 6.56 -4.14
C LYS A 57 11.29 7.46 -4.30
N VAL A 58 11.48 8.74 -4.03
CA VAL A 58 10.39 9.72 -4.14
C VAL A 58 10.10 10.05 -5.59
N GLY A 59 8.83 9.97 -5.98
CA GLY A 59 8.45 10.26 -7.34
C GLY A 59 8.26 9.00 -8.18
N ASP A 60 8.07 7.87 -7.51
CA ASP A 60 7.88 6.60 -8.19
C ASP A 60 6.52 5.99 -7.84
N ASP A 61 6.01 5.16 -8.74
CA ASP A 61 4.72 4.50 -8.53
C ASP A 61 4.88 3.27 -7.65
N VAL A 62 3.90 3.04 -6.76
CA VAL A 62 3.93 1.89 -5.87
C VAL A 62 2.52 1.49 -5.46
N GLU A 63 2.31 0.17 -5.34
CA GLU A 63 1.00 -0.35 -4.94
C GLU A 63 0.98 -0.70 -3.46
N PHE A 64 -0.08 -0.29 -2.77
CA PHE A 64 -0.22 -0.56 -1.35
C PHE A 64 -1.68 -0.84 -0.99
N GLU A 65 -1.91 -1.21 0.26
CA GLU A 65 -3.25 -1.52 0.73
C GLU A 65 -3.64 -0.62 1.89
N VAL A 66 -4.71 0.15 1.70
CA VAL A 66 -5.19 1.07 2.73
C VAL A 66 -5.86 0.31 3.87
N SER A 67 -5.40 0.56 5.09
CA SER A 67 -5.95 -0.10 6.26
C SER A 67 -6.21 0.89 7.39
N SER A 68 -6.78 0.42 8.49
CA SER A 68 -7.09 1.27 9.63
C SER A 68 -6.24 0.87 10.84
N ASP A 69 -5.27 1.71 11.17
CA ASP A 69 -4.40 1.46 12.31
C ASP A 69 -5.22 1.11 13.55
N ARG A 70 -4.52 0.62 14.59
CA ARG A 70 -5.19 0.24 15.83
C ARG A 70 -4.91 1.27 16.92
N ARG A 71 -3.90 2.10 16.71
CA ARG A 71 -3.54 3.13 17.68
C ARG A 71 -4.19 4.46 17.33
N THR A 72 -4.01 4.90 16.09
CA THR A 72 -4.59 6.15 15.63
C THR A 72 -5.86 5.92 14.81
N GLY A 73 -6.00 4.71 14.28
CA GLY A 73 -7.16 4.38 13.49
C GLY A 73 -7.23 5.16 12.19
N LYS A 74 -6.10 5.75 11.80
CA LYS A 74 -6.04 6.54 10.58
C LYS A 74 -5.71 5.64 9.38
N PRO A 75 -6.13 6.09 8.18
CA PRO A 75 -5.90 5.34 6.94
C PRO A 75 -4.43 5.34 6.54
N ILE A 76 -3.75 4.22 6.79
CA ILE A 76 -2.35 4.09 6.46
C ILE A 76 -2.13 3.00 5.41
N ALA A 77 -0.96 3.03 4.77
CA ALA A 77 -0.63 2.04 3.75
C ALA A 77 0.09 0.84 4.36
N VAL A 78 -0.15 -0.34 3.78
CA VAL A 78 0.48 -1.57 4.26
C VAL A 78 0.82 -2.49 3.10
N LYS A 79 1.71 -3.44 3.36
CA LYS A 79 2.14 -4.40 2.35
C LYS A 79 2.46 -3.69 1.03
N LEU A 80 3.27 -2.64 1.11
CA LEU A 80 3.66 -1.88 -0.07
C LEU A 80 4.40 -2.75 -1.07
N VAL A 81 4.22 -2.46 -2.35
CA VAL A 81 4.88 -3.22 -3.41
C VAL A 81 5.03 -2.38 -4.68
N LYS A 82 6.28 -2.20 -5.11
CA LYS A 82 6.57 -1.43 -6.31
C LYS A 82 5.88 -2.03 -7.52
N ILE A 83 5.19 -1.19 -8.29
CA ILE A 83 4.50 -1.64 -9.49
C ILE A 83 5.48 -2.01 -10.59
N SER A 84 6.34 -1.07 -10.96
CA SER A 84 7.33 -1.30 -12.01
C SER A 84 8.70 -1.63 -11.40
N GLY A 85 9.26 -2.76 -11.80
CA GLY A 85 10.55 -3.17 -11.29
C GLY A 85 11.33 -4.03 -12.26
N PRO A 86 12.08 -3.37 -13.17
CA PRO A 86 12.87 -4.07 -14.18
C PRO A 86 14.07 -4.81 -13.58
N SER A 87 13.90 -6.11 -13.38
CA SER A 87 14.96 -6.93 -12.80
C SER A 87 16.09 -7.15 -13.80
N SER A 88 17.33 -7.11 -13.33
CA SER A 88 18.49 -7.30 -14.19
C SER A 88 18.38 -8.62 -14.96
N GLY A 89 18.84 -8.60 -16.21
CA GLY A 89 18.79 -9.79 -17.04
C GLY A 89 17.55 -9.82 -17.92
N GLY A 1 -30.18 -4.79 -0.41
CA GLY A 1 -31.14 -4.12 0.45
C GLY A 1 -31.58 -4.98 1.62
N SER A 2 -32.28 -4.37 2.58
CA SER A 2 -32.74 -5.08 3.76
C SER A 2 -33.72 -6.19 3.37
N SER A 3 -33.19 -7.38 3.11
CA SER A 3 -34.01 -8.53 2.73
C SER A 3 -34.87 -8.19 1.51
N GLY A 4 -34.25 -7.57 0.52
CA GLY A 4 -34.97 -7.21 -0.69
C GLY A 4 -34.10 -6.45 -1.67
N SER A 5 -34.37 -6.63 -2.97
CA SER A 5 -33.61 -5.96 -4.01
C SER A 5 -34.35 -4.74 -4.53
N SER A 6 -34.09 -3.59 -3.92
CA SER A 6 -34.73 -2.35 -4.32
C SER A 6 -34.08 -1.76 -5.57
N GLY A 7 -32.76 -1.59 -5.51
CA GLY A 7 -32.04 -1.05 -6.63
C GLY A 7 -31.53 0.36 -6.38
N GLY A 8 -30.23 0.57 -6.56
CA GLY A 8 -29.65 1.88 -6.32
C GLY A 8 -28.35 1.81 -5.54
N TYR A 9 -27.39 2.63 -5.92
CA TYR A 9 -26.10 2.66 -5.24
C TYR A 9 -26.18 3.47 -3.95
N PRO A 10 -25.28 3.16 -3.00
CA PRO A 10 -24.27 2.11 -3.17
C PRO A 10 -24.89 0.72 -3.18
N ASN A 11 -24.46 -0.11 -4.12
CA ASN A 11 -24.96 -1.47 -4.24
C ASN A 11 -24.80 -2.23 -2.93
N GLY A 12 -23.61 -2.14 -2.34
CA GLY A 12 -23.35 -2.82 -1.08
C GLY A 12 -21.97 -2.52 -0.53
N THR A 13 -21.56 -3.28 0.47
CA THR A 13 -20.24 -3.09 1.08
C THR A 13 -19.13 -3.22 0.05
N SER A 14 -17.94 -2.73 0.41
CA SER A 14 -16.80 -2.79 -0.49
C SER A 14 -15.61 -3.46 0.18
N ALA A 15 -15.14 -4.57 -0.39
CA ALA A 15 -14.01 -5.31 0.15
C ALA A 15 -12.70 -4.58 -0.13
N ALA A 16 -11.82 -4.56 0.87
CA ALA A 16 -10.53 -3.90 0.72
C ALA A 16 -9.94 -4.15 -0.67
N LEU A 17 -9.09 -3.23 -1.11
CA LEU A 17 -8.46 -3.34 -2.42
C LEU A 17 -7.11 -2.62 -2.45
N ARG A 18 -6.23 -3.04 -3.35
CA ARG A 18 -4.92 -2.43 -3.48
C ARG A 18 -5.00 -1.11 -4.24
N GLU A 19 -4.51 -0.04 -3.60
CA GLU A 19 -4.54 1.29 -4.21
C GLU A 19 -3.16 1.67 -4.74
N THR A 20 -3.12 2.55 -5.73
CA THR A 20 -1.87 2.99 -6.33
C THR A 20 -1.73 4.51 -6.23
N GLY A 21 -0.52 4.97 -5.94
CA GLY A 21 -0.27 6.40 -5.83
C GLY A 21 1.14 6.77 -6.22
N VAL A 22 1.76 7.63 -5.41
CA VAL A 22 3.13 8.06 -5.68
C VAL A 22 3.85 8.43 -4.39
N ILE A 23 5.15 8.14 -4.33
CA ILE A 23 5.95 8.44 -3.16
C ILE A 23 6.25 9.93 -3.06
N GLU A 24 5.42 10.65 -2.32
CA GLU A 24 5.59 12.09 -2.13
C GLU A 24 6.81 12.39 -1.28
N LYS A 25 6.97 11.64 -0.20
CA LYS A 25 8.10 11.82 0.71
C LYS A 25 8.61 10.48 1.21
N LEU A 26 9.91 10.42 1.51
CA LEU A 26 10.53 9.19 2.00
C LEU A 26 11.61 9.51 3.03
N LEU A 27 11.68 8.70 4.08
CA LEU A 27 12.67 8.89 5.13
C LEU A 27 13.33 7.56 5.50
N THR A 28 14.19 7.60 6.51
CA THR A 28 14.89 6.41 6.97
C THR A 28 13.97 5.52 7.81
N SER A 29 13.01 6.14 8.47
CA SER A 29 12.07 5.41 9.32
C SER A 29 10.83 5.00 8.52
N TYR A 30 10.34 5.91 7.70
CA TYR A 30 9.16 5.65 6.87
C TYR A 30 9.02 6.69 5.76
N GLY A 31 7.94 6.59 5.00
CA GLY A 31 7.71 7.52 3.91
C GLY A 31 6.24 7.69 3.59
N PHE A 32 5.91 8.77 2.89
CA PHE A 32 4.53 9.05 2.52
C PHE A 32 4.27 8.69 1.06
N ILE A 33 3.00 8.47 0.73
CA ILE A 33 2.62 8.12 -0.64
C ILE A 33 1.36 8.87 -1.07
N GLN A 34 1.55 9.84 -1.96
CA GLN A 34 0.42 10.63 -2.45
C GLN A 34 -0.45 9.81 -3.38
N CYS A 35 -1.58 9.33 -2.87
CA CYS A 35 -2.51 8.53 -3.66
C CYS A 35 -2.87 9.24 -4.96
N SER A 36 -2.96 8.48 -6.04
CA SER A 36 -3.29 9.03 -7.34
C SER A 36 -4.79 8.90 -7.63
N GLU A 37 -5.54 8.49 -6.61
CA GLU A 37 -6.98 8.31 -6.75
C GLU A 37 -7.74 9.18 -5.75
N ARG A 38 -7.22 9.25 -4.53
CA ARG A 38 -7.83 10.05 -3.48
C ARG A 38 -7.09 11.36 -3.28
N GLN A 39 -6.00 11.54 -4.03
CA GLN A 39 -5.20 12.76 -3.93
C GLN A 39 -4.92 13.10 -2.48
N ALA A 40 -4.41 12.13 -1.73
CA ALA A 40 -4.10 12.34 -0.31
C ALA A 40 -2.74 11.73 0.04
N ARG A 41 -1.92 12.51 0.75
CA ARG A 41 -0.60 12.05 1.15
C ARG A 41 -0.70 11.03 2.27
N LEU A 42 -0.58 9.76 1.92
CA LEU A 42 -0.65 8.68 2.91
C LEU A 42 0.69 8.50 3.62
N PHE A 43 0.68 7.74 4.70
CA PHE A 43 1.89 7.48 5.48
C PHE A 43 2.19 5.99 5.53
N PHE A 44 3.19 5.57 4.75
CA PHE A 44 3.58 4.17 4.71
C PHE A 44 4.87 3.94 5.51
N HIS A 45 4.89 2.86 6.28
CA HIS A 45 6.06 2.53 7.11
C HIS A 45 7.05 1.68 6.31
N CYS A 46 8.33 1.98 6.48
CA CYS A 46 9.39 1.25 5.78
C CYS A 46 9.24 -0.26 6.00
N SER A 47 8.44 -0.63 7.00
CA SER A 47 8.22 -2.04 7.31
C SER A 47 7.21 -2.66 6.34
N GLN A 48 6.25 -1.85 5.89
CA GLN A 48 5.23 -2.32 4.96
C GLN A 48 5.86 -2.80 3.66
N TYR A 49 6.68 -1.96 3.05
CA TYR A 49 7.34 -2.30 1.80
C TYR A 49 8.03 -3.66 1.91
N ASN A 50 7.69 -4.56 0.99
CA ASN A 50 8.28 -5.89 0.98
C ASN A 50 9.68 -5.87 0.37
N GLY A 51 9.85 -5.06 -0.68
CA GLY A 51 11.13 -4.96 -1.34
C GLY A 51 12.21 -4.37 -0.44
N ASN A 52 13.03 -3.50 -1.00
CA ASN A 52 14.10 -2.86 -0.24
C ASN A 52 14.05 -1.35 -0.39
N LEU A 53 13.73 -0.66 0.70
CA LEU A 53 13.65 0.80 0.69
C LEU A 53 14.70 1.39 -0.26
N GLN A 54 15.91 0.85 -0.20
CA GLN A 54 17.00 1.33 -1.04
C GLN A 54 16.52 1.54 -2.47
N ASP A 55 15.85 0.53 -3.02
CA ASP A 55 15.34 0.61 -4.39
C ASP A 55 14.23 1.65 -4.49
N LEU A 56 13.41 1.75 -3.46
CA LEU A 56 12.31 2.71 -3.44
C LEU A 56 12.85 4.14 -3.36
N LYS A 57 12.10 5.08 -3.95
CA LYS A 57 12.49 6.47 -3.94
C LYS A 57 11.27 7.38 -4.13
N VAL A 58 11.44 8.67 -3.83
CA VAL A 58 10.36 9.64 -3.97
C VAL A 58 10.13 9.98 -5.44
N GLY A 59 8.91 9.69 -5.92
CA GLY A 59 8.58 9.99 -7.30
C GLY A 59 8.43 8.73 -8.14
N ASP A 60 8.21 7.61 -7.47
CA ASP A 60 8.04 6.33 -8.16
C ASP A 60 6.69 5.70 -7.83
N ASP A 61 6.05 5.12 -8.84
CA ASP A 61 4.75 4.48 -8.64
C ASP A 61 4.88 3.24 -7.77
N VAL A 62 3.93 3.06 -6.86
CA VAL A 62 3.93 1.92 -5.96
C VAL A 62 2.52 1.54 -5.53
N GLU A 63 2.26 0.23 -5.42
CA GLU A 63 0.95 -0.25 -5.03
C GLU A 63 0.93 -0.62 -3.55
N PHE A 64 -0.10 -0.15 -2.84
CA PHE A 64 -0.23 -0.42 -1.42
C PHE A 64 -1.69 -0.65 -1.05
N GLU A 65 -1.93 -0.98 0.22
CA GLU A 65 -3.29 -1.22 0.70
C GLU A 65 -3.64 -0.29 1.86
N VAL A 66 -4.77 0.39 1.72
CA VAL A 66 -5.22 1.32 2.75
C VAL A 66 -5.90 0.58 3.90
N SER A 67 -5.29 0.66 5.08
CA SER A 67 -5.83 -0.01 6.26
C SER A 67 -5.97 0.97 7.43
N SER A 68 -6.48 0.49 8.56
CA SER A 68 -6.66 1.32 9.73
C SER A 68 -5.72 0.89 10.86
N ASP A 69 -5.11 1.87 11.50
CA ASP A 69 -4.18 1.59 12.60
C ASP A 69 -4.92 1.10 13.84
N ARG A 70 -4.17 0.60 14.82
CA ARG A 70 -4.77 0.09 16.05
C ARG A 70 -4.67 1.13 17.16
N ARG A 71 -4.14 2.30 16.83
CA ARG A 71 -4.00 3.38 17.80
C ARG A 71 -4.82 4.59 17.40
N THR A 72 -4.67 5.02 16.15
CA THR A 72 -5.40 6.16 15.64
C THR A 72 -6.45 5.75 14.62
N GLY A 73 -6.36 4.49 14.17
CA GLY A 73 -7.31 3.99 13.19
C GLY A 73 -7.27 4.77 11.88
N LYS A 74 -6.26 5.62 11.74
CA LYS A 74 -6.11 6.43 10.54
C LYS A 74 -5.76 5.55 9.33
N PRO A 75 -6.15 6.01 8.14
CA PRO A 75 -5.89 5.29 6.89
C PRO A 75 -4.41 5.29 6.51
N ILE A 76 -3.73 4.19 6.81
CA ILE A 76 -2.31 4.06 6.50
C ILE A 76 -2.07 3.01 5.43
N ALA A 77 -0.86 3.01 4.85
CA ALA A 77 -0.51 2.07 3.81
C ALA A 77 0.14 0.83 4.40
N VAL A 78 -0.06 -0.31 3.74
CA VAL A 78 0.52 -1.57 4.20
C VAL A 78 0.80 -2.51 3.03
N LYS A 79 1.71 -3.46 3.24
CA LYS A 79 2.07 -4.41 2.20
C LYS A 79 2.41 -3.69 0.90
N LEU A 80 3.23 -2.66 1.00
CA LEU A 80 3.64 -1.89 -0.18
C LEU A 80 4.35 -2.78 -1.19
N VAL A 81 4.28 -2.41 -2.46
CA VAL A 81 4.92 -3.17 -3.52
C VAL A 81 5.08 -2.34 -4.78
N LYS A 82 6.32 -2.17 -5.23
CA LYS A 82 6.62 -1.39 -6.43
C LYS A 82 5.92 -1.99 -7.64
N ILE A 83 5.19 -1.16 -8.37
CA ILE A 83 4.48 -1.61 -9.57
C ILE A 83 5.45 -2.03 -10.66
N SER A 84 6.39 -1.13 -10.99
CA SER A 84 7.38 -1.42 -12.02
C SER A 84 8.74 -0.83 -11.64
N GLY A 85 9.70 -1.72 -11.38
CA GLY A 85 11.03 -1.27 -11.00
C GLY A 85 12.03 -2.41 -11.00
N PRO A 86 13.10 -2.26 -11.79
CA PRO A 86 14.16 -3.28 -11.89
C PRO A 86 15.00 -3.37 -10.62
N SER A 87 15.67 -4.50 -10.43
CA SER A 87 16.51 -4.71 -9.27
C SER A 87 17.77 -3.87 -9.34
N SER A 88 18.45 -3.93 -10.48
CA SER A 88 19.68 -3.17 -10.68
C SER A 88 19.61 -2.34 -11.95
N GLY A 89 20.49 -1.35 -12.05
CA GLY A 89 20.51 -0.50 -13.22
C GLY A 89 20.65 0.97 -12.88
N GLY A 1 13.38 -19.73 -2.43
CA GLY A 1 12.10 -19.97 -1.80
C GLY A 1 10.94 -19.82 -2.76
N SER A 2 9.88 -20.58 -2.53
CA SER A 2 8.70 -20.54 -3.39
C SER A 2 8.38 -19.10 -3.80
N SER A 3 7.80 -18.95 -4.98
CA SER A 3 7.45 -17.62 -5.49
C SER A 3 5.94 -17.42 -5.48
N GLY A 4 5.19 -18.52 -5.37
CA GLY A 4 3.75 -18.43 -5.35
C GLY A 4 3.10 -19.25 -6.46
N SER A 5 2.35 -20.27 -6.07
CA SER A 5 1.68 -21.13 -7.04
C SER A 5 0.58 -20.37 -7.77
N SER A 6 0.97 -19.61 -8.79
CA SER A 6 0.01 -18.83 -9.57
C SER A 6 -1.15 -19.70 -10.03
N GLY A 7 -2.31 -19.08 -10.20
CA GLY A 7 -3.49 -19.80 -10.64
C GLY A 7 -4.77 -19.18 -10.13
N GLY A 8 -5.47 -18.47 -11.01
CA GLY A 8 -6.72 -17.83 -10.63
C GLY A 8 -6.56 -16.33 -10.42
N TYR A 9 -5.49 -15.95 -9.74
CA TYR A 9 -5.23 -14.54 -9.46
C TYR A 9 -5.12 -13.74 -10.76
N PRO A 10 -5.28 -12.41 -10.67
CA PRO A 10 -5.55 -11.75 -9.38
C PRO A 10 -6.95 -12.06 -8.85
N ASN A 11 -7.04 -12.28 -7.55
CA ASN A 11 -8.31 -12.59 -6.91
C ASN A 11 -8.49 -11.79 -5.62
N GLY A 12 -9.48 -10.90 -5.61
CA GLY A 12 -9.74 -10.09 -4.44
C GLY A 12 -10.51 -10.84 -3.37
N THR A 13 -10.05 -12.05 -3.05
CA THR A 13 -10.71 -12.87 -2.04
C THR A 13 -11.30 -12.00 -0.92
N SER A 14 -10.44 -11.21 -0.30
CA SER A 14 -10.87 -10.33 0.79
C SER A 14 -11.50 -9.06 0.26
N ALA A 15 -12.28 -8.39 1.09
CA ALA A 15 -12.94 -7.15 0.70
C ALA A 15 -11.93 -6.03 0.49
N ALA A 16 -10.68 -6.29 0.87
CA ALA A 16 -9.62 -5.31 0.71
C ALA A 16 -9.47 -4.86 -0.74
N LEU A 17 -8.65 -3.84 -0.96
CA LEU A 17 -8.43 -3.33 -2.31
C LEU A 17 -7.08 -2.61 -2.40
N ARG A 18 -6.20 -3.12 -3.24
CA ARG A 18 -4.88 -2.53 -3.43
C ARG A 18 -4.98 -1.22 -4.19
N GLU A 19 -4.52 -0.13 -3.57
CA GLU A 19 -4.56 1.18 -4.19
C GLU A 19 -3.17 1.58 -4.70
N THR A 20 -3.14 2.45 -5.70
CA THR A 20 -1.89 2.91 -6.29
C THR A 20 -1.75 4.42 -6.17
N GLY A 21 -0.54 4.89 -5.91
CA GLY A 21 -0.29 6.31 -5.79
C GLY A 21 1.12 6.70 -6.19
N VAL A 22 1.74 7.55 -5.39
CA VAL A 22 3.11 8.01 -5.66
C VAL A 22 3.83 8.37 -4.38
N ILE A 23 5.14 8.12 -4.35
CA ILE A 23 5.96 8.42 -3.18
C ILE A 23 6.30 9.91 -3.12
N GLU A 24 5.51 10.66 -2.36
CA GLU A 24 5.73 12.09 -2.20
C GLU A 24 6.98 12.36 -1.38
N LYS A 25 7.10 11.65 -0.25
CA LYS A 25 8.24 11.83 0.64
C LYS A 25 8.77 10.47 1.11
N LEU A 26 10.05 10.43 1.45
CA LEU A 26 10.67 9.20 1.92
C LEU A 26 11.74 9.49 2.97
N LEU A 27 11.74 8.70 4.04
CA LEU A 27 12.71 8.88 5.11
C LEU A 27 13.43 7.56 5.42
N THR A 28 14.27 7.57 6.45
CA THR A 28 15.01 6.39 6.85
C THR A 28 14.15 5.44 7.67
N SER A 29 13.15 6.00 8.33
CA SER A 29 12.25 5.21 9.17
C SER A 29 10.99 4.83 8.40
N TYR A 30 10.50 5.76 7.58
CA TYR A 30 9.30 5.53 6.79
C TYR A 30 9.19 6.56 5.66
N GLY A 31 8.09 6.49 4.92
CA GLY A 31 7.88 7.40 3.82
C GLY A 31 6.40 7.68 3.57
N PHE A 32 6.13 8.76 2.84
CA PHE A 32 4.75 9.14 2.53
C PHE A 32 4.41 8.83 1.07
N ILE A 33 3.15 8.54 0.81
CA ILE A 33 2.70 8.23 -0.54
C ILE A 33 1.47 9.06 -0.92
N GLN A 34 1.65 9.95 -1.88
CA GLN A 34 0.55 10.81 -2.33
C GLN A 34 -0.40 10.04 -3.25
N CYS A 35 -1.53 9.62 -2.70
CA CYS A 35 -2.52 8.88 -3.45
C CYS A 35 -2.91 9.62 -4.72
N SER A 36 -3.22 8.88 -5.78
CA SER A 36 -3.61 9.47 -7.06
C SER A 36 -5.09 9.22 -7.34
N GLU A 37 -5.74 8.45 -6.48
CA GLU A 37 -7.15 8.14 -6.64
C GLU A 37 -8.01 8.94 -5.67
N ARG A 38 -7.54 9.06 -4.44
CA ARG A 38 -8.26 9.80 -3.41
C ARG A 38 -7.67 11.20 -3.23
N GLN A 39 -6.50 11.42 -3.83
CA GLN A 39 -5.82 12.72 -3.74
C GLN A 39 -5.52 13.05 -2.28
N ALA A 40 -4.93 12.11 -1.57
CA ALA A 40 -4.57 12.31 -0.17
C ALA A 40 -3.18 11.75 0.14
N ARG A 41 -2.39 12.52 0.88
CA ARG A 41 -1.05 12.11 1.24
C ARG A 41 -1.08 11.02 2.31
N LEU A 42 -0.82 9.78 1.91
CA LEU A 42 -0.82 8.65 2.83
C LEU A 42 0.55 8.49 3.49
N PHE A 43 0.58 7.78 4.60
CA PHE A 43 1.81 7.55 5.34
C PHE A 43 2.14 6.06 5.40
N PHE A 44 3.14 5.64 4.62
CA PHE A 44 3.55 4.25 4.59
C PHE A 44 4.82 4.03 5.41
N HIS A 45 4.87 2.91 6.13
CA HIS A 45 6.02 2.58 6.95
C HIS A 45 7.01 1.69 6.20
N CYS A 46 8.30 1.96 6.37
CA CYS A 46 9.34 1.19 5.71
C CYS A 46 9.14 -0.30 5.93
N SER A 47 8.39 -0.65 6.97
CA SER A 47 8.12 -2.04 7.30
C SER A 47 7.10 -2.63 6.34
N GLN A 48 6.17 -1.80 5.89
CA GLN A 48 5.12 -2.24 4.97
C GLN A 48 5.73 -2.75 3.67
N TYR A 49 6.56 -1.93 3.05
CA TYR A 49 7.20 -2.31 1.79
C TYR A 49 7.90 -3.65 1.91
N ASN A 50 7.47 -4.60 1.09
CA ASN A 50 8.04 -5.94 1.09
C ASN A 50 9.43 -5.95 0.45
N GLY A 51 9.59 -5.16 -0.61
CA GLY A 51 10.87 -5.09 -1.29
C GLY A 51 11.96 -4.52 -0.41
N ASN A 52 12.84 -3.71 -1.01
CA ASN A 52 13.95 -3.10 -0.27
C ASN A 52 13.94 -1.59 -0.44
N LEU A 53 13.67 -0.88 0.66
CA LEU A 53 13.63 0.58 0.64
C LEU A 53 14.68 1.13 -0.31
N GLN A 54 15.86 0.50 -0.32
CA GLN A 54 16.95 0.94 -1.19
C GLN A 54 16.46 1.17 -2.61
N ASP A 55 15.72 0.20 -3.14
CA ASP A 55 15.18 0.29 -4.49
C ASP A 55 14.10 1.37 -4.58
N LEU A 56 13.32 1.49 -3.50
CA LEU A 56 12.25 2.47 -3.45
C LEU A 56 12.81 3.89 -3.38
N LYS A 57 12.04 4.86 -3.87
CA LYS A 57 12.45 6.25 -3.85
C LYS A 57 11.24 7.18 -3.94
N VAL A 58 11.50 8.49 -3.87
CA VAL A 58 10.43 9.47 -3.95
C VAL A 58 10.15 9.87 -5.40
N GLY A 59 8.90 9.70 -5.82
CA GLY A 59 8.51 10.03 -7.17
C GLY A 59 8.35 8.82 -8.05
N ASP A 60 8.13 7.66 -7.42
CA ASP A 60 7.95 6.41 -8.16
C ASP A 60 6.60 5.77 -7.83
N ASP A 61 6.01 5.13 -8.82
CA ASP A 61 4.72 4.48 -8.65
C ASP A 61 4.85 3.23 -7.77
N VAL A 62 3.90 3.06 -6.85
CA VAL A 62 3.92 1.91 -5.95
C VAL A 62 2.50 1.54 -5.53
N GLU A 63 2.24 0.23 -5.41
CA GLU A 63 0.93 -0.25 -5.02
C GLU A 63 0.92 -0.64 -3.54
N PHE A 64 -0.11 -0.20 -2.83
CA PHE A 64 -0.24 -0.49 -1.40
C PHE A 64 -1.70 -0.76 -1.03
N GLU A 65 -1.94 -1.10 0.23
CA GLU A 65 -3.28 -1.40 0.70
C GLU A 65 -3.64 -0.49 1.88
N VAL A 66 -4.69 0.30 1.70
CA VAL A 66 -5.15 1.21 2.76
C VAL A 66 -5.80 0.44 3.90
N SER A 67 -5.24 0.58 5.10
CA SER A 67 -5.77 -0.10 6.27
C SER A 67 -6.09 0.90 7.37
N SER A 68 -6.65 0.40 8.47
CA SER A 68 -7.01 1.26 9.61
C SER A 68 -6.19 0.89 10.83
N ASP A 69 -5.26 1.77 11.20
CA ASP A 69 -4.41 1.55 12.36
C ASP A 69 -5.23 1.11 13.57
N ARG A 70 -4.56 0.76 14.65
CA ARG A 70 -5.22 0.31 15.87
C ARG A 70 -5.04 1.34 16.98
N ARG A 71 -4.13 2.28 16.78
CA ARG A 71 -3.86 3.30 17.77
C ARG A 71 -4.60 4.59 17.43
N THR A 72 -4.50 5.00 16.17
CA THR A 72 -5.15 6.22 15.71
C THR A 72 -6.32 5.91 14.78
N GLY A 73 -6.37 4.68 14.29
CA GLY A 73 -7.44 4.26 13.40
C GLY A 73 -7.44 5.04 12.09
N LYS A 74 -6.33 5.71 11.81
CA LYS A 74 -6.20 6.50 10.58
C LYS A 74 -5.82 5.61 9.40
N PRO A 75 -6.22 6.02 8.19
CA PRO A 75 -5.93 5.28 6.96
C PRO A 75 -4.45 5.32 6.60
N ILE A 76 -3.78 4.19 6.77
CA ILE A 76 -2.35 4.08 6.47
C ILE A 76 -2.10 3.03 5.40
N ALA A 77 -0.89 3.05 4.83
CA ALA A 77 -0.52 2.08 3.80
C ALA A 77 0.11 0.83 4.41
N VAL A 78 -0.06 -0.30 3.74
CA VAL A 78 0.49 -1.57 4.22
C VAL A 78 0.80 -2.51 3.07
N LYS A 79 1.74 -3.42 3.28
CA LYS A 79 2.12 -4.38 2.25
C LYS A 79 2.44 -3.68 0.94
N LEU A 80 3.23 -2.62 1.02
CA LEU A 80 3.62 -1.85 -0.16
C LEU A 80 4.34 -2.74 -1.17
N VAL A 81 4.24 -2.38 -2.45
CA VAL A 81 4.88 -3.15 -3.50
C VAL A 81 5.11 -2.28 -4.74
N LYS A 82 6.37 -2.20 -5.17
CA LYS A 82 6.73 -1.42 -6.35
C LYS A 82 6.07 -1.97 -7.60
N ILE A 83 5.34 -1.12 -8.31
CA ILE A 83 4.66 -1.52 -9.54
C ILE A 83 5.66 -1.90 -10.62
N SER A 84 6.62 -1.01 -10.88
CA SER A 84 7.64 -1.25 -11.90
C SER A 84 8.94 -1.74 -11.25
N GLY A 85 9.28 -3.00 -11.50
CA GLY A 85 10.50 -3.55 -10.94
C GLY A 85 10.90 -4.86 -11.62
N PRO A 86 11.47 -4.75 -12.83
CA PRO A 86 11.90 -5.92 -13.60
C PRO A 86 13.12 -6.60 -12.98
N SER A 87 13.54 -7.70 -13.59
CA SER A 87 14.69 -8.45 -13.09
C SER A 87 15.86 -8.34 -14.06
N SER A 88 17.08 -8.51 -13.54
CA SER A 88 18.28 -8.42 -14.36
C SER A 88 18.69 -9.81 -14.86
N GLY A 89 19.20 -9.85 -16.09
CA GLY A 89 19.64 -11.11 -16.67
C GLY A 89 19.81 -11.02 -18.17
N GLY A 1 14.33 -11.92 -2.82
CA GLY A 1 13.27 -10.95 -3.02
C GLY A 1 12.17 -11.48 -3.92
N SER A 2 11.20 -12.16 -3.33
CA SER A 2 10.09 -12.73 -4.09
C SER A 2 8.78 -12.61 -3.32
N SER A 3 7.68 -12.92 -3.98
CA SER A 3 6.36 -12.84 -3.35
C SER A 3 6.22 -13.88 -2.24
N GLY A 4 6.58 -15.12 -2.54
CA GLY A 4 6.49 -16.18 -1.55
C GLY A 4 5.08 -16.68 -1.37
N SER A 5 4.49 -17.19 -2.46
CA SER A 5 3.12 -17.70 -2.41
C SER A 5 2.20 -16.71 -1.70
N SER A 6 2.32 -15.44 -2.05
CA SER A 6 1.50 -14.40 -1.45
C SER A 6 0.61 -13.73 -2.50
N GLY A 7 0.03 -14.54 -3.37
CA GLY A 7 -0.83 -14.02 -4.42
C GLY A 7 -2.24 -13.75 -3.92
N GLY A 8 -3.00 -12.99 -4.69
CA GLY A 8 -4.36 -12.66 -4.31
C GLY A 8 -5.38 -13.55 -4.99
N TYR A 9 -6.01 -14.43 -4.21
CA TYR A 9 -7.01 -15.34 -4.75
C TYR A 9 -8.08 -15.66 -3.70
N PRO A 10 -9.26 -16.09 -4.17
CA PRO A 10 -9.53 -16.24 -5.60
C PRO A 10 -9.62 -14.90 -6.32
N ASN A 11 -9.71 -14.96 -7.64
CA ASN A 11 -9.80 -13.75 -8.46
C ASN A 11 -11.24 -13.28 -8.58
N GLY A 12 -11.50 -12.04 -8.17
CA GLY A 12 -12.84 -11.49 -8.24
C GLY A 12 -13.07 -10.40 -7.21
N THR A 13 -14.34 -10.20 -6.84
CA THR A 13 -14.69 -9.18 -5.87
C THR A 13 -14.17 -9.54 -4.48
N SER A 14 -13.39 -8.64 -3.89
CA SER A 14 -12.83 -8.87 -2.57
C SER A 14 -13.02 -7.63 -1.68
N ALA A 15 -13.14 -7.87 -0.38
CA ALA A 15 -13.32 -6.78 0.58
C ALA A 15 -12.10 -5.87 0.61
N ALA A 16 -11.04 -6.29 -0.06
CA ALA A 16 -9.80 -5.51 -0.10
C ALA A 16 -9.63 -4.84 -1.47
N LEU A 17 -8.70 -3.90 -1.54
CA LEU A 17 -8.44 -3.17 -2.79
C LEU A 17 -7.10 -2.43 -2.71
N ARG A 18 -6.13 -2.90 -3.47
CA ARG A 18 -4.81 -2.28 -3.49
C ARG A 18 -4.84 -0.97 -4.27
N GLU A 19 -4.47 0.12 -3.61
CA GLU A 19 -4.46 1.43 -4.25
C GLU A 19 -3.06 1.77 -4.77
N THR A 20 -3.01 2.63 -5.78
CA THR A 20 -1.74 3.04 -6.37
C THR A 20 -1.60 4.55 -6.39
N GLY A 21 -0.39 5.04 -6.11
CA GLY A 21 -0.14 6.46 -6.10
C GLY A 21 1.29 6.81 -6.46
N VAL A 22 1.92 7.64 -5.63
CA VAL A 22 3.30 8.06 -5.86
C VAL A 22 3.99 8.43 -4.56
N ILE A 23 5.27 8.10 -4.45
CA ILE A 23 6.04 8.40 -3.26
C ILE A 23 6.24 9.90 -3.10
N GLU A 24 5.38 10.55 -2.33
CA GLU A 24 5.47 11.98 -2.10
C GLU A 24 6.71 12.33 -1.28
N LYS A 25 6.90 11.61 -0.18
CA LYS A 25 8.05 11.83 0.69
C LYS A 25 8.60 10.51 1.20
N LEU A 26 9.90 10.50 1.53
CA LEU A 26 10.55 9.30 2.04
C LEU A 26 11.58 9.65 3.11
N LEU A 27 11.62 8.86 4.17
CA LEU A 27 12.56 9.08 5.26
C LEU A 27 13.37 7.82 5.56
N THR A 28 14.18 7.88 6.60
CA THR A 28 15.02 6.75 6.98
C THR A 28 14.22 5.73 7.78
N SER A 29 13.07 6.15 8.29
CA SER A 29 12.21 5.27 9.08
C SER A 29 10.98 4.85 8.28
N TYR A 30 10.43 5.79 7.52
CA TYR A 30 9.24 5.53 6.70
C TYR A 30 9.08 6.60 5.62
N GLY A 31 8.01 6.46 4.83
CA GLY A 31 7.76 7.42 3.77
C GLY A 31 6.27 7.60 3.52
N PHE A 32 5.92 8.71 2.86
CA PHE A 32 4.53 9.01 2.55
C PHE A 32 4.24 8.79 1.07
N ILE A 33 3.03 8.35 0.75
CA ILE A 33 2.64 8.12 -0.63
C ILE A 33 1.39 8.92 -0.99
N GLN A 34 1.53 9.79 -1.98
CA GLN A 34 0.41 10.63 -2.42
C GLN A 34 -0.53 9.84 -3.33
N CYS A 35 -1.67 9.44 -2.79
CA CYS A 35 -2.65 8.67 -3.56
C CYS A 35 -3.13 9.47 -4.76
N SER A 36 -2.84 8.95 -5.95
CA SER A 36 -3.25 9.62 -7.19
C SER A 36 -4.70 9.32 -7.52
N GLU A 37 -5.39 8.64 -6.60
CA GLU A 37 -6.79 8.29 -6.79
C GLU A 37 -7.68 9.11 -5.86
N ARG A 38 -7.28 9.21 -4.61
CA ARG A 38 -8.05 9.96 -3.62
C ARG A 38 -7.47 11.37 -3.43
N GLN A 39 -6.29 11.59 -4.00
CA GLN A 39 -5.62 12.88 -3.89
C GLN A 39 -5.28 13.20 -2.43
N ALA A 40 -4.73 12.22 -1.73
CA ALA A 40 -4.36 12.41 -0.33
C ALA A 40 -2.98 11.82 -0.05
N ARG A 41 -2.23 12.48 0.82
CA ARG A 41 -0.89 12.02 1.17
C ARG A 41 -0.94 10.98 2.28
N LEU A 42 -0.74 9.72 1.91
CA LEU A 42 -0.77 8.63 2.88
C LEU A 42 0.58 8.49 3.58
N PHE A 43 0.63 7.63 4.59
CA PHE A 43 1.86 7.40 5.35
C PHE A 43 2.19 5.91 5.40
N PHE A 44 3.20 5.51 4.63
CA PHE A 44 3.61 4.10 4.60
C PHE A 44 4.86 3.89 5.44
N HIS A 45 4.90 2.76 6.16
CA HIS A 45 6.03 2.43 7.01
C HIS A 45 7.03 1.55 6.26
N CYS A 46 8.32 1.79 6.47
CA CYS A 46 9.36 1.02 5.82
C CYS A 46 9.15 -0.48 6.03
N SER A 47 8.34 -0.82 7.04
CA SER A 47 8.05 -2.21 7.35
C SER A 47 7.02 -2.78 6.37
N GLN A 48 6.12 -1.92 5.90
CA GLN A 48 5.08 -2.33 4.97
C GLN A 48 5.70 -2.84 3.67
N TYR A 49 6.59 -2.03 3.09
CA TYR A 49 7.24 -2.39 1.84
C TYR A 49 7.92 -3.75 1.95
N ASN A 50 7.61 -4.64 1.01
CA ASN A 50 8.19 -5.98 0.99
C ASN A 50 9.62 -5.95 0.46
N GLY A 51 9.86 -5.08 -0.51
CA GLY A 51 11.19 -4.98 -1.10
C GLY A 51 12.17 -4.29 -0.18
N ASN A 52 13.06 -3.48 -0.76
CA ASN A 52 14.05 -2.76 0.03
C ASN A 52 13.94 -1.25 -0.19
N LEU A 53 13.66 -0.52 0.88
CA LEU A 53 13.52 0.92 0.80
C LEU A 53 14.64 1.54 -0.04
N GLN A 54 15.82 0.92 0.02
CA GLN A 54 16.96 1.41 -0.74
C GLN A 54 16.61 1.57 -2.22
N ASP A 55 15.87 0.61 -2.75
CA ASP A 55 15.47 0.64 -4.15
C ASP A 55 14.39 1.70 -4.38
N LEU A 56 13.51 1.85 -3.39
CA LEU A 56 12.42 2.82 -3.48
C LEU A 56 12.97 4.24 -3.51
N LYS A 57 12.12 5.18 -3.93
CA LYS A 57 12.52 6.58 -3.99
C LYS A 57 11.30 7.48 -4.19
N VAL A 58 11.46 8.77 -3.90
CA VAL A 58 10.38 9.74 -4.06
C VAL A 58 10.17 10.10 -5.53
N GLY A 59 8.98 9.80 -6.03
CA GLY A 59 8.67 10.10 -7.42
C GLY A 59 8.45 8.85 -8.25
N ASP A 60 8.23 7.72 -7.58
CA ASP A 60 8.00 6.46 -8.26
C ASP A 60 6.66 5.85 -7.86
N ASP A 61 6.04 5.14 -8.79
CA ASP A 61 4.74 4.52 -8.54
C ASP A 61 4.90 3.28 -7.66
N VAL A 62 3.93 3.06 -6.77
CA VAL A 62 3.96 1.92 -5.87
C VAL A 62 2.55 1.52 -5.45
N GLU A 63 2.33 0.22 -5.31
CA GLU A 63 1.02 -0.29 -4.91
C GLU A 63 1.00 -0.60 -3.41
N PHE A 64 -0.10 -0.22 -2.76
CA PHE A 64 -0.24 -0.46 -1.32
C PHE A 64 -1.70 -0.71 -0.96
N GLU A 65 -1.95 -1.00 0.31
CA GLU A 65 -3.30 -1.26 0.79
C GLU A 65 -3.67 -0.30 1.92
N VAL A 66 -4.82 0.34 1.80
CA VAL A 66 -5.29 1.29 2.82
C VAL A 66 -5.94 0.55 3.98
N SER A 67 -5.34 0.69 5.16
CA SER A 67 -5.85 0.04 6.36
C SER A 67 -5.95 1.02 7.51
N SER A 68 -6.48 0.56 8.65
CA SER A 68 -6.62 1.40 9.83
C SER A 68 -5.64 0.97 10.92
N ASP A 69 -4.97 1.95 11.51
CA ASP A 69 -4.01 1.68 12.58
C ASP A 69 -4.70 1.15 13.83
N ARG A 70 -3.91 0.67 14.78
CA ARG A 70 -4.46 0.13 16.02
C ARG A 70 -4.30 1.14 17.16
N ARG A 71 -3.71 2.29 16.85
CA ARG A 71 -3.49 3.33 17.84
C ARG A 71 -4.26 4.61 17.47
N THR A 72 -4.25 4.94 16.19
CA THR A 72 -4.94 6.13 15.71
C THR A 72 -6.06 5.76 14.73
N GLY A 73 -6.09 4.50 14.33
CA GLY A 73 -7.12 4.04 13.41
C GLY A 73 -7.16 4.86 12.14
N LYS A 74 -6.06 5.56 11.85
CA LYS A 74 -5.97 6.39 10.66
C LYS A 74 -5.68 5.53 9.43
N PRO A 75 -6.10 6.03 8.26
CA PRO A 75 -5.89 5.33 6.98
C PRO A 75 -4.43 5.32 6.56
N ILE A 76 -3.73 4.23 6.88
CA ILE A 76 -2.32 4.10 6.53
C ILE A 76 -2.12 3.04 5.45
N ALA A 77 -0.91 2.99 4.89
CA ALA A 77 -0.59 2.02 3.85
C ALA A 77 0.06 0.78 4.44
N VAL A 78 -0.10 -0.35 3.75
CA VAL A 78 0.47 -1.61 4.21
C VAL A 78 0.74 -2.54 3.04
N LYS A 79 1.64 -3.49 3.24
CA LYS A 79 2.00 -4.45 2.21
C LYS A 79 2.34 -3.74 0.90
N LEU A 80 3.18 -2.72 0.99
CA LEU A 80 3.60 -1.96 -0.18
C LEU A 80 4.30 -2.85 -1.19
N VAL A 81 4.31 -2.42 -2.45
CA VAL A 81 4.95 -3.19 -3.51
C VAL A 81 5.15 -2.33 -4.76
N LYS A 82 6.40 -2.20 -5.20
CA LYS A 82 6.71 -1.42 -6.39
C LYS A 82 6.03 -2.00 -7.63
N ILE A 83 5.27 -1.17 -8.31
CA ILE A 83 4.56 -1.60 -9.51
C ILE A 83 5.53 -1.99 -10.61
N SER A 84 6.48 -1.10 -10.90
CA SER A 84 7.48 -1.35 -11.93
C SER A 84 8.82 -1.74 -11.31
N GLY A 85 9.19 -3.00 -11.47
CA GLY A 85 10.45 -3.48 -10.92
C GLY A 85 10.65 -4.97 -11.12
N PRO A 86 10.91 -5.36 -12.38
CA PRO A 86 11.13 -6.76 -12.74
C PRO A 86 12.44 -7.30 -12.20
N SER A 87 13.15 -6.48 -11.43
CA SER A 87 14.43 -6.88 -10.85
C SER A 87 15.43 -7.22 -11.95
N SER A 88 15.49 -6.39 -12.98
CA SER A 88 16.41 -6.60 -14.09
C SER A 88 17.68 -5.77 -13.92
N GLY A 89 18.80 -6.34 -14.31
CA GLY A 89 20.07 -5.64 -14.19
C GLY A 89 20.48 -4.97 -15.48
#